data_1RNK
# 
_entry.id   1RNK 
# 
_audit_conform.dict_name       mmcif_pdbx.dic 
_audit_conform.dict_version    5.392 
_audit_conform.dict_location   http://mmcif.pdb.org/dictionaries/ascii/mmcif_pdbx.dic 
# 
loop_
_database_2.database_id 
_database_2.database_code 
_database_2.pdbx_database_accession 
_database_2.pdbx_DOI 
PDB   1RNK         pdb_00001rnk 10.2210/pdb1rnk/pdb 
WWPDB D_1000176138 ?            ?                   
# 
loop_
_pdbx_audit_revision_history.ordinal 
_pdbx_audit_revision_history.data_content_type 
_pdbx_audit_revision_history.major_revision 
_pdbx_audit_revision_history.minor_revision 
_pdbx_audit_revision_history.revision_date 
1 'Structure model' 1 0 1995-02-27 
2 'Structure model' 1 1 2008-03-24 
3 'Structure model' 1 2 2011-07-13 
4 'Structure model' 1 3 2022-03-02 
5 'Structure model' 1 4 2024-05-22 
# 
_pdbx_audit_revision_details.ordinal             1 
_pdbx_audit_revision_details.revision_ordinal    1 
_pdbx_audit_revision_details.data_content_type   'Structure model' 
_pdbx_audit_revision_details.provider            repository 
_pdbx_audit_revision_details.type                'Initial release' 
_pdbx_audit_revision_details.description         ? 
_pdbx_audit_revision_details.details             ? 
# 
loop_
_pdbx_audit_revision_group.ordinal 
_pdbx_audit_revision_group.revision_ordinal 
_pdbx_audit_revision_group.data_content_type 
_pdbx_audit_revision_group.group 
1 2 'Structure model' 'Version format compliance' 
2 3 'Structure model' 'Version format compliance' 
3 4 'Structure model' 'Database references'       
4 4 'Structure model' 'Derived calculations'      
5 4 'Structure model' Other                       
6 5 'Structure model' 'Data collection'           
# 
loop_
_pdbx_audit_revision_category.ordinal 
_pdbx_audit_revision_category.revision_ordinal 
_pdbx_audit_revision_category.data_content_type 
_pdbx_audit_revision_category.category 
1 4 'Structure model' database_2            
2 4 'Structure model' pdbx_database_status  
3 4 'Structure model' pdbx_struct_assembly  
4 4 'Structure model' pdbx_struct_oper_list 
5 5 'Structure model' chem_comp_atom        
6 5 'Structure model' chem_comp_bond        
# 
loop_
_pdbx_audit_revision_item.ordinal 
_pdbx_audit_revision_item.revision_ordinal 
_pdbx_audit_revision_item.data_content_type 
_pdbx_audit_revision_item.item 
1 4 'Structure model' '_database_2.pdbx_DOI'                
2 4 'Structure model' '_database_2.pdbx_database_accession' 
3 4 'Structure model' '_pdbx_database_status.process_site'  
# 
_pdbx_database_status.status_code                     REL 
_pdbx_database_status.entry_id                        1RNK 
_pdbx_database_status.recvd_initial_deposition_date   1995-01-11 
_pdbx_database_status.deposit_site                    ? 
_pdbx_database_status.process_site                    BNL 
_pdbx_database_status.status_code_sf                  ? 
_pdbx_database_status.status_code_mr                  REL 
_pdbx_database_status.SG_entry                        ? 
_pdbx_database_status.pdb_format_compatible           Y 
_pdbx_database_status.status_code_cs                  ? 
_pdbx_database_status.status_code_nmr_data            ? 
_pdbx_database_status.methods_development_category    ? 
# 
loop_
_audit_author.name 
_audit_author.pdbx_ordinal 
'Shen, L.X.'        1 
'Tinoco Junior, I.' 2 
# 
_citation.id                        primary 
_citation.title                     
'The structure of an RNA pseudoknot that causes efficient frameshifting in mouse mammary tumor virus.' 
_citation.journal_abbrev            J.Mol.Biol. 
_citation.journal_volume            247 
_citation.page_first                963 
_citation.page_last                 978 
_citation.year                      1995 
_citation.journal_id_ASTM           JMOBAK 
_citation.country                   UK 
_citation.journal_id_ISSN           0022-2836 
_citation.journal_id_CSD            0070 
_citation.book_publisher            ? 
_citation.pdbx_database_id_PubMed   7723043 
_citation.pdbx_database_id_DOI      10.1006/jmbi.1995.0193 
# 
loop_
_citation_author.citation_id 
_citation_author.name 
_citation_author.ordinal 
_citation_author.identifier_ORCID 
primary 'Shen, L.X.'     1 ? 
primary 'Tinoco Jr., I.' 2 ? 
# 
_entity.id                         1 
_entity.type                       polymer 
_entity.src_method                 syn 
_entity.pdbx_description           'RNA PSEUDOKNOT' 
_entity.formula_weight             10967.613 
_entity.pdbx_number_of_molecules   1 
_entity.pdbx_ec                    ? 
_entity.pdbx_mutation              ? 
_entity.pdbx_fragment              ? 
_entity.details                    ? 
# 
_entity_keywords.entity_id   1 
_entity_keywords.text        'RIBONUCLEIC ACID' 
# 
_entity_poly.entity_id                      1 
_entity_poly.type                           polyribonucleotide 
_entity_poly.nstd_linkage                   no 
_entity_poly.nstd_monomer                   no 
_entity_poly.pdbx_seq_one_letter_code       GGCGCAGUGGGCUAGCGCCACUCAAAAGGCCCAU 
_entity_poly.pdbx_seq_one_letter_code_can   GGCGCAGUGGGCUAGCGCCACUCAAAAGGCCCAU 
_entity_poly.pdbx_strand_id                 A 
_entity_poly.pdbx_target_identifier         ? 
# 
loop_
_entity_poly_seq.entity_id 
_entity_poly_seq.num 
_entity_poly_seq.mon_id 
_entity_poly_seq.hetero 
1 1  G n 
1 2  G n 
1 3  C n 
1 4  G n 
1 5  C n 
1 6  A n 
1 7  G n 
1 8  U n 
1 9  G n 
1 10 G n 
1 11 G n 
1 12 C n 
1 13 U n 
1 14 A n 
1 15 G n 
1 16 C n 
1 17 G n 
1 18 C n 
1 19 C n 
1 20 A n 
1 21 C n 
1 22 U n 
1 23 C n 
1 24 A n 
1 25 A n 
1 26 A n 
1 27 A n 
1 28 G n 
1 29 G n 
1 30 C n 
1 31 C n 
1 32 C n 
1 33 A n 
1 34 U n 
# 
_pdbx_entity_src_syn.entity_id              1 
_pdbx_entity_src_syn.pdbx_src_id            1 
_pdbx_entity_src_syn.pdbx_alt_source_flag   sample 
_pdbx_entity_src_syn.pdbx_beg_seq_num       ? 
_pdbx_entity_src_syn.pdbx_end_seq_num       ? 
_pdbx_entity_src_syn.organism_scientific    ? 
_pdbx_entity_src_syn.organism_common_name   ? 
_pdbx_entity_src_syn.ncbi_taxonomy_id       ? 
_pdbx_entity_src_syn.details                'CHEMICALLY SYNTHESIZED' 
# 
loop_
_chem_comp.id 
_chem_comp.type 
_chem_comp.mon_nstd_flag 
_chem_comp.name 
_chem_comp.pdbx_synonyms 
_chem_comp.formula 
_chem_comp.formula_weight 
A 'RNA linking' y "ADENOSINE-5'-MONOPHOSPHATE" ? 'C10 H14 N5 O7 P' 347.221 
C 'RNA linking' y "CYTIDINE-5'-MONOPHOSPHATE"  ? 'C9 H14 N3 O8 P'  323.197 
G 'RNA linking' y "GUANOSINE-5'-MONOPHOSPHATE" ? 'C10 H14 N5 O8 P' 363.221 
U 'RNA linking' y "URIDINE-5'-MONOPHOSPHATE"   ? 'C9 H13 N2 O9 P'  324.181 
# 
loop_
_pdbx_poly_seq_scheme.asym_id 
_pdbx_poly_seq_scheme.entity_id 
_pdbx_poly_seq_scheme.seq_id 
_pdbx_poly_seq_scheme.mon_id 
_pdbx_poly_seq_scheme.ndb_seq_num 
_pdbx_poly_seq_scheme.pdb_seq_num 
_pdbx_poly_seq_scheme.auth_seq_num 
_pdbx_poly_seq_scheme.pdb_mon_id 
_pdbx_poly_seq_scheme.auth_mon_id 
_pdbx_poly_seq_scheme.pdb_strand_id 
_pdbx_poly_seq_scheme.pdb_ins_code 
_pdbx_poly_seq_scheme.hetero 
A 1 1  G 1  1  1  G G A . n 
A 1 2  G 2  2  2  G G A . n 
A 1 3  C 3  3  3  C C A . n 
A 1 4  G 4  4  4  G G A . n 
A 1 5  C 5  5  5  C C A . n 
A 1 6  A 6  6  6  A A A . n 
A 1 7  G 7  7  7  G G A . n 
A 1 8  U 8  8  8  U U A . n 
A 1 9  G 9  9  9  G G A . n 
A 1 10 G 10 10 10 G G A . n 
A 1 11 G 11 11 11 G G A . n 
A 1 12 C 12 12 12 C C A . n 
A 1 13 U 13 13 13 U U A . n 
A 1 14 A 14 14 14 A A A . n 
A 1 15 G 15 15 15 G G A . n 
A 1 16 C 16 16 16 C C A . n 
A 1 17 G 17 17 17 G G A . n 
A 1 18 C 18 18 18 C C A . n 
A 1 19 C 19 19 19 C C A . n 
A 1 20 A 20 20 20 A A A . n 
A 1 21 C 21 21 21 C C A . n 
A 1 22 U 22 22 22 U U A . n 
A 1 23 C 23 23 23 C C A . n 
A 1 24 A 24 24 24 A A A . n 
A 1 25 A 25 25 25 A A A . n 
A 1 26 A 26 26 26 A A A . n 
A 1 27 A 27 27 27 A A A . n 
A 1 28 G 28 28 28 G G A . n 
A 1 29 G 29 29 29 G G A . n 
A 1 30 C 30 30 30 C C A . n 
A 1 31 C 31 31 31 C C A . n 
A 1 32 C 32 32 32 C C A . n 
A 1 33 A 33 33 33 A A A . n 
A 1 34 U 34 34 34 U U A . n 
# 
loop_
_software.name 
_software.classification 
_software.version 
_software.citation_id 
_software.pdbx_ordinal 
X-PLOR 'model building' . ? 1 
X-PLOR refinement       . ? 2 
X-PLOR phasing          . ? 3 
# 
_cell.entry_id           1RNK 
_cell.length_a           1.000 
_cell.length_b           1.000 
_cell.length_c           1.000 
_cell.angle_alpha        90.00 
_cell.angle_beta         90.00 
_cell.angle_gamma        90.00 
_cell.Z_PDB              1 
_cell.pdbx_unique_axis   ? 
# 
_symmetry.entry_id                         1RNK 
_symmetry.space_group_name_H-M             'P 1' 
_symmetry.pdbx_full_space_group_name_H-M   ? 
_symmetry.cell_setting                     ? 
_symmetry.Int_Tables_number                1 
# 
_exptl.entry_id          1RNK 
_exptl.method            'SOLUTION NMR' 
_exptl.crystals_number   ? 
# 
_struct.entry_id                  1RNK 
_struct.title                     
'THE STRUCTURE OF AN RNA PSEUDOKNOT THAT CAUSES EFFICIENT FRAMESHIFTING IN MOUSE MAMMARY TUMOR VIRUS' 
_struct.pdbx_model_details        ? 
_struct.pdbx_CASP_flag            ? 
_struct.pdbx_model_type_details   ? 
# 
_struct_keywords.entry_id        1RNK 
_struct_keywords.pdbx_keywords   RNA 
_struct_keywords.text            'RNA, MOUSE MAMMARY TUMOR VIRUS, PSEUDOKNOT' 
# 
_struct_asym.id                            A 
_struct_asym.pdbx_blank_PDB_chainid_flag   N 
_struct_asym.pdbx_modified                 N 
_struct_asym.entity_id                     1 
_struct_asym.details                       ? 
# 
_struct_ref.id                         1 
_struct_ref.entity_id                  1 
_struct_ref.db_name                    PDB 
_struct_ref.db_code                    1RNK 
_struct_ref.pdbx_db_accession          1RNK 
_struct_ref.pdbx_db_isoform            ? 
_struct_ref.pdbx_seq_one_letter_code   ? 
_struct_ref.pdbx_align_begin           ? 
# 
_struct_ref_seq.align_id                      1 
_struct_ref_seq.ref_id                        1 
_struct_ref_seq.pdbx_PDB_id_code              1RNK 
_struct_ref_seq.pdbx_strand_id                A 
_struct_ref_seq.seq_align_beg                 1 
_struct_ref_seq.pdbx_seq_align_beg_ins_code   ? 
_struct_ref_seq.seq_align_end                 34 
_struct_ref_seq.pdbx_seq_align_end_ins_code   ? 
_struct_ref_seq.pdbx_db_accession             1RNK 
_struct_ref_seq.db_align_beg                  1 
_struct_ref_seq.pdbx_db_align_beg_ins_code    ? 
_struct_ref_seq.db_align_end                  34 
_struct_ref_seq.pdbx_db_align_end_ins_code    ? 
_struct_ref_seq.pdbx_auth_seq_align_beg       1 
_struct_ref_seq.pdbx_auth_seq_align_end       34 
# 
_pdbx_struct_assembly.id                   1 
_pdbx_struct_assembly.details              author_defined_assembly 
_pdbx_struct_assembly.method_details       ? 
_pdbx_struct_assembly.oligomeric_details   monomeric 
_pdbx_struct_assembly.oligomeric_count     1 
# 
_pdbx_struct_assembly_gen.assembly_id       1 
_pdbx_struct_assembly_gen.oper_expression   1 
_pdbx_struct_assembly_gen.asym_id_list      A 
# 
_pdbx_struct_oper_list.id                   1 
_pdbx_struct_oper_list.type                 'identity operation' 
_pdbx_struct_oper_list.name                 1_555 
_pdbx_struct_oper_list.symmetry_operation   x,y,z 
_pdbx_struct_oper_list.matrix[1][1]         1.0000000000 
_pdbx_struct_oper_list.matrix[1][2]         0.0000000000 
_pdbx_struct_oper_list.matrix[1][3]         0.0000000000 
_pdbx_struct_oper_list.vector[1]            0.0000000000 
_pdbx_struct_oper_list.matrix[2][1]         0.0000000000 
_pdbx_struct_oper_list.matrix[2][2]         1.0000000000 
_pdbx_struct_oper_list.matrix[2][3]         0.0000000000 
_pdbx_struct_oper_list.vector[2]            0.0000000000 
_pdbx_struct_oper_list.matrix[3][1]         0.0000000000 
_pdbx_struct_oper_list.matrix[3][2]         0.0000000000 
_pdbx_struct_oper_list.matrix[3][3]         1.0000000000 
_pdbx_struct_oper_list.vector[3]            0.0000000000 
# 
_struct_biol.id   1 
# 
loop_
_struct_conn.id 
_struct_conn.conn_type_id 
_struct_conn.pdbx_leaving_atom_flag 
_struct_conn.pdbx_PDB_id 
_struct_conn.ptnr1_label_asym_id 
_struct_conn.ptnr1_label_comp_id 
_struct_conn.ptnr1_label_seq_id 
_struct_conn.ptnr1_label_atom_id 
_struct_conn.pdbx_ptnr1_label_alt_id 
_struct_conn.pdbx_ptnr1_PDB_ins_code 
_struct_conn.pdbx_ptnr1_standard_comp_id 
_struct_conn.ptnr1_symmetry 
_struct_conn.ptnr2_label_asym_id 
_struct_conn.ptnr2_label_comp_id 
_struct_conn.ptnr2_label_seq_id 
_struct_conn.ptnr2_label_atom_id 
_struct_conn.pdbx_ptnr2_label_alt_id 
_struct_conn.pdbx_ptnr2_PDB_ins_code 
_struct_conn.ptnr1_auth_asym_id 
_struct_conn.ptnr1_auth_comp_id 
_struct_conn.ptnr1_auth_seq_id 
_struct_conn.ptnr2_auth_asym_id 
_struct_conn.ptnr2_auth_comp_id 
_struct_conn.ptnr2_auth_seq_id 
_struct_conn.ptnr2_symmetry 
_struct_conn.pdbx_ptnr3_label_atom_id 
_struct_conn.pdbx_ptnr3_label_seq_id 
_struct_conn.pdbx_ptnr3_label_comp_id 
_struct_conn.pdbx_ptnr3_label_asym_id 
_struct_conn.pdbx_ptnr3_label_alt_id 
_struct_conn.pdbx_ptnr3_PDB_ins_code 
_struct_conn.details 
_struct_conn.pdbx_dist_value 
_struct_conn.pdbx_value_order 
_struct_conn.pdbx_role 
hydrog1  hydrog ? ? A G 1  N1 ? ? ? 1_555 A C 19 N3 ? ? A G 1  A C 19 1_555 ? ? ? ? ? ? WATSON-CRICK  ? ? ? 
hydrog2  hydrog ? ? A G 1  N2 ? ? ? 1_555 A C 19 O2 ? ? A G 1  A C 19 1_555 ? ? ? ? ? ? WATSON-CRICK  ? ? ? 
hydrog3  hydrog ? ? A G 1  O6 ? ? ? 1_555 A C 19 N4 ? ? A G 1  A C 19 1_555 ? ? ? ? ? ? WATSON-CRICK  ? ? ? 
hydrog4  hydrog ? ? A G 2  N1 ? ? ? 1_555 A C 18 N3 ? ? A G 2  A C 18 1_555 ? ? ? ? ? ? WATSON-CRICK  ? ? ? 
hydrog5  hydrog ? ? A G 2  N2 ? ? ? 1_555 A C 18 O2 ? ? A G 2  A C 18 1_555 ? ? ? ? ? ? WATSON-CRICK  ? ? ? 
hydrog6  hydrog ? ? A G 2  O6 ? ? ? 1_555 A C 18 N4 ? ? A G 2  A C 18 1_555 ? ? ? ? ? ? WATSON-CRICK  ? ? ? 
hydrog7  hydrog ? ? A C 3  N3 ? ? ? 1_555 A G 17 N1 ? ? A C 3  A G 17 1_555 ? ? ? ? ? ? WATSON-CRICK  ? ? ? 
hydrog8  hydrog ? ? A C 3  N4 ? ? ? 1_555 A G 17 O6 ? ? A C 3  A G 17 1_555 ? ? ? ? ? ? WATSON-CRICK  ? ? ? 
hydrog9  hydrog ? ? A C 3  O2 ? ? ? 1_555 A G 17 N2 ? ? A C 3  A G 17 1_555 ? ? ? ? ? ? WATSON-CRICK  ? ? ? 
hydrog10 hydrog ? ? A G 4  N1 ? ? ? 1_555 A C 16 N3 ? ? A G 4  A C 16 1_555 ? ? ? ? ? ? WATSON-CRICK  ? ? ? 
hydrog11 hydrog ? ? A G 4  N2 ? ? ? 1_555 A C 16 O2 ? ? A G 4  A C 16 1_555 ? ? ? ? ? ? WATSON-CRICK  ? ? ? 
hydrog12 hydrog ? ? A G 4  O6 ? ? ? 1_555 A C 16 N4 ? ? A G 4  A C 16 1_555 ? ? ? ? ? ? WATSON-CRICK  ? ? ? 
hydrog13 hydrog ? ? A C 5  N3 ? ? ? 1_555 A G 15 N1 ? ? A C 5  A G 15 1_555 ? ? ? ? ? ? WATSON-CRICK  ? ? ? 
hydrog14 hydrog ? ? A C 5  N4 ? ? ? 1_555 A G 15 O6 ? ? A C 5  A G 15 1_555 ? ? ? ? ? ? WATSON-CRICK  ? ? ? 
hydrog15 hydrog ? ? A C 5  O2 ? ? ? 1_555 A G 15 N2 ? ? A C 5  A G 15 1_555 ? ? ? ? ? ? WATSON-CRICK  ? ? ? 
hydrog16 hydrog ? ? A U 8  N3 ? ? ? 1_555 A A 33 N1 ? ? A U 8  A A 33 1_555 ? ? ? ? ? ? WATSON-CRICK  ? ? ? 
hydrog17 hydrog ? ? A U 8  O4 ? ? ? 1_555 A A 33 N6 ? ? A U 8  A A 33 1_555 ? ? ? ? ? ? WATSON-CRICK  ? ? ? 
hydrog18 hydrog ? ? A U 8  N3 ? ? ? 1_555 A U 34 O2 ? ? A U 8  A U 34 1_555 ? ? ? ? ? ? 'U-U MISPAIR' ? ? ? 
hydrog19 hydrog ? ? A G 9  N1 ? ? ? 1_555 A C 32 N3 ? ? A G 9  A C 32 1_555 ? ? ? ? ? ? WATSON-CRICK  ? ? ? 
hydrog20 hydrog ? ? A G 9  N2 ? ? ? 1_555 A C 32 O2 ? ? A G 9  A C 32 1_555 ? ? ? ? ? ? WATSON-CRICK  ? ? ? 
hydrog21 hydrog ? ? A G 9  O6 ? ? ? 1_555 A C 32 N4 ? ? A G 9  A C 32 1_555 ? ? ? ? ? ? WATSON-CRICK  ? ? ? 
hydrog22 hydrog ? ? A G 10 N1 ? ? ? 1_555 A C 31 N3 ? ? A G 10 A C 31 1_555 ? ? ? ? ? ? WATSON-CRICK  ? ? ? 
hydrog23 hydrog ? ? A G 10 N2 ? ? ? 1_555 A C 31 O2 ? ? A G 10 A C 31 1_555 ? ? ? ? ? ? WATSON-CRICK  ? ? ? 
hydrog24 hydrog ? ? A G 10 O6 ? ? ? 1_555 A C 31 N4 ? ? A G 10 A C 31 1_555 ? ? ? ? ? ? WATSON-CRICK  ? ? ? 
hydrog25 hydrog ? ? A G 11 N1 ? ? ? 1_555 A C 30 N3 ? ? A G 11 A C 30 1_555 ? ? ? ? ? ? WATSON-CRICK  ? ? ? 
hydrog26 hydrog ? ? A G 11 N2 ? ? ? 1_555 A C 30 O2 ? ? A G 11 A C 30 1_555 ? ? ? ? ? ? WATSON-CRICK  ? ? ? 
hydrog27 hydrog ? ? A G 11 O6 ? ? ? 1_555 A C 30 N4 ? ? A G 11 A C 30 1_555 ? ? ? ? ? ? WATSON-CRICK  ? ? ? 
hydrog28 hydrog ? ? A C 12 N3 ? ? ? 1_555 A G 29 N1 ? ? A C 12 A G 29 1_555 ? ? ? ? ? ? WATSON-CRICK  ? ? ? 
hydrog29 hydrog ? ? A C 12 N4 ? ? ? 1_555 A G 29 O6 ? ? A C 12 A G 29 1_555 ? ? ? ? ? ? WATSON-CRICK  ? ? ? 
hydrog30 hydrog ? ? A C 12 O2 ? ? ? 1_555 A G 29 N2 ? ? A C 12 A G 29 1_555 ? ? ? ? ? ? WATSON-CRICK  ? ? ? 
hydrog31 hydrog ? ? A U 13 N3 ? ? ? 1_555 A G 28 O6 ? ? A U 13 A G 28 1_555 ? ? ? ? ? ? TYPE_28_PAIR  ? ? ? 
hydrog32 hydrog ? ? A U 13 O2 ? ? ? 1_555 A G 28 N1 ? ? A U 13 A G 28 1_555 ? ? ? ? ? ? TYPE_28_PAIR  ? ? ? 
hydrog33 hydrog ? ? A C 18 O2 ? ? ? 1_555 A A 25 N6 ? ? A C 18 A A 25 1_555 ? ? ? ? ? ? 'C-A MISPAIR' ? ? ? 
# 
_struct_conn_type.id          hydrog 
_struct_conn_type.criteria    ? 
_struct_conn_type.reference   ? 
# 
loop_
_pdbx_validate_close_contact.id 
_pdbx_validate_close_contact.PDB_model_num 
_pdbx_validate_close_contact.auth_atom_id_1 
_pdbx_validate_close_contact.auth_asym_id_1 
_pdbx_validate_close_contact.auth_comp_id_1 
_pdbx_validate_close_contact.auth_seq_id_1 
_pdbx_validate_close_contact.PDB_ins_code_1 
_pdbx_validate_close_contact.label_alt_id_1 
_pdbx_validate_close_contact.auth_atom_id_2 
_pdbx_validate_close_contact.auth_asym_id_2 
_pdbx_validate_close_contact.auth_comp_id_2 
_pdbx_validate_close_contact.auth_seq_id_2 
_pdbx_validate_close_contact.PDB_ins_code_2 
_pdbx_validate_close_contact.label_alt_id_2 
_pdbx_validate_close_contact.dist 
1 1 "HO2'" A U 22 ? ? "O5'" A C 23 ? ? 1.51 
2 1 H22    A G 4  ? ? N1    A A 27 ? ? 1.58 
3 1 "HO2'" A G 28 ? ? "O4'" A G 29 ? ? 1.58 
# 
_pdbx_nmr_ensemble.entry_id                                      1RNK 
_pdbx_nmr_ensemble.conformers_calculated_total_number            ? 
_pdbx_nmr_ensemble.conformers_submitted_total_number             1 
_pdbx_nmr_ensemble.conformer_selection_criteria                  ? 
_pdbx_nmr_ensemble.average_constraints_per_residue               ? 
_pdbx_nmr_ensemble.average_constraint_violations_per_residue     ? 
_pdbx_nmr_ensemble.maximum_distance_constraint_violation         ? 
_pdbx_nmr_ensemble.average_distance_constraint_violation         ? 
_pdbx_nmr_ensemble.maximum_upper_distance_constraint_violation   ? 
_pdbx_nmr_ensemble.maximum_lower_distance_constraint_violation   ? 
_pdbx_nmr_ensemble.distance_constraint_violation_method          ? 
_pdbx_nmr_ensemble.maximum_torsion_angle_constraint_violation    ? 
_pdbx_nmr_ensemble.average_torsion_angle_constraint_violation    ? 
_pdbx_nmr_ensemble.torsion_angle_constraint_violation_method     ? 
# 
_pdbx_nmr_refine.entry_id           1RNK 
_pdbx_nmr_refine.method             ? 
_pdbx_nmr_refine.details            
;NUMBER OF ATOMS USED IN REFINEMENT. NUMBER OF PROTEIN ATOMS 0 NUMBER OF NUCLEIC ACID ATOMS 726 NUMBER OF HETEROGEN ATOMS 0 NUMBER OF SOLVENT ATOMS 0
;
_pdbx_nmr_refine.software_ordinal   1 
# 
_pdbx_nmr_software.name             X-PLOR 
_pdbx_nmr_software.version          ? 
_pdbx_nmr_software.classification   refinement 
_pdbx_nmr_software.authors          BRUNGER 
_pdbx_nmr_software.ordinal          1 
# 
loop_
_chem_comp_atom.comp_id 
_chem_comp_atom.atom_id 
_chem_comp_atom.type_symbol 
_chem_comp_atom.pdbx_aromatic_flag 
_chem_comp_atom.pdbx_stereo_config 
_chem_comp_atom.pdbx_ordinal 
A OP3    O N N 1   
A P      P N N 2   
A OP1    O N N 3   
A OP2    O N N 4   
A "O5'"  O N N 5   
A "C5'"  C N N 6   
A "C4'"  C N R 7   
A "O4'"  O N N 8   
A "C3'"  C N S 9   
A "O3'"  O N N 10  
A "C2'"  C N R 11  
A "O2'"  O N N 12  
A "C1'"  C N R 13  
A N9     N Y N 14  
A C8     C Y N 15  
A N7     N Y N 16  
A C5     C Y N 17  
A C6     C Y N 18  
A N6     N N N 19  
A N1     N Y N 20  
A C2     C Y N 21  
A N3     N Y N 22  
A C4     C Y N 23  
A HOP3   H N N 24  
A HOP2   H N N 25  
A "H5'"  H N N 26  
A "H5''" H N N 27  
A "H4'"  H N N 28  
A "H3'"  H N N 29  
A "HO3'" H N N 30  
A "H2'"  H N N 31  
A "HO2'" H N N 32  
A "H1'"  H N N 33  
A H8     H N N 34  
A H61    H N N 35  
A H62    H N N 36  
A H2     H N N 37  
C OP3    O N N 38  
C P      P N N 39  
C OP1    O N N 40  
C OP2    O N N 41  
C "O5'"  O N N 42  
C "C5'"  C N N 43  
C "C4'"  C N R 44  
C "O4'"  O N N 45  
C "C3'"  C N S 46  
C "O3'"  O N N 47  
C "C2'"  C N R 48  
C "O2'"  O N N 49  
C "C1'"  C N R 50  
C N1     N N N 51  
C C2     C N N 52  
C O2     O N N 53  
C N3     N N N 54  
C C4     C N N 55  
C N4     N N N 56  
C C5     C N N 57  
C C6     C N N 58  
C HOP3   H N N 59  
C HOP2   H N N 60  
C "H5'"  H N N 61  
C "H5''" H N N 62  
C "H4'"  H N N 63  
C "H3'"  H N N 64  
C "HO3'" H N N 65  
C "H2'"  H N N 66  
C "HO2'" H N N 67  
C "H1'"  H N N 68  
C H41    H N N 69  
C H42    H N N 70  
C H5     H N N 71  
C H6     H N N 72  
G OP3    O N N 73  
G P      P N N 74  
G OP1    O N N 75  
G OP2    O N N 76  
G "O5'"  O N N 77  
G "C5'"  C N N 78  
G "C4'"  C N R 79  
G "O4'"  O N N 80  
G "C3'"  C N S 81  
G "O3'"  O N N 82  
G "C2'"  C N R 83  
G "O2'"  O N N 84  
G "C1'"  C N R 85  
G N9     N Y N 86  
G C8     C Y N 87  
G N7     N Y N 88  
G C5     C Y N 89  
G C6     C N N 90  
G O6     O N N 91  
G N1     N N N 92  
G C2     C N N 93  
G N2     N N N 94  
G N3     N N N 95  
G C4     C Y N 96  
G HOP3   H N N 97  
G HOP2   H N N 98  
G "H5'"  H N N 99  
G "H5''" H N N 100 
G "H4'"  H N N 101 
G "H3'"  H N N 102 
G "HO3'" H N N 103 
G "H2'"  H N N 104 
G "HO2'" H N N 105 
G "H1'"  H N N 106 
G H8     H N N 107 
G H1     H N N 108 
G H21    H N N 109 
G H22    H N N 110 
U OP3    O N N 111 
U P      P N N 112 
U OP1    O N N 113 
U OP2    O N N 114 
U "O5'"  O N N 115 
U "C5'"  C N N 116 
U "C4'"  C N R 117 
U "O4'"  O N N 118 
U "C3'"  C N S 119 
U "O3'"  O N N 120 
U "C2'"  C N R 121 
U "O2'"  O N N 122 
U "C1'"  C N R 123 
U N1     N N N 124 
U C2     C N N 125 
U O2     O N N 126 
U N3     N N N 127 
U C4     C N N 128 
U O4     O N N 129 
U C5     C N N 130 
U C6     C N N 131 
U HOP3   H N N 132 
U HOP2   H N N 133 
U "H5'"  H N N 134 
U "H5''" H N N 135 
U "H4'"  H N N 136 
U "H3'"  H N N 137 
U "HO3'" H N N 138 
U "H2'"  H N N 139 
U "HO2'" H N N 140 
U "H1'"  H N N 141 
U H3     H N N 142 
U H5     H N N 143 
U H6     H N N 144 
# 
loop_
_chem_comp_bond.comp_id 
_chem_comp_bond.atom_id_1 
_chem_comp_bond.atom_id_2 
_chem_comp_bond.value_order 
_chem_comp_bond.pdbx_aromatic_flag 
_chem_comp_bond.pdbx_stereo_config 
_chem_comp_bond.pdbx_ordinal 
A OP3   P      sing N N 1   
A OP3   HOP3   sing N N 2   
A P     OP1    doub N N 3   
A P     OP2    sing N N 4   
A P     "O5'"  sing N N 5   
A OP2   HOP2   sing N N 6   
A "O5'" "C5'"  sing N N 7   
A "C5'" "C4'"  sing N N 8   
A "C5'" "H5'"  sing N N 9   
A "C5'" "H5''" sing N N 10  
A "C4'" "O4'"  sing N N 11  
A "C4'" "C3'"  sing N N 12  
A "C4'" "H4'"  sing N N 13  
A "O4'" "C1'"  sing N N 14  
A "C3'" "O3'"  sing N N 15  
A "C3'" "C2'"  sing N N 16  
A "C3'" "H3'"  sing N N 17  
A "O3'" "HO3'" sing N N 18  
A "C2'" "O2'"  sing N N 19  
A "C2'" "C1'"  sing N N 20  
A "C2'" "H2'"  sing N N 21  
A "O2'" "HO2'" sing N N 22  
A "C1'" N9     sing N N 23  
A "C1'" "H1'"  sing N N 24  
A N9    C8     sing Y N 25  
A N9    C4     sing Y N 26  
A C8    N7     doub Y N 27  
A C8    H8     sing N N 28  
A N7    C5     sing Y N 29  
A C5    C6     sing Y N 30  
A C5    C4     doub Y N 31  
A C6    N6     sing N N 32  
A C6    N1     doub Y N 33  
A N6    H61    sing N N 34  
A N6    H62    sing N N 35  
A N1    C2     sing Y N 36  
A C2    N3     doub Y N 37  
A C2    H2     sing N N 38  
A N3    C4     sing Y N 39  
C OP3   P      sing N N 40  
C OP3   HOP3   sing N N 41  
C P     OP1    doub N N 42  
C P     OP2    sing N N 43  
C P     "O5'"  sing N N 44  
C OP2   HOP2   sing N N 45  
C "O5'" "C5'"  sing N N 46  
C "C5'" "C4'"  sing N N 47  
C "C5'" "H5'"  sing N N 48  
C "C5'" "H5''" sing N N 49  
C "C4'" "O4'"  sing N N 50  
C "C4'" "C3'"  sing N N 51  
C "C4'" "H4'"  sing N N 52  
C "O4'" "C1'"  sing N N 53  
C "C3'" "O3'"  sing N N 54  
C "C3'" "C2'"  sing N N 55  
C "C3'" "H3'"  sing N N 56  
C "O3'" "HO3'" sing N N 57  
C "C2'" "O2'"  sing N N 58  
C "C2'" "C1'"  sing N N 59  
C "C2'" "H2'"  sing N N 60  
C "O2'" "HO2'" sing N N 61  
C "C1'" N1     sing N N 62  
C "C1'" "H1'"  sing N N 63  
C N1    C2     sing N N 64  
C N1    C6     sing N N 65  
C C2    O2     doub N N 66  
C C2    N3     sing N N 67  
C N3    C4     doub N N 68  
C C4    N4     sing N N 69  
C C4    C5     sing N N 70  
C N4    H41    sing N N 71  
C N4    H42    sing N N 72  
C C5    C6     doub N N 73  
C C5    H5     sing N N 74  
C C6    H6     sing N N 75  
G OP3   P      sing N N 76  
G OP3   HOP3   sing N N 77  
G P     OP1    doub N N 78  
G P     OP2    sing N N 79  
G P     "O5'"  sing N N 80  
G OP2   HOP2   sing N N 81  
G "O5'" "C5'"  sing N N 82  
G "C5'" "C4'"  sing N N 83  
G "C5'" "H5'"  sing N N 84  
G "C5'" "H5''" sing N N 85  
G "C4'" "O4'"  sing N N 86  
G "C4'" "C3'"  sing N N 87  
G "C4'" "H4'"  sing N N 88  
G "O4'" "C1'"  sing N N 89  
G "C3'" "O3'"  sing N N 90  
G "C3'" "C2'"  sing N N 91  
G "C3'" "H3'"  sing N N 92  
G "O3'" "HO3'" sing N N 93  
G "C2'" "O2'"  sing N N 94  
G "C2'" "C1'"  sing N N 95  
G "C2'" "H2'"  sing N N 96  
G "O2'" "HO2'" sing N N 97  
G "C1'" N9     sing N N 98  
G "C1'" "H1'"  sing N N 99  
G N9    C8     sing Y N 100 
G N9    C4     sing Y N 101 
G C8    N7     doub Y N 102 
G C8    H8     sing N N 103 
G N7    C5     sing Y N 104 
G C5    C6     sing N N 105 
G C5    C4     doub Y N 106 
G C6    O6     doub N N 107 
G C6    N1     sing N N 108 
G N1    C2     sing N N 109 
G N1    H1     sing N N 110 
G C2    N2     sing N N 111 
G C2    N3     doub N N 112 
G N2    H21    sing N N 113 
G N2    H22    sing N N 114 
G N3    C4     sing N N 115 
U OP3   P      sing N N 116 
U OP3   HOP3   sing N N 117 
U P     OP1    doub N N 118 
U P     OP2    sing N N 119 
U P     "O5'"  sing N N 120 
U OP2   HOP2   sing N N 121 
U "O5'" "C5'"  sing N N 122 
U "C5'" "C4'"  sing N N 123 
U "C5'" "H5'"  sing N N 124 
U "C5'" "H5''" sing N N 125 
U "C4'" "O4'"  sing N N 126 
U "C4'" "C3'"  sing N N 127 
U "C4'" "H4'"  sing N N 128 
U "O4'" "C1'"  sing N N 129 
U "C3'" "O3'"  sing N N 130 
U "C3'" "C2'"  sing N N 131 
U "C3'" "H3'"  sing N N 132 
U "O3'" "HO3'" sing N N 133 
U "C2'" "O2'"  sing N N 134 
U "C2'" "C1'"  sing N N 135 
U "C2'" "H2'"  sing N N 136 
U "O2'" "HO2'" sing N N 137 
U "C1'" N1     sing N N 138 
U "C1'" "H1'"  sing N N 139 
U N1    C2     sing N N 140 
U N1    C6     sing N N 141 
U C2    O2     doub N N 142 
U C2    N3     sing N N 143 
U N3    C4     sing N N 144 
U N3    H3     sing N N 145 
U C4    O4     doub N N 146 
U C4    C5     sing N N 147 
U C5    C6     doub N N 148 
U C5    H5     sing N N 149 
U C6    H6     sing N N 150 
# 
loop_
_ndb_struct_conf_na.entry_id 
_ndb_struct_conf_na.feature 
1RNK 'double helix'         
1RNK 'a-form double helix'  
1RNK 'mismatched base pair' 
# 
loop_
_ndb_struct_na_base_pair.model_number 
_ndb_struct_na_base_pair.i_label_asym_id 
_ndb_struct_na_base_pair.i_label_comp_id 
_ndb_struct_na_base_pair.i_label_seq_id 
_ndb_struct_na_base_pair.i_symmetry 
_ndb_struct_na_base_pair.j_label_asym_id 
_ndb_struct_na_base_pair.j_label_comp_id 
_ndb_struct_na_base_pair.j_label_seq_id 
_ndb_struct_na_base_pair.j_symmetry 
_ndb_struct_na_base_pair.shear 
_ndb_struct_na_base_pair.stretch 
_ndb_struct_na_base_pair.stagger 
_ndb_struct_na_base_pair.buckle 
_ndb_struct_na_base_pair.propeller 
_ndb_struct_na_base_pair.opening 
_ndb_struct_na_base_pair.pair_number 
_ndb_struct_na_base_pair.pair_name 
_ndb_struct_na_base_pair.i_auth_asym_id 
_ndb_struct_na_base_pair.i_auth_seq_id 
_ndb_struct_na_base_pair.i_PDB_ins_code 
_ndb_struct_na_base_pair.j_auth_asym_id 
_ndb_struct_na_base_pair.j_auth_seq_id 
_ndb_struct_na_base_pair.j_PDB_ins_code 
_ndb_struct_na_base_pair.hbond_type_28 
_ndb_struct_na_base_pair.hbond_type_12 
1 A G 1  1_555 A C 19 1_555 -0.243 -0.509 0.608  -6.440  -25.540 -13.315 1  A_G1:C19_A  A 1  ? A 19 ? 19 1 
1 A G 2  1_555 A C 18 1_555 -0.391 -0.338 -0.144 -10.847 -16.846 -3.802  2  A_G2:C18_A  A 2  ? A 18 ? 19 1 
1 A C 3  1_555 A G 17 1_555 0.487  -0.424 0.181  -3.727  -10.893 -5.341  3  A_C3:G17_A  A 3  ? A 17 ? 19 1 
1 A G 4  1_555 A C 16 1_555 -0.384 -0.299 -0.675 -2.796  -3.669  0.318   4  A_G4:C16_A  A 4  ? A 16 ? 19 1 
1 A C 5  1_555 A G 15 1_555 0.377  -0.355 -0.899 21.871  1.428   -5.944  5  A_C5:G15_A  A 5  ? A 15 ? 19 1 
1 A U 8  1_555 A A 33 1_555 -0.184 -0.457 -1.408 8.495   -1.717  -8.150  6  A_U8:A33_A  A 8  ? A 33 ? 20 1 
1 A G 9  1_555 A C 32 1_555 -0.516 -0.415 0.292  -1.427  -20.015 -3.747  7  A_G9:C32_A  A 9  ? A 32 ? 19 1 
1 A G 10 1_555 A C 31 1_555 -0.614 -0.440 0.065  -15.062 -29.855 -2.965  8  A_G10:C31_A A 10 ? A 31 ? 19 1 
1 A G 11 1_555 A C 30 1_555 -0.616 -0.333 -0.574 -29.915 -23.750 -2.095  9  A_G11:C30_A A 11 ? A 30 ? 19 1 
1 A C 12 1_555 A G 29 1_555 0.523  -0.177 0.752  -30.351 17.047  -0.864  10 A_C12:G29_A A 12 ? A 29 ? 19 1 
1 A U 13 1_555 A G 28 1_555 2.399  -0.448 0.554  -27.794 14.511  5.514   11 A_U13:G28_A A 13 ? A 28 ? 28 1 
# 
loop_
_ndb_struct_na_base_pair_step.model_number 
_ndb_struct_na_base_pair_step.i_label_asym_id_1 
_ndb_struct_na_base_pair_step.i_label_comp_id_1 
_ndb_struct_na_base_pair_step.i_label_seq_id_1 
_ndb_struct_na_base_pair_step.i_symmetry_1 
_ndb_struct_na_base_pair_step.j_label_asym_id_1 
_ndb_struct_na_base_pair_step.j_label_comp_id_1 
_ndb_struct_na_base_pair_step.j_label_seq_id_1 
_ndb_struct_na_base_pair_step.j_symmetry_1 
_ndb_struct_na_base_pair_step.i_label_asym_id_2 
_ndb_struct_na_base_pair_step.i_label_comp_id_2 
_ndb_struct_na_base_pair_step.i_label_seq_id_2 
_ndb_struct_na_base_pair_step.i_symmetry_2 
_ndb_struct_na_base_pair_step.j_label_asym_id_2 
_ndb_struct_na_base_pair_step.j_label_comp_id_2 
_ndb_struct_na_base_pair_step.j_label_seq_id_2 
_ndb_struct_na_base_pair_step.j_symmetry_2 
_ndb_struct_na_base_pair_step.shift 
_ndb_struct_na_base_pair_step.slide 
_ndb_struct_na_base_pair_step.rise 
_ndb_struct_na_base_pair_step.tilt 
_ndb_struct_na_base_pair_step.roll 
_ndb_struct_na_base_pair_step.twist 
_ndb_struct_na_base_pair_step.x_displacement 
_ndb_struct_na_base_pair_step.y_displacement 
_ndb_struct_na_base_pair_step.helical_rise 
_ndb_struct_na_base_pair_step.inclination 
_ndb_struct_na_base_pair_step.tip 
_ndb_struct_na_base_pair_step.helical_twist 
_ndb_struct_na_base_pair_step.step_number 
_ndb_struct_na_base_pair_step.step_name 
_ndb_struct_na_base_pair_step.i_auth_asym_id_1 
_ndb_struct_na_base_pair_step.i_auth_seq_id_1 
_ndb_struct_na_base_pair_step.i_PDB_ins_code_1 
_ndb_struct_na_base_pair_step.j_auth_asym_id_1 
_ndb_struct_na_base_pair_step.j_auth_seq_id_1 
_ndb_struct_na_base_pair_step.j_PDB_ins_code_1 
_ndb_struct_na_base_pair_step.i_auth_asym_id_2 
_ndb_struct_na_base_pair_step.i_auth_seq_id_2 
_ndb_struct_na_base_pair_step.i_PDB_ins_code_2 
_ndb_struct_na_base_pair_step.j_auth_asym_id_2 
_ndb_struct_na_base_pair_step.j_auth_seq_id_2 
_ndb_struct_na_base_pair_step.j_PDB_ins_code_2 
1 A G 1  1_555 A C 19 1_555 A G 2  1_555 A C 18 1_555 0.212  -1.142 3.650 2.262  -8.479  34.444 -0.433 0.036  3.821 -14.038 -3.745 
35.512 1 AA_G1G2:C18C19_AA   A 1  ? A 19 ? A 2  ? A 18 ? 
1 A G 2  1_555 A C 18 1_555 A C 3  1_555 A G 17 1_555 -0.504 -1.199 2.894 -4.076 2.806   40.807 -1.976 0.329  2.845 4.006   5.819 
41.093 2 AA_G2C3:G17C18_AA   A 2  ? A 18 ? A 3  ? A 17 ? 
1 A C 3  1_555 A G 17 1_555 A G 4  1_555 A C 16 1_555 0.610  -1.355 3.881 4.132  -10.181 26.850 0.166  -0.053 4.155 -20.850 -8.462 
28.973 3 AA_C3G4:C16G17_AA   A 3  ? A 17 ? A 4  ? A 16 ? 
1 A G 4  1_555 A C 16 1_555 A C 5  1_555 A G 15 1_555 -0.592 -0.816 2.682 1.659  6.040   26.658 -2.903 1.574  2.401 12.875  -3.537 
27.371 4 AA_G4C5:G15C16_AA   A 4  ? A 16 ? A 5  ? A 15 ? 
1 A U 8  1_555 A A 33 1_555 A G 9  1_555 A C 32 1_555 -0.554 -1.937 3.933 -7.919 -0.154  25.368 -4.167 -1.362 3.934 -0.340  17.497 
26.556 5 AA_U8G9:C32A33_AA   A 8  ? A 33 ? A 9  ? A 32 ? 
1 A G 9  1_555 A C 32 1_555 A G 10 1_555 A C 31 1_555 0.351  -1.379 3.638 -1.606 3.529   36.280 -2.736 -0.804 3.475 5.647   2.571 
36.480 6 AA_G9G10:C31C32_AA  A 9  ? A 32 ? A 10 ? A 31 ? 
1 A G 10 1_555 A C 31 1_555 A G 11 1_555 A C 30 1_555 -0.460 -1.201 3.596 -0.522 11.942  37.313 -3.297 0.621  3.089 18.104  0.792 
39.116 7 AA_G10G11:C30C31_AA A 10 ? A 31 ? A 11 ? A 30 ? 
1 A G 11 1_555 A C 30 1_555 A C 12 1_555 A G 29 1_555 0.114  -0.651 3.586 -9.150 25.872  31.715 -3.757 -1.166 2.335 39.392  13.931 
41.707 8 AA_G11C12:G29C30_AA A 11 ? A 30 ? A 12 ? A 29 ? 
1 A C 12 1_555 A G 29 1_555 A U 13 1_555 A G 28 1_555 0.310  0.425  3.579 6.542  31.662  26.213 -3.439 0.396  2.663 50.889  
-10.514 41.401 9 AA_C12U13:G28G29_AA A 12 ? A 29 ? A 13 ? A 28 ? 
# 
_atom_sites.entry_id                    1RNK 
_atom_sites.fract_transf_matrix[1][1]   1.000000 
_atom_sites.fract_transf_matrix[1][2]   0.000000 
_atom_sites.fract_transf_matrix[1][3]   0.000000 
_atom_sites.fract_transf_matrix[2][1]   0.000000 
_atom_sites.fract_transf_matrix[2][2]   1.000000 
_atom_sites.fract_transf_matrix[2][3]   0.000000 
_atom_sites.fract_transf_matrix[3][1]   0.000000 
_atom_sites.fract_transf_matrix[3][2]   0.000000 
_atom_sites.fract_transf_matrix[3][3]   1.000000 
_atom_sites.fract_transf_vector[1]      0.00000 
_atom_sites.fract_transf_vector[2]      0.00000 
_atom_sites.fract_transf_vector[3]      0.00000 
# 
loop_
_atom_type.symbol 
C 
H 
N 
O 
P 
# 
loop_
_atom_site.group_PDB 
_atom_site.id 
_atom_site.type_symbol 
_atom_site.label_atom_id 
_atom_site.label_alt_id 
_atom_site.label_comp_id 
_atom_site.label_asym_id 
_atom_site.label_entity_id 
_atom_site.label_seq_id 
_atom_site.pdbx_PDB_ins_code 
_atom_site.Cartn_x 
_atom_site.Cartn_y 
_atom_site.Cartn_z 
_atom_site.occupancy 
_atom_site.B_iso_or_equiv 
_atom_site.pdbx_formal_charge 
_atom_site.auth_seq_id 
_atom_site.auth_comp_id 
_atom_site.auth_asym_id 
_atom_site.auth_atom_id 
_atom_site.pdbx_PDB_model_num 
ATOM 1    O "O5'"  . G A 1 1  ? -0.097  14.624  -12.581 1.00 0.00 ? 1  G A "O5'"  1 
ATOM 2    C "C5'"  . G A 1 1  ? 0.700   14.436  -13.753 1.00 0.00 ? 1  G A "C5'"  1 
ATOM 3    C "C4'"  . G A 1 1  ? 2.118   13.988  -13.406 1.00 0.00 ? 1  G A "C4'"  1 
ATOM 4    O "O4'"  . G A 1 1  ? 2.723   14.947  -12.527 1.00 0.00 ? 1  G A "O4'"  1 
ATOM 5    C "C3'"  . G A 1 1  ? 2.212   12.691  -12.626 1.00 0.00 ? 1  G A "C3'"  1 
ATOM 6    O "O3'"  . G A 1 1  ? 2.243   11.618  -13.577 1.00 0.00 ? 1  G A "O3'"  1 
ATOM 7    C "C2'"  . G A 1 1  ? 3.594   12.807  -12.005 1.00 0.00 ? 1  G A "C2'"  1 
ATOM 8    O "O2'"  . G A 1 1  ? 4.612   12.549  -12.979 1.00 0.00 ? 1  G A "O2'"  1 
ATOM 9    C "C1'"  . G A 1 1  ? 3.602   14.282  -11.594 1.00 0.00 ? 1  G A "C1'"  1 
ATOM 10   N N9     . G A 1 1  ? 3.084   14.490  -10.227 1.00 0.00 ? 1  G A N9     1 
ATOM 11   C C8     . G A 1 1  ? 1.926   15.112  -9.836  1.00 0.00 ? 1  G A C8     1 
ATOM 12   N N7     . G A 1 1  ? 1.750   15.130  -8.545  1.00 0.00 ? 1  G A N7     1 
ATOM 13   C C5     . G A 1 1  ? 2.868   14.474  -8.044  1.00 0.00 ? 1  G A C5     1 
ATOM 14   C C6     . G A 1 1  ? 3.233   14.186  -6.701  1.00 0.00 ? 1  G A C6     1 
ATOM 15   O O6     . G A 1 1  ? 2.628   14.459  -5.669  1.00 0.00 ? 1  G A O6     1 
ATOM 16   N N1     . G A 1 1  ? 4.436   13.512  -6.634  1.00 0.00 ? 1  G A N1     1 
ATOM 17   C C2     . G A 1 1  ? 5.200   13.154  -7.713  1.00 0.00 ? 1  G A C2     1 
ATOM 18   N N2     . G A 1 1  ? 6.328   12.507  -7.460  1.00 0.00 ? 1  G A N2     1 
ATOM 19   N N3     . G A 1 1  ? 4.874   13.415  -8.978  1.00 0.00 ? 1  G A N3     1 
ATOM 20   C C4     . G A 1 1  ? 3.695   14.078  -9.067  1.00 0.00 ? 1  G A C4     1 
ATOM 21   H "H5'"  . G A 1 1  ? 0.749   15.376  -14.304 1.00 0.00 ? 1  G A "H5'"  1 
ATOM 22   H "H5''" . G A 1 1  ? 0.232   13.679  -14.383 1.00 0.00 ? 1  G A "H5''" 1 
ATOM 23   H "H4'"  . G A 1 1  ? 2.705   13.926  -14.323 1.00 0.00 ? 1  G A "H4'"  1 
ATOM 24   H "H3'"  . G A 1 1  ? 1.415   12.569  -11.890 1.00 0.00 ? 1  G A "H3'"  1 
ATOM 25   H "H2'"  . G A 1 1  ? 3.699   12.155  -11.139 1.00 0.00 ? 1  G A "H2'"  1 
ATOM 26   H "HO2'" . G A 1 1  ? 4.556   11.617  -13.205 1.00 0.00 ? 1  G A "HO2'" 1 
ATOM 27   H "H1'"  . G A 1 1  ? 4.603   14.706  -11.673 1.00 0.00 ? 1  G A "H1'"  1 
ATOM 28   H H8     . G A 1 1  ? 1.221   15.553  -10.539 1.00 0.00 ? 1  G A H8     1 
ATOM 29   H H1     . G A 1 1  ? 4.774   13.272  -5.716  1.00 0.00 ? 1  G A H1     1 
ATOM 30   H H21    . G A 1 1  ? 6.589   12.298  -6.507  1.00 0.00 ? 1  G A H21    1 
ATOM 31   H H22    . G A 1 1  ? 6.926   12.223  -8.221  1.00 0.00 ? 1  G A H22    1 
ATOM 32   H "HO5'" . G A 1 1  ? 0.428   15.135  -11.960 1.00 0.00 ? 1  G A "HO5'" 1 
ATOM 33   P P      . G A 1 2  ? 1.546   10.200  -13.247 1.00 0.00 ? 2  G A P      1 
ATOM 34   O OP1    . G A 1 2  ? 1.513   9.401   -14.492 1.00 0.00 ? 2  G A OP1    1 
ATOM 35   O OP2    . G A 1 2  ? 0.294   10.459  -12.503 1.00 0.00 ? 2  G A OP2    1 
ATOM 36   O "O5'"  . G A 1 2  ? 2.601   9.517   -12.236 1.00 0.00 ? 2  G A "O5'"  1 
ATOM 37   C "C5'"  . G A 1 2  ? 3.895   9.103   -12.697 1.00 0.00 ? 2  G A "C5'"  1 
ATOM 38   C "C4'"  . G A 1 2  ? 4.885   8.957   -11.545 1.00 0.00 ? 2  G A "C4'"  1 
ATOM 39   O "O4'"  . G A 1 2  ? 4.905   10.172  -10.784 1.00 0.00 ? 2  G A "O4'"  1 
ATOM 40   C "C3'"  . G A 1 2  ? 4.530   7.899   -10.514 1.00 0.00 ? 2  G A "C3'"  1 
ATOM 41   O "O3'"  . G A 1 2  ? 5.114   6.661   -10.944 1.00 0.00 ? 2  G A "O3'"  1 
ATOM 42   C "C2'"  . G A 1 2  ? 5.310   8.376   -9.302  1.00 0.00 ? 2  G A "C2'"  1 
ATOM 43   O "O2'"  . G A 1 2  ? 6.701   8.065   -9.442  1.00 0.00 ? 2  G A "O2'"  1 
ATOM 44   C "C1'"  . G A 1 2  ? 5.087   9.886   -9.384  1.00 0.00 ? 2  G A "C1'"  1 
ATOM 45   N N9     . G A 1 2  ? 3.885   10.326  -8.646  1.00 0.00 ? 2  G A N9     1 
ATOM 46   C C8     . G A 1 2  ? 2.688   10.770  -9.145  1.00 0.00 ? 2  G A C8     1 
ATOM 47   N N7     . G A 1 2  ? 1.838   11.134  -8.226  1.00 0.00 ? 2  G A N7     1 
ATOM 48   C C5     . G A 1 2  ? 2.519   10.913  -7.034  1.00 0.00 ? 2  G A C5     1 
ATOM 49   C C6     . G A 1 2  ? 2.104   11.122  -5.690  1.00 0.00 ? 2  G A C6     1 
ATOM 50   O O6     . G A 1 2  ? 1.037   11.566  -5.281  1.00 0.00 ? 2  G A O6     1 
ATOM 51   N N1     . G A 1 2  ? 3.091   10.768  -4.791  1.00 0.00 ? 2  G A N1     1 
ATOM 52   C C2     . G A 1 2  ? 4.323   10.273  -5.130  1.00 0.00 ? 2  G A C2     1 
ATOM 53   N N2     . G A 1 2  ? 5.143   9.968   -4.136  1.00 0.00 ? 2  G A N2     1 
ATOM 54   N N3     . G A 1 2  ? 4.729   10.073  -6.381  1.00 0.00 ? 2  G A N3     1 
ATOM 55   C C4     . G A 1 2  ? 3.776   10.414  -7.281  1.00 0.00 ? 2  G A C4     1 
ATOM 56   H "H5'"  . G A 1 2  ? 4.276   9.845   -13.399 1.00 0.00 ? 2  G A "H5'"  1 
ATOM 57   H "H5''" . G A 1 2  ? 3.801   8.144   -13.207 1.00 0.00 ? 2  G A "H5''" 1 
ATOM 58   H "H4'"  . G A 1 2  ? 5.879   8.776   -11.953 1.00 0.00 ? 2  G A "H4'"  1 
ATOM 59   H "H3'"  . G A 1 2  ? 3.458   7.812   -10.332 1.00 0.00 ? 2  G A "H3'"  1 
ATOM 60   H "H2'"  . G A 1 2  ? 4.905   7.969   -8.380  1.00 0.00 ? 2  G A "H2'"  1 
ATOM 61   H "HO2'" . G A 1 2  ? 6.759   7.161   -9.758  1.00 0.00 ? 2  G A "HO2'" 1 
ATOM 62   H "H1'"  . G A 1 2  ? 5.954   10.426  -9.014  1.00 0.00 ? 2  G A "H1'"  1 
ATOM 63   H H8     . G A 1 2  ? 2.462   10.804  -10.211 1.00 0.00 ? 2  G A H8     1 
ATOM 64   H H1     . G A 1 2  ? 2.882   10.888  -3.814  1.00 0.00 ? 2  G A H1     1 
ATOM 65   H H21    . G A 1 2  ? 4.841   10.076  -3.179  1.00 0.00 ? 2  G A H21    1 
ATOM 66   H H22    . G A 1 2  ? 6.072   9.628   -4.338  1.00 0.00 ? 2  G A H22    1 
ATOM 67   P P      . C A 1 3  ? 4.638   5.258   -10.307 1.00 0.00 ? 3  C A P      1 
ATOM 68   O OP1    . C A 1 3  ? 5.475   4.180   -10.884 1.00 0.00 ? 3  C A OP1    1 
ATOM 69   O OP2    . C A 1 3  ? 3.163   5.180   -10.408 1.00 0.00 ? 3  C A OP2    1 
ATOM 70   O "O5'"  . C A 1 3  ? 5.025   5.424   -8.751  1.00 0.00 ? 3  C A "O5'"  1 
ATOM 71   C "C5'"  . C A 1 3  ? 6.322   5.044   -8.267  1.00 0.00 ? 3  C A "C5'"  1 
ATOM 72   C "C4'"  . C A 1 3  ? 6.365   5.010   -6.741  1.00 0.00 ? 3  C A "C4'"  1 
ATOM 73   O "O4'"  . C A 1 3  ? 6.091   6.320   -6.225  1.00 0.00 ? 3  C A "O4'"  1 
ATOM 74   C "C3'"  . C A 1 3  ? 5.300   4.143   -6.093  1.00 0.00 ? 3  C A "C3'"  1 
ATOM 75   O "O3'"  . C A 1 3  ? 5.833   2.815   -5.979  1.00 0.00 ? 3  C A "O3'"  1 
ATOM 76   C "C2'"  . C A 1 3  ? 5.221   4.736   -4.696  1.00 0.00 ? 3  C A "C2'"  1 
ATOM 77   O "O2'"  . C A 1 3  ? 6.330   4.315   -3.895  1.00 0.00 ? 3  C A "O2'"  1 
ATOM 78   C "C1'"  . C A 1 3  ? 5.321   6.230   -5.008  1.00 0.00 ? 3  C A "C1'"  1 
ATOM 79   N N1     . C A 1 3  ? 3.998   6.847   -5.236  1.00 0.00 ? 3  C A N1     1 
ATOM 80   C C2     . C A 1 3  ? 3.285   7.282   -4.128  1.00 0.00 ? 3  C A C2     1 
ATOM 81   O O2     . C A 1 3  ? 3.752   7.159   -2.999  1.00 0.00 ? 3  C A O2     1 
ATOM 82   N N3     . C A 1 3  ? 2.067   7.856   -4.319  1.00 0.00 ? 3  C A N3     1 
ATOM 83   C C4     . C A 1 3  ? 1.568   7.998   -5.555  1.00 0.00 ? 3  C A C4     1 
ATOM 84   N N4     . C A 1 3  ? 0.373   8.566   -5.677  1.00 0.00 ? 3  C A N4     1 
ATOM 85   C C5     . C A 1 3  ? 2.298   7.555   -6.701  1.00 0.00 ? 3  C A C5     1 
ATOM 86   C C6     . C A 1 3  ? 3.497   6.986   -6.497  1.00 0.00 ? 3  C A C6     1 
ATOM 87   H "H5'"  . C A 1 3  ? 7.061   5.760   -8.627  1.00 0.00 ? 3  C A "H5'"  1 
ATOM 88   H "H5''" . C A 1 3  ? 6.568   4.054   -8.650  1.00 0.00 ? 3  C A "H5''" 1 
ATOM 89   H "H4'"  . C A 1 3  ? 7.359   4.701   -6.419  1.00 0.00 ? 3  C A "H4'"  1 
ATOM 90   H "H3'"  . C A 1 3  ? 4.347   4.159   -6.622  1.00 0.00 ? 3  C A "H3'"  1 
ATOM 91   H "H2'"  . C A 1 3  ? 4.273   4.496   -4.215  1.00 0.00 ? 3  C A "H2'"  1 
ATOM 92   H "HO2'" . C A 1 3  ? 6.028   4.290   -2.983  1.00 0.00 ? 3  C A "HO2'" 1 
ATOM 93   H "H1'"  . C A 1 3  ? 5.839   6.762   -4.211  1.00 0.00 ? 3  C A "H1'"  1 
ATOM 94   H H41    . C A 1 3  ? -0.133  8.862   -4.851  1.00 0.00 ? 3  C A H41    1 
ATOM 95   H H42    . C A 1 3  ? -0.030  8.704   -6.592  1.00 0.00 ? 3  C A H42    1 
ATOM 96   H H5     . C A 1 3  ? 1.912   7.689   -7.713  1.00 0.00 ? 3  C A H5     1 
ATOM 97   H H6     . C A 1 3  ? 4.072   6.621   -7.348  1.00 0.00 ? 3  C A H6     1 
ATOM 98   P P      . G A 1 4  ? 4.863   1.566   -5.664  1.00 0.00 ? 4  G A P      1 
ATOM 99   O OP1    . G A 1 4  ? 5.691   0.339   -5.596  1.00 0.00 ? 4  G A OP1    1 
ATOM 100  O OP2    . G A 1 4  ? 3.711   1.626   -6.591  1.00 0.00 ? 4  G A OP2    1 
ATOM 101  O "O5'"  . G A 1 4  ? 4.331   1.895   -4.180  1.00 0.00 ? 4  G A "O5'"  1 
ATOM 102  C "C5'"  . G A 1 4  ? 5.231   1.897   -3.066  1.00 0.00 ? 4  G A "C5'"  1 
ATOM 103  C "C4'"  . G A 1 4  ? 4.564   2.426   -1.801  1.00 0.00 ? 4  G A "C4'"  1 
ATOM 104  O "O4'"  . G A 1 4  ? 4.087   3.760   -2.021  1.00 0.00 ? 4  G A "O4'"  1 
ATOM 105  C "C3'"  . G A 1 4  ? 3.316   1.680   -1.379  1.00 0.00 ? 4  G A "C3'"  1 
ATOM 106  O "O3'"  . G A 1 4  ? 3.734   0.562   -0.584  1.00 0.00 ? 4  G A "O3'"  1 
ATOM 107  C "C2'"  . G A 1 4  ? 2.656   2.694   -0.461  1.00 0.00 ? 4  G A "C2'"  1 
ATOM 108  O "O2'"  . G A 1 4  ? 3.324   2.743   0.805   1.00 0.00 ? 4  G A "O2'"  1 
ATOM 109  C "C1'"  . G A 1 4  ? 2.890   3.989   -1.246  1.00 0.00 ? 4  G A "C1'"  1 
ATOM 110  N N9     . G A 1 4  ? 1.777   4.307   -2.168  1.00 0.00 ? 4  G A N9     1 
ATOM 111  C C8     . G A 1 4  ? 1.652   4.006   -3.500  1.00 0.00 ? 4  G A C8     1 
ATOM 112  N N7     . G A 1 4  ? 0.544   4.442   -4.035  1.00 0.00 ? 4  G A N7     1 
ATOM 113  C C5     . G A 1 4  ? -0.111  5.076   -2.983  1.00 0.00 ? 4  G A C5     1 
ATOM 114  C C6     . G A 1 4  ? -1.369  5.746   -2.954  1.00 0.00 ? 4  G A C6     1 
ATOM 115  O O6     . G A 1 4  ? -2.172  5.911   -3.869  1.00 0.00 ? 4  G A O6     1 
ATOM 116  N N1     . G A 1 4  ? -1.652  6.240   -1.696  1.00 0.00 ? 4  G A N1     1 
ATOM 117  C C2     . G A 1 4  ? -0.839  6.113   -0.600  1.00 0.00 ? 4  G A C2     1 
ATOM 118  N N2     . G A 1 4  ? -1.265  6.654   0.529   1.00 0.00 ? 4  G A N2     1 
ATOM 119  N N3     . G A 1 4  ? 0.338   5.491   -0.609  1.00 0.00 ? 4  G A N3     1 
ATOM 120  C C4     . G A 1 4  ? 0.637   4.998   -1.833  1.00 0.00 ? 4  G A C4     1 
ATOM 121  H "H5'"  . G A 1 4  ? 6.092   2.524   -3.303  1.00 0.00 ? 4  G A "H5'"  1 
ATOM 122  H "H5''" . G A 1 4  ? 5.574   0.877   -2.885  1.00 0.00 ? 4  G A "H5''" 1 
ATOM 123  H "H4'"  . G A 1 4  ? 5.294   2.438   -0.992  1.00 0.00 ? 4  G A "H4'"  1 
ATOM 124  H "H3'"  . G A 1 4  ? 2.684   1.380   -2.218  1.00 0.00 ? 4  G A "H3'"  1 
ATOM 125  H "H2'"  . G A 1 4  ? 1.593   2.492   -0.341  1.00 0.00 ? 4  G A "H2'"  1 
ATOM 126  H "HO2'" . G A 1 4  ? 3.224   1.878   1.211   1.00 0.00 ? 4  G A "HO2'" 1 
ATOM 127  H "H1'"  . G A 1 4  ? 3.052   4.830   -0.572  1.00 0.00 ? 4  G A "H1'"  1 
ATOM 128  H H8     . G A 1 4  ? 2.405   3.450   -4.060  1.00 0.00 ? 4  G A H8     1 
ATOM 129  H H1     . G A 1 4  ? -2.527  6.728   -1.581  1.00 0.00 ? 4  G A H1     1 
ATOM 130  H H21    . G A 1 4  ? -2.133  7.164   0.550   1.00 0.00 ? 4  G A H21    1 
ATOM 131  H H22    . G A 1 4  ? -0.714  6.557   1.372   1.00 0.00 ? 4  G A H22    1 
ATOM 132  P P      . C A 1 5  ? 3.121   -0.905  -0.849  1.00 0.00 ? 5  C A P      1 
ATOM 133  O OP1    . C A 1 5  ? 4.114   -1.909  -0.405  1.00 0.00 ? 5  C A OP1    1 
ATOM 134  O OP2    . C A 1 5  ? 2.608   -0.940  -2.238  1.00 0.00 ? 5  C A OP2    1 
ATOM 135  O "O5'"  . C A 1 5  ? 1.860   -0.950  0.155   1.00 0.00 ? 5  C A "O5'"  1 
ATOM 136  C "C5'"  . C A 1 5  ? 2.045   -0.862  1.575   1.00 0.00 ? 5  C A "C5'"  1 
ATOM 137  C "C4'"  . C A 1 5  ? 0.892   -0.121  2.247   1.00 0.00 ? 5  C A "C4'"  1 
ATOM 138  O "O4'"  . C A 1 5  ? 0.718   1.145   1.614   1.00 0.00 ? 5  C A "O4'"  1 
ATOM 139  C "C3'"  . C A 1 5  ? -0.471  -0.766  2.091   1.00 0.00 ? 5  C A "C3'"  1 
ATOM 140  O "O3'"  . C A 1 5  ? -0.631  -1.706  3.164   1.00 0.00 ? 5  C A "O3'"  1 
ATOM 141  C "C2'"  . C A 1 5  ? -1.419  0.401   2.353   1.00 0.00 ? 5  C A "C2'"  1 
ATOM 142  O "O2'"  . C A 1 5  ? -1.632  0.575   3.759   1.00 0.00 ? 5  C A "O2'"  1 
ATOM 143  C "C1'"  . C A 1 5  ? -0.639  1.594   1.778   1.00 0.00 ? 5  C A "C1'"  1 
ATOM 144  N N1     . C A 1 5  ? -1.158  2.007   0.457   1.00 0.00 ? 5  C A N1     1 
ATOM 145  C C2     . C A 1 5  ? -2.188  2.937   0.425   1.00 0.00 ? 5  C A C2     1 
ATOM 146  O O2     . C A 1 5  ? -2.624  3.419   1.467   1.00 0.00 ? 5  C A O2     1 
ATOM 147  N N3     . C A 1 5  ? -2.699  3.304   -0.782  1.00 0.00 ? 5  C A N3     1 
ATOM 148  C C4     . C A 1 5  ? -2.216  2.778   -1.914  1.00 0.00 ? 5  C A C4     1 
ATOM 149  N N4     . C A 1 5  ? -2.762  3.169   -3.060  1.00 0.00 ? 5  C A N4     1 
ATOM 150  C C5     . C A 1 5  ? -1.154  1.822   -1.890  1.00 0.00 ? 5  C A C5     1 
ATOM 151  C C6     . C A 1 5  ? -0.659  1.467   -0.693  1.00 0.00 ? 5  C A C6     1 
ATOM 152  H "H5'"  . C A 1 5  ? 2.975   -0.333  1.782   1.00 0.00 ? 5  C A "H5'"  1 
ATOM 153  H "H5''" . C A 1 5  ? 2.109   -1.869  1.988   1.00 0.00 ? 5  C A "H5''" 1 
ATOM 154  H "H4'"  . C A 1 5  ? 1.129   0.032   3.300   1.00 0.00 ? 5  C A "H4'"  1 
ATOM 155  H "H3'"  . C A 1 5  ? -0.620  -1.230  1.116   1.00 0.00 ? 5  C A "H3'"  1 
ATOM 156  H "H2'"  . C A 1 5  ? -2.365  0.264   1.828   1.00 0.00 ? 5  C A "H2'"  1 
ATOM 157  H "HO2'" . C A 1 5  ? -0.768  0.699   4.165   1.00 0.00 ? 5  C A "HO2'" 1 
ATOM 158  H "H1'"  . C A 1 5  ? -0.661  2.443   2.462   1.00 0.00 ? 5  C A "H1'"  1 
ATOM 159  H H41    . C A 1 5  ? -3.564  3.786   -3.054  1.00 0.00 ? 5  C A H41    1 
ATOM 160  H H42    . C A 1 5  ? -2.377  2.852   -3.938  1.00 0.00 ? 5  C A H42    1 
ATOM 161  H H5     . C A 1 5  ? -0.754  1.391   -2.806  1.00 0.00 ? 5  C A H5     1 
ATOM 162  H H6     . C A 1 5  ? 0.155   0.742   -0.639  1.00 0.00 ? 5  C A H6     1 
ATOM 163  P P      . A A 1 6  ? -1.897  -2.710  3.209   1.00 0.00 ? 6  A A P      1 
ATOM 164  O OP1    . A A 1 6  ? -3.050  -2.046  2.558   1.00 0.00 ? 6  A A OP1    1 
ATOM 165  O OP2    . A A 1 6  ? -2.023  -3.232  4.588   1.00 0.00 ? 6  A A OP2    1 
ATOM 166  O "O5'"  . A A 1 6  ? -1.419  -3.924  2.260   1.00 0.00 ? 6  A A "O5'"  1 
ATOM 167  C "C5'"  . A A 1 6  ? -2.007  -5.227  2.390   1.00 0.00 ? 6  A A "C5'"  1 
ATOM 168  C "C4'"  . A A 1 6  ? -1.023  -6.332  2.014   1.00 0.00 ? 6  A A "C4'"  1 
ATOM 169  O "O4'"  . A A 1 6  ? -0.622  -6.156  0.645   1.00 0.00 ? 6  A A "O4'"  1 
ATOM 170  C "C3'"  . A A 1 6  ? 0.282   -6.321  2.811   1.00 0.00 ? 6  A A "C3'"  1 
ATOM 171  O "O3'"  . A A 1 6  ? 0.807   -7.657  2.771   1.00 0.00 ? 6  A A "O3'"  1 
ATOM 172  C "C2'"  . A A 1 6  ? 1.189   -5.456  1.953   1.00 0.00 ? 6  A A "C2'"  1 
ATOM 173  O "O2'"  . A A 1 6  ? 2.567   -5.729  2.223   1.00 0.00 ? 6  A A "O2'"  1 
ATOM 174  C "C1'"  . A A 1 6  ? 0.792   -5.946  0.566   1.00 0.00 ? 6  A A "C1'"  1 
ATOM 175  N N9     . A A 1 6  ? 1.070   -4.959  -0.489  1.00 0.00 ? 6  A A N9     1 
ATOM 176  C C8     . A A 1 6  ? 0.501   -3.728  -0.688  1.00 0.00 ? 6  A A C8     1 
ATOM 177  N N7     . A A 1 6  ? 0.976   -3.096  -1.725  1.00 0.00 ? 6  A A N7     1 
ATOM 178  C C5     . A A 1 6  ? 1.924   -3.976  -2.243  1.00 0.00 ? 6  A A C5     1 
ATOM 179  C C6     . A A 1 6  ? 2.789   -3.904  -3.348  1.00 0.00 ? 6  A A C6     1 
ATOM 180  N N6     . A A 1 6  ? 2.856   -2.857  -4.165  1.00 0.00 ? 6  A A N6     1 
ATOM 181  N N1     . A A 1 6  ? 3.598   -4.950  -3.578  1.00 0.00 ? 6  A A N1     1 
ATOM 182  C C2     . A A 1 6  ? 3.546   -5.995  -2.759  1.00 0.00 ? 6  A A C2     1 
ATOM 183  N N3     . A A 1 6  ? 2.783   -6.181  -1.695  1.00 0.00 ? 6  A A N3     1 
ATOM 184  C C4     . A A 1 6  ? 1.986   -5.113  -1.496  1.00 0.00 ? 6  A A C4     1 
ATOM 185  H "H5'"  . A A 1 6  ? -2.879  -5.292  1.738   1.00 0.00 ? 6  A A "H5'"  1 
ATOM 186  H "H5''" . A A 1 6  ? -2.324  -5.375  3.422   1.00 0.00 ? 6  A A "H5''" 1 
ATOM 187  H "H4'"  . A A 1 6  ? -1.522  -7.296  2.115   1.00 0.00 ? 6  A A "H4'"  1 
ATOM 188  H "H3'"  . A A 1 6  ? 0.166   -5.957  3.832   1.00 0.00 ? 6  A A "H3'"  1 
ATOM 189  H "H2'"  . A A 1 6  ? 0.957   -4.399  2.080   1.00 0.00 ? 6  A A "H2'"  1 
ATOM 190  H "HO2'" . A A 1 6  ? 2.727   -6.651  1.998   1.00 0.00 ? 6  A A "HO2'" 1 
ATOM 191  H "H1'"  . A A 1 6  ? 1.287   -6.887  0.327   1.00 0.00 ? 6  A A "H1'"  1 
ATOM 192  H H8     . A A 1 6  ? -0.273  -3.316  -0.040  1.00 0.00 ? 6  A A H8     1 
ATOM 193  H H61    . A A 1 6  ? 3.447   -2.892  -4.982  1.00 0.00 ? 6  A A H61    1 
ATOM 194  H H62    . A A 1 6  ? 2.319   -2.025  -3.963  1.00 0.00 ? 6  A A H62    1 
ATOM 195  H H2     . A A 1 6  ? 4.234   -6.809  -2.988  1.00 0.00 ? 6  A A H2     1 
ATOM 196  P P      . G A 1 7  ? 1.598   -8.278  4.031   1.00 0.00 ? 7  G A P      1 
ATOM 197  O OP1    . G A 1 7  ? 0.610   -8.574  5.093   1.00 0.00 ? 7  G A OP1    1 
ATOM 198  O OP2    . G A 1 7  ? 2.761   -7.411  4.330   1.00 0.00 ? 7  G A OP2    1 
ATOM 199  O "O5'"  . G A 1 7  ? 2.144   -9.681  3.446   1.00 0.00 ? 7  G A "O5'"  1 
ATOM 200  C "C5'"  . G A 1 7  ? 3.526   -9.853  3.095   1.00 0.00 ? 7  G A "C5'"  1 
ATOM 201  C "C4'"  . G A 1 7  ? 3.810   -9.425  1.656   1.00 0.00 ? 7  G A "C4'"  1 
ATOM 202  O "O4'"  . G A 1 7  ? 3.627   -8.017  1.530   1.00 0.00 ? 7  G A "O4'"  1 
ATOM 203  C "C3'"  . G A 1 7  ? 5.243   -9.615  1.204   1.00 0.00 ? 7  G A "C3'"  1 
ATOM 204  O "O3'"  . G A 1 7  ? 5.359   -10.954 0.697   1.00 0.00 ? 7  G A "O3'"  1 
ATOM 205  C "C2'"  . G A 1 7  ? 5.352   -8.661  0.017   1.00 0.00 ? 7  G A "C2'"  1 
ATOM 206  O "O2'"  . G A 1 7  ? 4.893   -9.297  -1.181  1.00 0.00 ? 7  G A "O2'"  1 
ATOM 207  C "C1'"  . G A 1 7  ? 4.397   -7.522  0.419   1.00 0.00 ? 7  G A "C1'"  1 
ATOM 208  N N9     . G A 1 7  ? 5.118   -6.307  0.854   1.00 0.00 ? 7  G A N9     1 
ATOM 209  C C8     . G A 1 7  ? 5.304   -5.840  2.129   1.00 0.00 ? 7  G A C8     1 
ATOM 210  N N7     . G A 1 7  ? 5.978   -4.726  2.190   1.00 0.00 ? 7  G A N7     1 
ATOM 211  C C5     . G A 1 7  ? 6.260   -4.433  0.860   1.00 0.00 ? 7  G A C5     1 
ATOM 212  C C6     . G A 1 7  ? 6.971   -3.337  0.296   1.00 0.00 ? 7  G A C6     1 
ATOM 213  O O6     . G A 1 7  ? 7.506   -2.393  0.871   1.00 0.00 ? 7  G A O6     1 
ATOM 214  N N1     . G A 1 7  ? 7.027   -3.421  -1.082  1.00 0.00 ? 7  G A N1     1 
ATOM 215  C C2     . G A 1 7  ? 6.473   -4.426  -1.831  1.00 0.00 ? 7  G A C2     1 
ATOM 216  N N2     . G A 1 7  ? 6.619   -4.347  -3.147  1.00 0.00 ? 7  G A N2     1 
ATOM 217  N N3     . G A 1 7  ? 5.807   -5.459  -1.321  1.00 0.00 ? 7  G A N3     1 
ATOM 218  C C4     . G A 1 7  ? 5.739   -5.396  0.031   1.00 0.00 ? 7  G A C4     1 
ATOM 219  H "H5'"  . G A 1 7  ? 3.791   -10.904 3.211   1.00 0.00 ? 7  G A "H5'"  1 
ATOM 220  H "H5''" . G A 1 7  ? 4.142   -9.257  3.770   1.00 0.00 ? 7  G A "H5''" 1 
ATOM 221  H "H4'"  . G A 1 7  ? 3.120   -9.939  0.986   1.00 0.00 ? 7  G A "H4'"  1 
ATOM 222  H "H3'"  . G A 1 7  ? 5.974   -9.409  1.987   1.00 0.00 ? 7  G A "H3'"  1 
ATOM 223  H "H2'"  . G A 1 7  ? 6.371   -8.293  -0.100  1.00 0.00 ? 7  G A "H2'"  1 
ATOM 224  H "HO2'" . G A 1 7  ? 4.867   -10.242 -1.005  1.00 0.00 ? 7  G A "HO2'" 1 
ATOM 225  H "H1'"  . G A 1 7  ? 3.726   -7.270  -0.402  1.00 0.00 ? 7  G A "H1'"  1 
ATOM 226  H H8     . G A 1 7  ? 4.918   -6.352  3.008   1.00 0.00 ? 7  G A H8     1 
ATOM 227  H H1     . G A 1 7  ? 7.511   -2.683  -1.564  1.00 0.00 ? 7  G A H1     1 
ATOM 228  H H21    . G A 1 7  ? 7.133   -3.583  -3.554  1.00 0.00 ? 7  G A H21    1 
ATOM 229  H H22    . G A 1 7  ? 6.211   -5.055  -3.739  1.00 0.00 ? 7  G A H22    1 
ATOM 230  P P      . U A 1 8  ? 6.250   -12.053 1.470   1.00 0.00 ? 8  U A P      1 
ATOM 231  O OP1    . U A 1 8  ? 5.771   -12.140 2.868   1.00 0.00 ? 8  U A OP1    1 
ATOM 232  O OP2    . U A 1 8  ? 7.677   -11.770 1.197   1.00 0.00 ? 8  U A OP2    1 
ATOM 233  O "O5'"  . U A 1 8  ? 5.855   -13.424 0.719   1.00 0.00 ? 8  U A "O5'"  1 
ATOM 234  C "C5'"  . U A 1 8  ? 6.199   -13.635 -0.655  1.00 0.00 ? 8  U A "C5'"  1 
ATOM 235  C "C4'"  . U A 1 8  ? 5.151   -14.480 -1.374  1.00 0.00 ? 8  U A "C4'"  1 
ATOM 236  O "O4'"  . U A 1 8  ? 5.039   -15.752 -0.739  1.00 0.00 ? 8  U A "O4'"  1 
ATOM 237  C "C3'"  . U A 1 8  ? 3.738   -13.947 -1.296  1.00 0.00 ? 8  U A "C3'"  1 
ATOM 238  O "O3'"  . U A 1 8  ? 3.568   -13.002 -2.360  1.00 0.00 ? 8  U A "O3'"  1 
ATOM 239  C "C2'"  . U A 1 8  ? 2.905   -15.182 -1.626  1.00 0.00 ? 8  U A "C2'"  1 
ATOM 240  O "O2'"  . U A 1 8  ? 2.794   -15.358 -3.042  1.00 0.00 ? 8  U A "O2'"  1 
ATOM 241  C "C1'"  . U A 1 8  ? 3.742   -16.315 -1.010  1.00 0.00 ? 8  U A "C1'"  1 
ATOM 242  N N1     . U A 1 8  ? 3.160   -16.802 0.258   1.00 0.00 ? 8  U A N1     1 
ATOM 243  C C2     . U A 1 8  ? 2.138   -17.731 0.178   1.00 0.00 ? 8  U A C2     1 
ATOM 244  O O2     . U A 1 8  ? 1.726   -18.173 -0.888  1.00 0.00 ? 8  U A O2     1 
ATOM 245  N N3     . U A 1 8  ? 1.603   -18.144 1.377   1.00 0.00 ? 8  U A N3     1 
ATOM 246  C C4     . U A 1 8  ? 1.991   -17.721 2.630   1.00 0.00 ? 8  U A C4     1 
ATOM 247  O O4     . U A 1 8  ? 1.431   -18.167 3.626   1.00 0.00 ? 8  U A O4     1 
ATOM 248  C C5     . U A 1 8  ? 3.064   -16.754 2.636   1.00 0.00 ? 8  U A C5     1 
ATOM 249  C C6     . U A 1 8  ? 3.604   -16.332 1.467   1.00 0.00 ? 8  U A C6     1 
ATOM 250  H "H5'"  . U A 1 8  ? 7.163   -14.144 -0.708  1.00 0.00 ? 8  U A "H5'"  1 
ATOM 251  H "H5''" . U A 1 8  ? 6.280   -12.669 -1.156  1.00 0.00 ? 8  U A "H5''" 1 
ATOM 252  H "H4'"  . U A 1 8  ? 5.454   -14.621 -2.412  1.00 0.00 ? 8  U A "H4'"  1 
ATOM 253  H "H3'"  . U A 1 8  ? 3.495   -13.514 -0.325  1.00 0.00 ? 8  U A "H3'"  1 
ATOM 254  H "H2'"  . U A 1 8  ? 1.922   -15.128 -1.160  1.00 0.00 ? 8  U A "H2'"  1 
ATOM 255  H "HO2'" . U A 1 8  ? 1.855   -15.360 -3.257  1.00 0.00 ? 8  U A "HO2'" 1 
ATOM 256  H "H1'"  . U A 1 8  ? 3.847   -17.147 -1.708  1.00 0.00 ? 8  U A "H1'"  1 
ATOM 257  H H3     . U A 1 8  ? 0.852   -18.817 1.334   1.00 0.00 ? 8  U A H3     1 
ATOM 258  H H5     . U A 1 8  ? 3.439   -16.363 3.582   1.00 0.00 ? 8  U A H5     1 
ATOM 259  H H6     . U A 1 8  ? 4.414   -15.601 1.489   1.00 0.00 ? 8  U A H6     1 
ATOM 260  P P      . G A 1 9  ? 2.310   -11.993 -2.366  1.00 0.00 ? 9  G A P      1 
ATOM 261  O OP1    . G A 1 9  ? 2.559   -10.949 -3.386  1.00 0.00 ? 9  G A OP1    1 
ATOM 262  O OP2    . G A 1 9  ? 2.019   -11.606 -0.968  1.00 0.00 ? 9  G A OP2    1 
ATOM 263  O "O5'"  . G A 1 9  ? 1.107   -12.932 -2.889  1.00 0.00 ? 9  G A "O5'"  1 
ATOM 264  C "C5'"  . G A 1 9  ? 1.099   -13.425 -4.234  1.00 0.00 ? 9  G A "C5'"  1 
ATOM 265  C "C4'"  . G A 1 9  ? -0.016  -14.442 -4.464  1.00 0.00 ? 9  G A "C4'"  1 
ATOM 266  O "O4'"  . G A 1 9  ? 0.077   -15.488 -3.488  1.00 0.00 ? 9  G A "O4'"  1 
ATOM 267  C "C3'"  . G A 1 9  ? -1.424  -13.915 -4.269  1.00 0.00 ? 9  G A "C3'"  1 
ATOM 268  O "O3'"  . G A 1 9  ? -1.849  -13.330 -5.509  1.00 0.00 ? 9  G A "O3'"  1 
ATOM 269  C "C2'"  . G A 1 9  ? -2.201  -15.207 -4.073  1.00 0.00 ? 9  G A "C2'"  1 
ATOM 270  O "O2'"  . G A 1 9  ? -2.381  -15.890 -5.318  1.00 0.00 ? 9  G A "O2'"  1 
ATOM 271  C "C1'"  . G A 1 9  ? -1.242  -15.980 -3.165  1.00 0.00 ? 9  G A "C1'"  1 
ATOM 272  N N9     . G A 1 9  ? -1.508  -15.736 -1.733  1.00 0.00 ? 9  G A N9     1 
ATOM 273  C C8     . G A 1 9  ? -0.797  -14.966 -0.849  1.00 0.00 ? 9  G A C8     1 
ATOM 274  N N7     . G A 1 9  ? -1.294  -14.956 0.357   1.00 0.00 ? 9  G A N7     1 
ATOM 275  C C5     . G A 1 9  ? -2.414  -15.775 0.263   1.00 0.00 ? 9  G A C5     1 
ATOM 276  C C6     . G A 1 9  ? -3.363  -16.147 1.257   1.00 0.00 ? 9  G A C6     1 
ATOM 277  O O6     . G A 1 9  ? -3.396  -15.826 2.443   1.00 0.00 ? 9  G A O6     1 
ATOM 278  N N1     . G A 1 9  ? -4.333  -16.985 0.746   1.00 0.00 ? 9  G A N1     1 
ATOM 279  C C2     . G A 1 9  ? -4.394  -17.419 -0.552  1.00 0.00 ? 9  G A C2     1 
ATOM 280  N N2     . G A 1 9  ? -5.395  -18.227 -0.866  1.00 0.00 ? 9  G A N2     1 
ATOM 281  N N3     . G A 1 9  ? -3.516  -17.084 -1.495  1.00 0.00 ? 9  G A N3     1 
ATOM 282  C C4     . G A 1 9  ? -2.554  -16.260 -1.015  1.00 0.00 ? 9  G A C4     1 
ATOM 283  H "H5'"  . G A 1 9  ? 2.058   -13.901 -4.443  1.00 0.00 ? 9  G A "H5'"  1 
ATOM 284  H "H5''" . G A 1 9  ? 0.963   -12.589 -4.920  1.00 0.00 ? 9  G A "H5''" 1 
ATOM 285  H "H4'"  . G A 1 9  ? 0.096   -14.873 -5.459  1.00 0.00 ? 9  G A "H4'"  1 
ATOM 286  H "H3'"  . G A 1 9  ? -1.518  -13.223 -3.432  1.00 0.00 ? 9  G A "H3'"  1 
ATOM 287  H "H2'"  . G A 1 9  ? -3.154  -15.029 -3.580  1.00 0.00 ? 9  G A "H2'"  1 
ATOM 288  H "HO2'" . G A 1 9  ? -3.172  -16.430 -5.233  1.00 0.00 ? 9  G A "HO2'" 1 
ATOM 289  H "H1'"  . G A 1 9  ? -1.290  -17.051 -3.366  1.00 0.00 ? 9  G A "H1'"  1 
ATOM 290  H H8     . G A 1 9  ? 0.096   -14.407 -1.130  1.00 0.00 ? 9  G A H8     1 
ATOM 291  H H1     . G A 1 9  ? -5.049  -17.295 1.381   1.00 0.00 ? 9  G A H1     1 
ATOM 292  H H21    . G A 1 9  ? -6.075  -18.486 -0.166  1.00 0.00 ? 9  G A H21    1 
ATOM 293  H H22    . G A 1 9  ? -5.478  -18.581 -1.807  1.00 0.00 ? 9  G A H22    1 
ATOM 294  P P      . G A 1 10 ? -3.018  -12.220 -5.536  1.00 0.00 ? 10 G A P      1 
ATOM 295  O OP1    . G A 1 10 ? -3.256  -11.833 -6.945  1.00 0.00 ? 10 G A OP1    1 
ATOM 296  O OP2    . G A 1 10 ? -2.694  -11.181 -4.532  1.00 0.00 ? 10 G A OP2    1 
ATOM 297  O "O5'"  . G A 1 10 ? -4.305  -13.040 -5.012  1.00 0.00 ? 10 G A "O5'"  1 
ATOM 298  C "C5'"  . G A 1 10 ? -4.923  -14.036 -5.839  1.00 0.00 ? 10 G A "C5'"  1 
ATOM 299  C "C4'"  . G A 1 10 ? -5.922  -14.884 -5.057  1.00 0.00 ? 10 G A "C4'"  1 
ATOM 300  O "O4'"  . G A 1 10 ? -5.277  -15.451 -3.909  1.00 0.00 ? 10 G A "O4'"  1 
ATOM 301  C "C3'"  . G A 1 10 ? -7.090  -14.127 -4.453  1.00 0.00 ? 10 G A "C3'"  1 
ATOM 302  O "O3'"  . G A 1 10 ? -8.117  -14.036 -5.450  1.00 0.00 ? 10 G A "O3'"  1 
ATOM 303  C "C2'"  . G A 1 10 ? -7.563  -15.107 -3.393  1.00 0.00 ? 10 G A "C2'"  1 
ATOM 304  O "O2'"  . G A 1 10 ? -8.287  -16.190 -3.990  1.00 0.00 ? 10 G A "O2'"  1 
ATOM 305  C "C1'"  . G A 1 10 ? -6.227  -15.596 -2.832  1.00 0.00 ? 10 G A "C1'"  1 
ATOM 306  N N9     . G A 1 10 ? -5.777  -14.797 -1.675  1.00 0.00 ? 10 G A N9     1 
ATOM 307  C C8     . G A 1 10 ? -4.717  -13.929 -1.584  1.00 0.00 ? 10 G A C8     1 
ATOM 308  N N7     . G A 1 10 ? -4.583  -13.387 -0.406  1.00 0.00 ? 10 G A N7     1 
ATOM 309  C C5     . G A 1 10 ? -5.627  -13.931 0.334   1.00 0.00 ? 10 G A C5     1 
ATOM 310  C C6     . G A 1 10 ? -5.996  -13.716 1.689   1.00 0.00 ? 10 G A C6     1 
ATOM 311  O O6     . G A 1 10 ? -5.455  -13.000 2.529   1.00 0.00 ? 10 G A O6     1 
ATOM 312  N N1     . G A 1 10 ? -7.109  -14.456 2.036   1.00 0.00 ? 10 G A N1     1 
ATOM 313  C C2     . G A 1 10 ? -7.787  -15.300 1.197   1.00 0.00 ? 10 G A C2     1 
ATOM 314  N N2     . G A 1 10 ? -8.842  -15.925 1.700   1.00 0.00 ? 10 G A N2     1 
ATOM 315  N N3     . G A 1 10 ? -7.454  -15.515 -0.073  1.00 0.00 ? 10 G A N3     1 
ATOM 316  C C4     . G A 1 10 ? -6.365  -14.796 -0.435  1.00 0.00 ? 10 G A C4     1 
ATOM 317  H "H5'"  . G A 1 10 ? -4.150  -14.688 -6.248  1.00 0.00 ? 10 G A "H5'"  1 
ATOM 318  H "H5''" . G A 1 10 ? -5.442  -13.543 -6.660  1.00 0.00 ? 10 G A "H5''" 1 
ATOM 319  H "H4'"  . G A 1 10 ? -6.280  -15.691 -5.698  1.00 0.00 ? 10 G A "H4'"  1 
ATOM 320  H "H3'"  . G A 1 10 ? -6.815  -13.152 -4.049  1.00 0.00 ? 10 G A "H3'"  1 
ATOM 321  H "H2'"  . G A 1 10 ? -8.156  -14.610 -2.626  1.00 0.00 ? 10 G A "H2'"  1 
ATOM 322  H "HO2'" . G A 1 10 ? -8.955  -15.802 -4.561  1.00 0.00 ? 10 G A "HO2'" 1 
ATOM 323  H "H1'"  . G A 1 10 ? -6.287  -16.645 -2.545  1.00 0.00 ? 10 G A "H1'"  1 
ATOM 324  H H8     . G A 1 10 ? -4.056  -13.705 -2.420  1.00 0.00 ? 10 G A H8     1 
ATOM 325  H H1     . G A 1 10 ? -7.444  -14.361 2.978   1.00 0.00 ? 10 G A H1     1 
ATOM 326  H H21    . G A 1 10 ? -9.128  -15.748 2.652   1.00 0.00 ? 10 G A H21    1 
ATOM 327  H H22    . G A 1 10 ? -9.359  -16.576 1.128   1.00 0.00 ? 10 G A H22    1 
ATOM 328  P P      . G A 1 11 ? -9.274  -12.918 -5.337  1.00 0.00 ? 11 G A P      1 
ATOM 329  O OP1    . G A 1 11 ? -10.224 -13.122 -6.455  1.00 0.00 ? 11 G A OP1    1 
ATOM 330  O OP2    . G A 1 11 ? -8.631  -11.600 -5.148  1.00 0.00 ? 11 G A OP2    1 
ATOM 331  O "O5'"  . G A 1 11 ? -10.018 -13.317 -3.961  1.00 0.00 ? 11 G A "O5'"  1 
ATOM 332  C "C5'"  . G A 1 11 ? -11.083 -14.277 -3.954  1.00 0.00 ? 11 G A "C5'"  1 
ATOM 333  C "C4'"  . G A 1 11 ? -11.856 -14.253 -2.637  1.00 0.00 ? 11 G A "C4'"  1 
ATOM 334  O "O4'"  . G A 1 11 ? -10.996 -14.650 -1.563  1.00 0.00 ? 11 G A "O4'"  1 
ATOM 335  C "C3'"  . G A 1 11 ? -12.341 -12.883 -2.205  1.00 0.00 ? 11 G A "C3'"  1 
ATOM 336  O "O3'"  . G A 1 11 ? -13.614 -12.656 -2.820  1.00 0.00 ? 11 G A "O3'"  1 
ATOM 337  C "C2'"  . G A 1 11 ? -12.577 -13.096 -0.721  1.00 0.00 ? 11 G A "C2'"  1 
ATOM 338  O "O2'"  . G A 1 11 ? -13.790 -13.823 -0.500  1.00 0.00 ? 11 G A "O2'"  1 
ATOM 339  C "C1'"  . G A 1 11 ? -11.357 -13.947 -0.355  1.00 0.00 ? 11 G A "C1'"  1 
ATOM 340  N N9     . G A 1 11 ? -10.207 -13.131 0.079   1.00 0.00 ? 11 G A N9     1 
ATOM 341  C C8     . G A 1 11 ? -9.123  -12.721 -0.653  1.00 0.00 ? 11 G A C8     1 
ATOM 342  N N7     . G A 1 11 ? -8.269  -12.009 0.029   1.00 0.00 ? 11 G A N7     1 
ATOM 343  C C5     . G A 1 11 ? -8.829  -11.943 1.301   1.00 0.00 ? 11 G A C5     1 
ATOM 344  C C6     . G A 1 11 ? -8.354  -11.301 2.477   1.00 0.00 ? 11 G A C6     1 
ATOM 345  O O6     . G A 1 11 ? -7.324  -10.653 2.633   1.00 0.00 ? 11 G A O6     1 
ATOM 346  N N1     . G A 1 11 ? -9.220  -11.479 3.538   1.00 0.00 ? 11 G A N1     1 
ATOM 347  C C2     . G A 1 11 ? -10.395 -12.183 3.487   1.00 0.00 ? 11 G A C2     1 
ATOM 348  N N2     . G A 1 11 ? -11.099 -12.257 4.606   1.00 0.00 ? 11 G A N2     1 
ATOM 349  N N3     . G A 1 11 ? -10.853 -12.791 2.395   1.00 0.00 ? 11 G A N3     1 
ATOM 350  C C4     . G A 1 11 ? -10.018 -12.628 1.342   1.00 0.00 ? 11 G A C4     1 
ATOM 351  H "H5'"  . G A 1 11 ? -10.669 -15.273 -4.104  1.00 0.00 ? 11 G A "H5'"  1 
ATOM 352  H "H5''" . G A 1 11 ? -11.770 -14.050 -4.770  1.00 0.00 ? 11 G A "H5''" 1 
ATOM 353  H "H4'"  . G A 1 11 ? -12.690 -14.952 -2.702  1.00 0.00 ? 11 G A "H4'"  1 
ATOM 354  H "H3'"  . G A 1 11 ? -11.631 -12.084 -2.419  1.00 0.00 ? 11 G A "H3'"  1 
ATOM 355  H "H2'"  . G A 1 11 ? -12.577 -12.150 -0.179  1.00 0.00 ? 11 G A "H2'"  1 
ATOM 356  H "HO2'" . G A 1 11 ? -14.452 -13.454 -1.090  1.00 0.00 ? 11 G A "HO2'" 1 
ATOM 357  H "H1'"  . G A 1 11 ? -11.604 -14.667 0.424   1.00 0.00 ? 11 G A "H1'"  1 
ATOM 358  H H8     . G A 1 11 ? -8.988  -12.964 -1.707  1.00 0.00 ? 11 G A H8     1 
ATOM 359  H H1     . G A 1 11 ? -8.963  -11.052 4.412   1.00 0.00 ? 11 G A H1     1 
ATOM 360  H H21    . G A 1 11 ? -10.764 -11.806 5.444   1.00 0.00 ? 11 G A H21    1 
ATOM 361  H H22    . G A 1 11 ? -11.970 -12.765 4.618   1.00 0.00 ? 11 G A H22    1 
ATOM 362  P P      . C A 1 12 ? -14.059 -11.167 -3.239  1.00 0.00 ? 12 C A P      1 
ATOM 363  O OP1    . C A 1 12 ? -15.453 -11.220 -3.732  1.00 0.00 ? 12 C A OP1    1 
ATOM 364  O OP2    . C A 1 12 ? -12.995 -10.588 -4.090  1.00 0.00 ? 12 C A OP2    1 
ATOM 365  O "O5'"  . C A 1 12 ? -14.047 -10.391 -1.825  1.00 0.00 ? 12 C A "O5'"  1 
ATOM 366  C "C5'"  . C A 1 12 ? -15.246 -10.256 -1.051  1.00 0.00 ? 12 C A "C5'"  1 
ATOM 367  C "C4'"  . C A 1 12 ? -15.141 -9.108  -0.050  1.00 0.00 ? 12 C A "C4'"  1 
ATOM 368  O "O4'"  . C A 1 12 ? -14.181 -9.428  0.961   1.00 0.00 ? 12 C A "O4'"  1 
ATOM 369  C "C3'"  . C A 1 12 ? -14.615 -7.811  -0.627  1.00 0.00 ? 12 C A "C3'"  1 
ATOM 370  O "O3'"  . C A 1 12 ? -15.733 -7.107  -1.183  1.00 0.00 ? 12 C A "O3'"  1 
ATOM 371  C "C2'"  . C A 1 12 ? -14.171 -7.076  0.628   1.00 0.00 ? 12 C A "C2'"  1 
ATOM 372  O "O2'"  . C A 1 12 ? -15.297 -6.516  1.310   1.00 0.00 ? 12 C A "O2'"  1 
ATOM 373  C "C1'"  . C A 1 12 ? -13.558 -8.222  1.446   1.00 0.00 ? 12 C A "C1'"  1 
ATOM 374  N N1     . C A 1 12 ? -12.092 -8.337  1.269   1.00 0.00 ? 12 C A N1     1 
ATOM 375  C C2     . C A 1 12 ? -11.281 -7.586  2.109   1.00 0.00 ? 12 C A C2     1 
ATOM 376  O O2     . C A 1 12 ? -11.774 -6.847  2.956   1.00 0.00 ? 12 C A O2     1 
ATOM 377  N N3     . C A 1 12 ? -9.931  -7.686  1.976   1.00 0.00 ? 12 C A N3     1 
ATOM 378  C C4     . C A 1 12 ? -9.395  -8.491  1.053   1.00 0.00 ? 12 C A C4     1 
ATOM 379  N N4     . C A 1 12 ? -8.069  -8.542  0.974   1.00 0.00 ? 12 C A N4     1 
ATOM 380  C C5     . C A 1 12 ? -10.221 -9.268  0.182   1.00 0.00 ? 12 C A C5     1 
ATOM 381  C C6     . C A 1 12 ? -11.555 -9.162  0.323   1.00 0.00 ? 12 C A C6     1 
ATOM 382  H "H5'"  . C A 1 12 ? -15.433 -11.183 -0.510  1.00 0.00 ? 12 C A "H5'"  1 
ATOM 383  H "H5''" . C A 1 12 ? -16.083 -10.061 -1.724  1.00 0.00 ? 12 C A "H5''" 1 
ATOM 384  H "H4'"  . C A 1 12 ? -16.114 -8.954  0.418   1.00 0.00 ? 12 C A "H4'"  1 
ATOM 385  H "H3'"  . C A 1 12 ? -13.812 -7.952  -1.352  1.00 0.00 ? 12 C A "H3'"  1 
ATOM 386  H "H2'"  . C A 1 12 ? -13.428 -6.313  0.401   1.00 0.00 ? 12 C A "H2'"  1 
ATOM 387  H "HO2'" . C A 1 12 ? -15.803 -6.018  0.661   1.00 0.00 ? 12 C A "HO2'" 1 
ATOM 388  H "H1'"  . C A 1 12 ? -13.784 -8.102  2.505   1.00 0.00 ? 12 C A "H1'"  1 
ATOM 389  H H41    . C A 1 12 ? -7.502  -8.026  1.636   1.00 0.00 ? 12 C A H41    1 
ATOM 390  H H42    . C A 1 12 ? -7.627  -9.095  0.254   1.00 0.00 ? 12 C A H42    1 
ATOM 391  H H5     . C A 1 12 ? -9.794  -9.927  -0.573  1.00 0.00 ? 12 C A H5     1 
ATOM 392  H H6     . C A 1 12 ? -12.214 -9.745  -0.322  1.00 0.00 ? 12 C A H6     1 
ATOM 393  P P      . U A 1 13 ? -15.642 -6.450  -2.653  1.00 0.00 ? 13 U A P      1 
ATOM 394  O OP1    . U A 1 13 ? -17.014 -6.115  -3.096  1.00 0.00 ? 13 U A OP1    1 
ATOM 395  O OP2    . U A 1 13 ? -14.784 -7.316  -3.493  1.00 0.00 ? 13 U A OP2    1 
ATOM 396  O "O5'"  . U A 1 13 ? -14.848 -5.075  -2.374  1.00 0.00 ? 13 U A "O5'"  1 
ATOM 397  C "C5'"  . U A 1 13 ? -15.528 -3.931  -1.841  1.00 0.00 ? 13 U A "C5'"  1 
ATOM 398  C "C4'"  . U A 1 13 ? -14.554 -2.932  -1.226  1.00 0.00 ? 13 U A "C4'"  1 
ATOM 399  O "O4'"  . U A 1 13 ? -13.788 -3.582  -0.203  1.00 0.00 ? 13 U A "O4'"  1 
ATOM 400  C "C3'"  . U A 1 13 ? -13.493 -2.400  -2.172  1.00 0.00 ? 13 U A "C3'"  1 
ATOM 401  O "O3'"  . U A 1 13 ? -14.030 -1.244  -2.828  1.00 0.00 ? 13 U A "O3'"  1 
ATOM 402  C "C2'"  . U A 1 13 ? -12.427 -1.923  -1.201  1.00 0.00 ? 13 U A "C2'"  1 
ATOM 403  O "O2'"  . U A 1 13 ? -12.805 -0.685  -0.591  1.00 0.00 ? 13 U A "O2'"  1 
ATOM 404  C "C1'"  . U A 1 13 ? -12.448 -3.055  -0.172  1.00 0.00 ? 13 U A "C1'"  1 
ATOM 405  N N1     . U A 1 13 ? -11.497 -4.134  -0.511  1.00 0.00 ? 13 U A N1     1 
ATOM 406  C C2     . U A 1 13 ? -10.196 -3.998  -0.070  1.00 0.00 ? 13 U A C2     1 
ATOM 407  O O2     . U A 1 13 ? -9.821  -3.035  0.594   1.00 0.00 ? 13 U A O2     1 
ATOM 408  N N3     . U A 1 13 ? -9.330  -5.012  -0.417  1.00 0.00 ? 13 U A N3     1 
ATOM 409  C C4     . U A 1 13 ? -9.645  -6.132  -1.154  1.00 0.00 ? 13 U A C4     1 
ATOM 410  O O4     . U A 1 13 ? -8.778  -6.964  -1.401  1.00 0.00 ? 13 U A O4     1 
ATOM 411  C C5     . U A 1 13 ? -11.022 -6.208  -1.579  1.00 0.00 ? 13 U A C5     1 
ATOM 412  C C6     . U A 1 13 ? -11.891 -5.222  -1.247  1.00 0.00 ? 13 U A C6     1 
ATOM 413  H "H5'"  . U A 1 13 ? -16.232 -4.259  -1.074  1.00 0.00 ? 13 U A "H5'"  1 
ATOM 414  H "H5''" . U A 1 13 ? -16.080 -3.440  -2.644  1.00 0.00 ? 13 U A "H5''" 1 
ATOM 415  H "H4'"  . U A 1 13 ? -15.118 -2.111  -0.782  1.00 0.00 ? 13 U A "H4'"  1 
ATOM 416  H "H3'"  . U A 1 13 ? -13.130 -3.146  -2.879  1.00 0.00 ? 13 U A "H3'"  1 
ATOM 417  H "H2'"  . U A 1 13 ? -11.453 -1.846  -1.685  1.00 0.00 ? 13 U A "H2'"  1 
ATOM 418  H "HO2'" . U A 1 13 ? -13.200 -0.135  -1.276  1.00 0.00 ? 13 U A "HO2'" 1 
ATOM 419  H "H1'"  . U A 1 13 ? -12.229 -2.678  0.827   1.00 0.00 ? 13 U A "H1'"  1 
ATOM 420  H H3     . U A 1 13 ? -8.374  -4.927  -0.101  1.00 0.00 ? 13 U A H3     1 
ATOM 421  H H5     . U A 1 13 ? -11.364 -7.060  -2.166  1.00 0.00 ? 13 U A H5     1 
ATOM 422  H H6     . U A 1 13 ? -12.930 -5.298  -1.572  1.00 0.00 ? 13 U A H6     1 
ATOM 423  P P      . A A 1 14 ? -13.682 -0.941  -4.373  1.00 0.00 ? 14 A A P      1 
ATOM 424  O OP1    . A A 1 14 ? -14.863 -1.296  -5.192  1.00 0.00 ? 14 A A OP1    1 
ATOM 425  O OP2    . A A 1 14 ? -12.366 -1.546  -4.679  1.00 0.00 ? 14 A A OP2    1 
ATOM 426  O "O5'"  . A A 1 14 ? -13.516 0.663   -4.394  1.00 0.00 ? 14 A A "O5'"  1 
ATOM 427  C "C5'"  . A A 1 14 ? -14.575 1.516   -3.939  1.00 0.00 ? 14 A A "C5'"  1 
ATOM 428  C "C4'"  . A A 1 14 ? -14.134 2.385   -2.763  1.00 0.00 ? 14 A A "C4'"  1 
ATOM 429  O "O4'"  . A A 1 14 ? -13.509 1.559   -1.771  1.00 0.00 ? 14 A A "O4'"  1 
ATOM 430  C "C3'"  . A A 1 14 ? -13.065 3.415   -3.082  1.00 0.00 ? 14 A A "C3'"  1 
ATOM 431  O "O3'"  . A A 1 14 ? -13.729 4.608   -3.531  1.00 0.00 ? 14 A A "O3'"  1 
ATOM 432  C "C2'"  . A A 1 14 ? -12.493 3.695   -1.701  1.00 0.00 ? 14 A A "C2'"  1 
ATOM 433  O "O2'"  . A A 1 14 ? -13.374 4.529   -0.942  1.00 0.00 ? 14 A A "O2'"  1 
ATOM 434  C "C1'"  . A A 1 14 ? -12.452 2.285   -1.112  1.00 0.00 ? 14 A A "C1'"  1 
ATOM 435  N N9     . A A 1 14 ? -11.168 1.607   -1.373  1.00 0.00 ? 14 A A N9     1 
ATOM 436  C C8     . A A 1 14 ? -10.855 0.705   -2.358  1.00 0.00 ? 14 A A C8     1 
ATOM 437  N N7     . A A 1 14 ? -9.615  0.300   -2.321  1.00 0.00 ? 14 A A N7     1 
ATOM 438  C C5     . A A 1 14 ? -9.075  0.982   -1.235  1.00 0.00 ? 14 A A C5     1 
ATOM 439  C C6     . A A 1 14 ? -7.793  0.996   -0.658  1.00 0.00 ? 14 A A C6     1 
ATOM 440  N N6     . A A 1 14 ? -6.771  0.276   -1.113  1.00 0.00 ? 14 A A N6     1 
ATOM 441  N N1     . A A 1 14 ? -7.596  1.784   0.408   1.00 0.00 ? 14 A A N1     1 
ATOM 442  C C2     . A A 1 14 ? -8.608  2.509   0.870   1.00 0.00 ? 14 A A C2     1 
ATOM 443  N N3     . A A 1 14 ? -9.851  2.586   0.422   1.00 0.00 ? 14 A A N3     1 
ATOM 444  C C4     . A A 1 14 ? -10.013 1.782   -0.650  1.00 0.00 ? 14 A A C4     1 
ATOM 445  H "H5'"  . A A 1 14 ? -15.419 0.900   -3.626  1.00 0.00 ? 14 A A "H5'"  1 
ATOM 446  H "H5''" . A A 1 14 ? -14.891 2.161   -4.759  1.00 0.00 ? 14 A A "H5''" 1 
ATOM 447  H "H4'"  . A A 1 14 ? -15.012 2.864   -2.328  1.00 0.00 ? 14 A A "H4'"  1 
ATOM 448  H "H3'"  . A A 1 14 ? -12.320 3.063   -3.795  1.00 0.00 ? 14 A A "H3'"  1 
ATOM 449  H "H2'"  . A A 1 14 ? -11.495 4.126   -1.764  1.00 0.00 ? 14 A A "H2'"  1 
ATOM 450  H "HO2'" . A A 1 14 ? -12.824 5.143   -0.447  1.00 0.00 ? 14 A A "HO2'" 1 
ATOM 451  H "H1'"  . A A 1 14 ? -12.640 2.305   -0.038  1.00 0.00 ? 14 A A "H1'"  1 
ATOM 452  H H8     . A A 1 14 ? -11.573 0.360   -3.100  1.00 0.00 ? 14 A A H8     1 
ATOM 453  H H61    . A A 1 14 ? -5.881  0.312   -0.641  1.00 0.00 ? 14 A A H61    1 
ATOM 454  H H62    . A A 1 14 ? -6.887  -0.302  -1.932  1.00 0.00 ? 14 A A H62    1 
ATOM 455  H H2     . A A 1 14 ? -8.383  3.129   1.738   1.00 0.00 ? 14 A A H2     1 
ATOM 456  P P      . G A 1 15 ? -12.896 5.819   -4.201  1.00 0.00 ? 15 G A P      1 
ATOM 457  O OP1    . G A 1 15 ? -13.862 6.821   -4.705  1.00 0.00 ? 15 G A OP1    1 
ATOM 458  O OP2    . G A 1 15 ? -11.891 5.237   -5.120  1.00 0.00 ? 15 G A OP2    1 
ATOM 459  O "O5'"  . G A 1 15 ? -12.112 6.461   -2.945  1.00 0.00 ? 15 G A "O5'"  1 
ATOM 460  C "C5'"  . G A 1 15 ? -12.833 7.051   -1.853  1.00 0.00 ? 15 G A "C5'"  1 
ATOM 461  C "C4'"  . G A 1 15 ? -11.956 7.208   -0.613  1.00 0.00 ? 15 G A "C4'"  1 
ATOM 462  O "O4'"  . G A 1 15 ? -11.320 5.955   -0.321  1.00 0.00 ? 15 G A "O4'"  1 
ATOM 463  C "C3'"  . G A 1 15 ? -10.790 8.168   -0.761  1.00 0.00 ? 15 G A "C3'"  1 
ATOM 464  O "O3'"  . G A 1 15 ? -11.254 9.478   -0.403  1.00 0.00 ? 15 G A "O3'"  1 
ATOM 465  C "C2'"  . G A 1 15 ? -9.860  7.690   0.341   1.00 0.00 ? 15 G A "C2'"  1 
ATOM 466  O "O2'"  . G A 1 15 ? -10.344 8.102   1.623   1.00 0.00 ? 15 G A "O2'"  1 
ATOM 467  C "C1'"  . G A 1 15 ? -9.986  6.175   0.183   1.00 0.00 ? 15 G A "C1'"  1 
ATOM 468  N N9     . G A 1 15 ? -9.021  5.632   -0.793  1.00 0.00 ? 15 G A N9     1 
ATOM 469  C C8     . G A 1 15 ? -9.180  5.462   -2.145  1.00 0.00 ? 15 G A C8     1 
ATOM 470  N N7     . G A 1 15 ? -8.133  4.963   -2.739  1.00 0.00 ? 15 G A N7     1 
ATOM 471  C C5     . G A 1 15 ? -7.214  4.789   -1.709  1.00 0.00 ? 15 G A C5     1 
ATOM 472  C C6     . G A 1 15 ? -5.888  4.279   -1.746  1.00 0.00 ? 15 G A C6     1 
ATOM 473  O O6     . G A 1 15 ? -5.250  3.878   -2.714  1.00 0.00 ? 15 G A O6     1 
ATOM 474  N N1     . G A 1 15 ? -5.310  4.272   -0.491  1.00 0.00 ? 15 G A N1     1 
ATOM 475  C C2     . G A 1 15 ? -5.920  4.701   0.659   1.00 0.00 ? 15 G A C2     1 
ATOM 476  N N2     . G A 1 15 ? -5.214  4.625   1.777   1.00 0.00 ? 15 G A N2     1 
ATOM 477  N N3     . G A 1 15 ? -7.162  5.183   0.712   1.00 0.00 ? 15 G A N3     1 
ATOM 478  C C4     . G A 1 15 ? -7.748  5.197   -0.510  1.00 0.00 ? 15 G A C4     1 
ATOM 479  H "H5'"  . G A 1 15 ? -13.684 6.416   -1.606  1.00 0.00 ? 15 G A "H5'"  1 
ATOM 480  H "H5''" . G A 1 15 ? -13.200 8.032   -2.156  1.00 0.00 ? 15 G A "H5''" 1 
ATOM 481  H "H4'"  . G A 1 15 ? -12.583 7.494   0.232   1.00 0.00 ? 15 G A "H4'"  1 
ATOM 482  H "H3'"  . G A 1 15 ? -10.333 8.148   -1.752  1.00 0.00 ? 15 G A "H3'"  1 
ATOM 483  H "H2'"  . G A 1 15 ? -8.837  8.022   0.176   1.00 0.00 ? 15 G A "H2'"  1 
ATOM 484  H "HO2'" . G A 1 15 ? -10.639 9.011   1.535   1.00 0.00 ? 15 G A "HO2'" 1 
ATOM 485  H "H1'"  . G A 1 15 ? -9.867  5.666   1.140   1.00 0.00 ? 15 G A "H1'"  1 
ATOM 486  H H8     . G A 1 15 ? -10.097 5.722   -2.674  1.00 0.00 ? 15 G A H8     1 
ATOM 487  H H1     . G A 1 15 ? -4.366  3.926   -0.424  1.00 0.00 ? 15 G A H1     1 
ATOM 488  H H21    . G A 1 15 ? -4.278  4.246   1.757   1.00 0.00 ? 15 G A H21    1 
ATOM 489  H H22    . G A 1 15 ? -5.612  4.948   2.645   1.00 0.00 ? 15 G A H22    1 
ATOM 490  P P      . C A 1 16 ? -10.525 10.797  -0.975  1.00 0.00 ? 16 C A P      1 
ATOM 491  O OP1    . C A 1 16 ? -11.270 11.984  -0.498  1.00 0.00 ? 16 C A OP1    1 
ATOM 492  O OP2    . C A 1 16 ? -10.291 10.606  -2.425  1.00 0.00 ? 16 C A OP2    1 
ATOM 493  O "O5'"  . C A 1 16 ? -9.096  10.763  -0.228  1.00 0.00 ? 16 C A "O5'"  1 
ATOM 494  C "C5'"  . C A 1 16 ? -9.004  10.990  1.184   1.00 0.00 ? 16 C A "C5'"  1 
ATOM 495  C "C4'"  . C A 1 16 ? -7.704  10.443  1.766   1.00 0.00 ? 16 C A "C4'"  1 
ATOM 496  O "O4'"  . C A 1 16 ? -7.537  9.078   1.366   1.00 0.00 ? 16 C A "O4'"  1 
ATOM 497  C "C3'"  . C A 1 16 ? -6.437  11.104  1.261   1.00 0.00 ? 16 C A "C3'"  1 
ATOM 498  O "O3'"  . C A 1 16 ? -6.201  12.257  2.083   1.00 0.00 ? 16 C A "O3'"  1 
ATOM 499  C "C2'"  . C A 1 16 ? -5.388  10.056  1.607   1.00 0.00 ? 16 C A "C2'"  1 
ATOM 500  O "O2'"  . C A 1 16 ? -5.057  10.105  2.999   1.00 0.00 ? 16 C A "O2'"  1 
ATOM 501  C "C1'"  . C A 1 16 ? -6.134  8.758   1.275   1.00 0.00 ? 16 C A "C1'"  1 
ATOM 502  N N1     . C A 1 16 ? -5.836  8.264   -0.089  1.00 0.00 ? 16 C A N1     1 
ATOM 503  C C2     . C A 1 16 ? -4.680  7.517   -0.259  1.00 0.00 ? 16 C A C2     1 
ATOM 504  O O2     . C A 1 16 ? -3.952  7.276   0.698   1.00 0.00 ? 16 C A O2     1 
ATOM 505  N N3     . C A 1 16 ? -4.376  7.053   -1.500  1.00 0.00 ? 16 C A N3     1 
ATOM 506  C C4     . C A 1 16 ? -5.178  7.310   -2.539  1.00 0.00 ? 16 C A C4     1 
ATOM 507  N N4     . C A 1 16 ? -4.823  6.825   -3.726  1.00 0.00 ? 16 C A N4     1 
ATOM 508  C C5     . C A 1 16 ? -6.373  8.077   -2.375  1.00 0.00 ? 16 C A C5     1 
ATOM 509  C C6     . C A 1 16 ? -6.662  8.534   -1.141  1.00 0.00 ? 16 C A C6     1 
ATOM 510  H "H5'"  . C A 1 16 ? -9.844  10.502  1.679   1.00 0.00 ? 16 C A "H5'"  1 
ATOM 511  H "H5''" . C A 1 16 ? -9.054  12.062  1.377   1.00 0.00 ? 16 C A "H5''" 1 
ATOM 512  H "H4'"  . C A 1 16 ? -7.753  10.492  2.854   1.00 0.00 ? 16 C A "H4'"  1 
ATOM 513  H "H3'"  . C A 1 16 ? -6.470  11.351  0.199   1.00 0.00 ? 16 C A "H3'"  1 
ATOM 514  H "H2'"  . C A 1 16 ? -4.500  10.167  0.986   1.00 0.00 ? 16 C A "H2'"  1 
ATOM 515  H "HO2'" . C A 1 16 ? -4.121  10.320  3.062   1.00 0.00 ? 16 C A "HO2'" 1 
ATOM 516  H "H1'"  . C A 1 16 ? -5.897  7.979   2.000   1.00 0.00 ? 16 C A "H1'"  1 
ATOM 517  H H41    . C A 1 16 ? -3.942  6.337   -3.830  1.00 0.00 ? 16 C A H41    1 
ATOM 518  H H42    . C A 1 16 ? -5.432  6.944   -4.521  1.00 0.00 ? 16 C A H42    1 
ATOM 519  H H5     . C A 1 16 ? -7.039  8.284   -3.213  1.00 0.00 ? 16 C A H5     1 
ATOM 520  H H6     . C A 1 16 ? -7.561  9.130   -0.983  1.00 0.00 ? 16 C A H6     1 
ATOM 521  P P      . G A 1 17 ? -5.121  13.377  1.657   1.00 0.00 ? 17 G A P      1 
ATOM 522  O OP1    . G A 1 17 ? -5.396  14.607  2.433   1.00 0.00 ? 17 G A OP1    1 
ATOM 523  O OP2    . G A 1 17 ? -5.071  13.434  0.177   1.00 0.00 ? 17 G A OP2    1 
ATOM 524  O "O5'"  . G A 1 17 ? -3.731  12.750  2.181   1.00 0.00 ? 17 G A "O5'"  1 
ATOM 525  C "C5'"  . G A 1 17 ? -3.513  12.507  3.577   1.00 0.00 ? 17 G A "C5'"  1 
ATOM 526  C "C4'"  . G A 1 17 ? -2.300  11.611  3.806   1.00 0.00 ? 17 G A "C4'"  1 
ATOM 527  O "O4'"  . G A 1 17 ? -2.448  10.414  3.030   1.00 0.00 ? 17 G A "O4'"  1 
ATOM 528  C "C3'"  . G A 1 17 ? -0.978  12.187  3.327   1.00 0.00 ? 17 G A "C3'"  1 
ATOM 529  O "O3'"  . G A 1 17 ? -0.402  12.914  4.421   1.00 0.00 ? 17 G A "O3'"  1 
ATOM 530  C "C2'"  . G A 1 17 ? -0.144  10.935  3.119   1.00 0.00 ? 17 G A "C2'"  1 
ATOM 531  O "O2'"  . G A 1 17 ? 0.312   10.417  4.374   1.00 0.00 ? 17 G A "O2'"  1 
ATOM 532  C "C1'"  . G A 1 17 ? -1.177  10.000  2.493   1.00 0.00 ? 17 G A "C1'"  1 
ATOM 533  N N9     . G A 1 17 ? -1.231  10.124  1.024   1.00 0.00 ? 17 G A N9     1 
ATOM 534  C C8     . G A 1 17 ? -2.140  10.812  0.261   1.00 0.00 ? 17 G A C8     1 
ATOM 535  N N7     . G A 1 17 ? -1.938  10.703  -1.021  1.00 0.00 ? 17 G A N7     1 
ATOM 536  C C5     . G A 1 17 ? -0.815  9.891   -1.115  1.00 0.00 ? 17 G A C5     1 
ATOM 537  C C6     . G A 1 17 ? -0.123  9.424   -2.265  1.00 0.00 ? 17 G A C6     1 
ATOM 538  O O6     . G A 1 17 ? -0.374  9.638   -3.446  1.00 0.00 ? 17 G A O6     1 
ATOM 539  N N1     . G A 1 17 ? 0.953   8.633   -1.923  1.00 0.00 ? 17 G A N1     1 
ATOM 540  C C2     . G A 1 17 ? 1.330   8.323   -0.644  1.00 0.00 ? 17 G A C2     1 
ATOM 541  N N2     . G A 1 17 ? 2.398   7.553   -0.510  1.00 0.00 ? 17 G A N2     1 
ATOM 542  N N3     . G A 1 17 ? 0.694   8.750   0.448   1.00 0.00 ? 17 G A N3     1 
ATOM 543  C C4     . G A 1 17 ? -0.370  9.530   0.133   1.00 0.00 ? 17 G A C4     1 
ATOM 544  H "H5'"  . G A 1 17 ? -4.395  12.023  3.996   1.00 0.00 ? 17 G A "H5'"  1 
ATOM 545  H "H5''" . G A 1 17 ? -3.354  13.459  4.085   1.00 0.00 ? 17 G A "H5''" 1 
ATOM 546  H "H4'"  . G A 1 17 ? -2.244  11.348  4.863   1.00 0.00 ? 17 G A "H4'"  1 
ATOM 547  H "H3'"  . G A 1 17 ? -1.072  12.798  2.428   1.00 0.00 ? 17 G A "H3'"  1 
ATOM 548  H "H2'"  . G A 1 17 ? 0.688   11.117  2.439   1.00 0.00 ? 17 G A "H2'"  1 
ATOM 549  H "HO2'" . G A 1 17 ? 0.520   11.170  4.931   1.00 0.00 ? 17 G A "HO2'" 1 
ATOM 550  H "H1'"  . G A 1 17 ? -0.987  8.963   2.766   1.00 0.00 ? 17 G A "H1'"  1 
ATOM 551  H H8     . G A 1 17 ? -2.949  11.404  0.689   1.00 0.00 ? 17 G A H8     1 
ATOM 552  H H1     . G A 1 17 ? 1.498   8.252   -2.680  1.00 0.00 ? 17 G A H1     1 
ATOM 553  H H21    . G A 1 17 ? 2.886   7.221   -1.331  1.00 0.00 ? 17 G A H21    1 
ATOM 554  H H22    . G A 1 17 ? 2.723   7.297   0.410   1.00 0.00 ? 17 G A H22    1 
ATOM 555  P P      . C A 1 18 ? 0.651   14.103  4.150   1.00 0.00 ? 18 C A P      1 
ATOM 556  O OP1    . C A 1 18 ? 1.142   14.594  5.458   1.00 0.00 ? 18 C A OP1    1 
ATOM 557  O OP2    . C A 1 18 ? 0.047   15.050  3.186   1.00 0.00 ? 18 C A OP2    1 
ATOM 558  O "O5'"  . C A 1 18 ? 1.862   13.338  3.410   1.00 0.00 ? 18 C A "O5'"  1 
ATOM 559  C "C5'"  . C A 1 18 ? 2.814   12.573  4.159   1.00 0.00 ? 18 C A "C5'"  1 
ATOM 560  C "C4'"  . C A 1 18 ? 3.835   11.895  3.249   1.00 0.00 ? 18 C A "C4'"  1 
ATOM 561  O "O4'"  . C A 1 18 ? 3.163   10.991  2.362   1.00 0.00 ? 18 C A "O4'"  1 
ATOM 562  C "C3'"  . C A 1 18 ? 4.570   12.827  2.304   1.00 0.00 ? 18 C A "C3'"  1 
ATOM 563  O "O3'"  . C A 1 18 ? 5.719   13.334  2.997   1.00 0.00 ? 18 C A "O3'"  1 
ATOM 564  C "C2'"  . C A 1 18 ? 5.059   11.859  1.242   1.00 0.00 ? 18 C A "C2'"  1 
ATOM 565  O "O2'"  . C A 1 18 ? 6.186   11.115  1.708   1.00 0.00 ? 18 C A "O2'"  1 
ATOM 566  C "C1'"  . C A 1 18 ? 3.834   10.955  1.086   1.00 0.00 ? 18 C A "C1'"  1 
ATOM 567  N N1     . C A 1 18 ? 2.908   11.444  0.043   1.00 0.00 ? 18 C A N1     1 
ATOM 568  C C2     . C A 1 18 ? 3.092   10.980  -1.253  1.00 0.00 ? 18 C A C2     1 
ATOM 569  O O2     . C A 1 18 ? 3.989   10.181  -1.507  1.00 0.00 ? 18 C A O2     1 
ATOM 570  N N3     . C A 1 18 ? 2.262   11.428  -2.232  1.00 0.00 ? 18 C A N3     1 
ATOM 571  C C4     . C A 1 18 ? 1.287   12.299  -1.952  1.00 0.00 ? 18 C A C4     1 
ATOM 572  N N4     . C A 1 18 ? 0.510   12.697  -2.955  1.00 0.00 ? 18 C A N4     1 
ATOM 573  C C5     . C A 1 18 ? 1.088   12.782  -0.622  1.00 0.00 ? 18 C A C5     1 
ATOM 574  C C6     . C A 1 18 ? 1.915   12.332  0.339   1.00 0.00 ? 18 C A C6     1 
ATOM 575  H "H5'"  . C A 1 18 ? 2.290   11.810  4.734   1.00 0.00 ? 18 C A "H5'"  1 
ATOM 576  H "H5''" . C A 1 18 ? 3.340   13.237  4.847   1.00 0.00 ? 18 C A "H5''" 1 
ATOM 577  H "H4'"  . C A 1 18 ? 4.541   11.334  3.863   1.00 0.00 ? 18 C A "H4'"  1 
ATOM 578  H "H3'"  . C A 1 18 ? 3.942   13.625  1.907   1.00 0.00 ? 18 C A "H3'"  1 
ATOM 579  H "H2'"  . C A 1 18 ? 5.285   12.375  0.311   1.00 0.00 ? 18 C A "H2'"  1 
ATOM 580  H "HO2'" . C A 1 18 ? 6.876   11.196  1.042   1.00 0.00 ? 18 C A "HO2'" 1 
ATOM 581  H "H1'"  . C A 1 18 ? 4.130   9.930   0.861   1.00 0.00 ? 18 C A "H1'"  1 
ATOM 582  H H41    . C A 1 18 ? 0.657   12.327  -3.885  1.00 0.00 ? 18 C A H41    1 
ATOM 583  H H42    . C A 1 18 ? -0.225  13.369  -2.789  1.00 0.00 ? 18 C A H42    1 
ATOM 584  H H5     . C A 1 18 ? 0.297   13.493  -0.385  1.00 0.00 ? 18 C A H5     1 
ATOM 585  H H6     . C A 1 18 ? 1.791   12.681  1.364   1.00 0.00 ? 18 C A H6     1 
ATOM 586  P P      . C A 1 19 ? 6.508   14.625  2.441   1.00 0.00 ? 19 C A P      1 
ATOM 587  O OP1    . C A 1 19 ? 7.416   15.113  3.501   1.00 0.00 ? 19 C A OP1    1 
ATOM 588  O OP2    . C A 1 19 ? 5.517   15.547  1.841   1.00 0.00 ? 19 C A OP2    1 
ATOM 589  O "O5'"  . C A 1 19 ? 7.402   14.015  1.244   1.00 0.00 ? 19 C A "O5'"  1 
ATOM 590  C "C5'"  . C A 1 19 ? 8.357   12.971  1.486   1.00 0.00 ? 19 C A "C5'"  1 
ATOM 591  C "C4'"  . C A 1 19 ? 8.737   12.251  0.194   1.00 0.00 ? 19 C A "C4'"  1 
ATOM 592  O "O4'"  . C A 1 19 ? 7.542   11.774  -0.443  1.00 0.00 ? 19 C A "O4'"  1 
ATOM 593  C "C3'"  . C A 1 19 ? 9.376   13.132  -0.868  1.00 0.00 ? 19 C A "C3'"  1 
ATOM 594  O "O3'"  . C A 1 19 ? 10.798  13.115  -0.666  1.00 0.00 ? 19 C A "O3'"  1 
ATOM 595  C "C2'"  . C A 1 19 ? 9.080   12.350  -2.137  1.00 0.00 ? 19 C A "C2'"  1 
ATOM 596  O "O2'"  . C A 1 19 ? 9.940   11.211  -2.251  1.00 0.00 ? 19 C A "O2'"  1 
ATOM 597  C "C1'"  . C A 1 19 ? 7.644   11.909  -1.875  1.00 0.00 ? 19 C A "C1'"  1 
ATOM 598  N N1     . C A 1 19 ? 6.657   12.919  -2.322  1.00 0.00 ? 19 C A N1     1 
ATOM 599  C C2     . C A 1 19 ? 6.252   12.889  -3.649  1.00 0.00 ? 19 C A C2     1 
ATOM 600  O O2     . C A 1 19 ? 6.725   12.068  -4.428  1.00 0.00 ? 19 C A O2     1 
ATOM 601  N N3     . C A 1 19 ? 5.332   13.798  -4.073  1.00 0.00 ? 19 C A N3     1 
ATOM 602  C C4     . C A 1 19 ? 4.830   14.705  -3.225  1.00 0.00 ? 19 C A C4     1 
ATOM 603  N N4     . C A 1 19 ? 3.932   15.563  -3.696  1.00 0.00 ? 19 C A N4     1 
ATOM 604  C C5     . C A 1 19 ? 5.243   14.744  -1.859  1.00 0.00 ? 19 C A C5     1 
ATOM 605  C C6     . C A 1 19 ? 6.152   13.842  -1.452  1.00 0.00 ? 19 C A C6     1 
ATOM 606  H "H5'"  . C A 1 19 ? 7.929   12.248  2.182   1.00 0.00 ? 19 C A "H5'"  1 
ATOM 607  H "H5''" . C A 1 19 ? 9.253   13.403  1.928   1.00 0.00 ? 19 C A "H5''" 1 
ATOM 608  H "H4'"  . C A 1 19 ? 9.381   11.403  0.431   1.00 0.00 ? 19 C A "H4'"  1 
ATOM 609  H "H3'"  . C A 1 19 ? 8.977   14.147  -0.886  1.00 0.00 ? 19 C A "H3'"  1 
ATOM 610  H "H2'"  . C A 1 19 ? 9.145   12.982  -3.020  1.00 0.00 ? 19 C A "H2'"  1 
ATOM 611  H "HO2'" . C A 1 19 ? 10.014  11.004  -3.186  1.00 0.00 ? 19 C A "HO2'" 1 
ATOM 612  H "H1'"  . C A 1 19 ? 7.431   10.952  -2.350  1.00 0.00 ? 19 C A "H1'"  1 
ATOM 613  H H41    . C A 1 19 ? 3.593   15.470  -4.644  1.00 0.00 ? 19 C A H41    1 
ATOM 614  H H42    . C A 1 19 ? 3.586   16.307  -3.108  1.00 0.00 ? 19 C A H42    1 
ATOM 615  H H5     . C A 1 19 ? 4.838   15.476  -1.160  1.00 0.00 ? 19 C A H5     1 
ATOM 616  H H6     . C A 1 19 ? 6.493   13.851  -0.417  1.00 0.00 ? 19 C A H6     1 
ATOM 617  P P      . A A 1 20 ? 11.747  14.188  -1.410  1.00 0.00 ? 20 A A P      1 
ATOM 618  O OP1    . A A 1 20 ? 13.158  13.841  -1.126  1.00 0.00 ? 20 A A OP1    1 
ATOM 619  O OP2    . A A 1 20 ? 11.245  15.546  -1.099  1.00 0.00 ? 20 A A OP2    1 
ATOM 620  O "O5'"  . A A 1 20 ? 11.464  13.895  -2.971  1.00 0.00 ? 20 A A "O5'"  1 
ATOM 621  C "C5'"  . A A 1 20 ? 11.907  12.674  -3.577  1.00 0.00 ? 20 A A "C5'"  1 
ATOM 622  C "C4'"  . A A 1 20 ? 11.329  12.485  -4.977  1.00 0.00 ? 20 A A "C4'"  1 
ATOM 623  O "O4'"  . A A 1 20 ? 9.899   12.578  -4.933  1.00 0.00 ? 20 A A "O4'"  1 
ATOM 624  C "C3'"  . A A 1 20 ? 11.705  13.554  -5.982  1.00 0.00 ? 20 A A "C3'"  1 
ATOM 625  O "O3'"  . A A 1 20 ? 12.966  13.188  -6.558  1.00 0.00 ? 20 A A "O3'"  1 
ATOM 626  C "C2'"  . A A 1 20 ? 10.640  13.351  -7.045  1.00 0.00 ? 20 A A "C2'"  1 
ATOM 627  O "O2'"  . A A 1 20 ? 10.922  12.184  -7.826  1.00 0.00 ? 20 A A "O2'"  1 
ATOM 628  C "C1'"  . A A 1 20 ? 9.405   13.129  -6.173  1.00 0.00 ? 20 A A "C1'"  1 
ATOM 629  N N9     . A A 1 20 ? 8.679   14.384  -5.891  1.00 0.00 ? 20 A A N9     1 
ATOM 630  C C8     . A A 1 20 ? 8.506   15.024  -4.693  1.00 0.00 ? 20 A A C8     1 
ATOM 631  N N7     . A A 1 20 ? 7.766   16.096  -4.774  1.00 0.00 ? 20 A A N7     1 
ATOM 632  C C5     . A A 1 20 ? 7.434   16.169  -6.123  1.00 0.00 ? 20 A A C5     1 
ATOM 633  C C6     . A A 1 20 ? 6.667   17.080  -6.869  1.00 0.00 ? 20 A A C6     1 
ATOM 634  N N6     . A A 1 20 ? 6.065   18.141  -6.343  1.00 0.00 ? 20 A A N6     1 
ATOM 635  N N1     . A A 1 20 ? 6.543   16.861  -8.184  1.00 0.00 ? 20 A A N1     1 
ATOM 636  C C2     . A A 1 20 ? 7.142   15.807  -8.723  1.00 0.00 ? 20 A A C2     1 
ATOM 637  N N3     . A A 1 20 ? 7.883   14.879  -8.135  1.00 0.00 ? 20 A A N3     1 
ATOM 638  C C4     . A A 1 20 ? 7.987   15.131  -6.814  1.00 0.00 ? 20 A A C4     1 
ATOM 639  H "H5'"  . A A 1 20 ? 11.599  11.836  -2.951  1.00 0.00 ? 20 A A "H5'"  1 
ATOM 640  H "H5''" . A A 1 20 ? 12.995  12.686  -3.642  1.00 0.00 ? 20 A A "H5''" 1 
ATOM 641  H "H4'"  . A A 1 20 ? 11.610  11.498  -5.346  1.00 0.00 ? 20 A A "H4'"  1 
ATOM 642  H "H3'"  . A A 1 20 ? 11.710  14.560  -5.561  1.00 0.00 ? 20 A A "H3'"  1 
ATOM 643  H "H2'"  . A A 1 20 ? 10.527  14.230  -7.675  1.00 0.00 ? 20 A A "H2'"  1 
ATOM 644  H "HO2'" . A A 1 20 ? 11.873  12.160  -7.967  1.00 0.00 ? 20 A A "HO2'" 1 
ATOM 645  H "H1'"  . A A 1 20 ? 8.726   12.419  -6.637  1.00 0.00 ? 20 A A "H1'"  1 
ATOM 646  H H8     . A A 1 20 ? 8.970   14.689  -3.768  1.00 0.00 ? 20 A A H8     1 
ATOM 647  H H61    . A A 1 20 ? 5.552   18.775  -6.938  1.00 0.00 ? 20 A A H61    1 
ATOM 648  H H62    . A A 1 20 ? 6.120   18.313  -5.350  1.00 0.00 ? 20 A A H62    1 
ATOM 649  H H2     . A A 1 20 ? 7.026   15.701  -9.802  1.00 0.00 ? 20 A A H2     1 
ATOM 650  P P      . C A 1 21 ? 13.932  14.307  -7.193  1.00 0.00 ? 21 C A P      1 
ATOM 651  O OP1    . C A 1 21 ? 14.988  13.622  -7.970  1.00 0.00 ? 21 C A OP1    1 
ATOM 652  O OP2    . C A 1 21 ? 14.296  15.262  -6.123  1.00 0.00 ? 21 C A OP2    1 
ATOM 653  O "O5'"  . C A 1 21 ? 12.956  15.069  -8.224  1.00 0.00 ? 21 C A "O5'"  1 
ATOM 654  C "C5'"  . C A 1 21 ? 12.809  14.615  -9.575  1.00 0.00 ? 21 C A "C5'"  1 
ATOM 655  C "C4'"  . C A 1 21 ? 11.920  15.554  -10.382 1.00 0.00 ? 21 C A "C4'"  1 
ATOM 656  O "O4'"  . C A 1 21 ? 10.606  15.575  -9.807  1.00 0.00 ? 21 C A "O4'"  1 
ATOM 657  C "C3'"  . C A 1 21 ? 12.343  17.010  -10.350 1.00 0.00 ? 21 C A "C3'"  1 
ATOM 658  O "O3'"  . C A 1 21 ? 13.261  17.219  -11.430 1.00 0.00 ? 21 C A "O3'"  1 
ATOM 659  C "C2'"  . C A 1 21 ? 11.048  17.722  -10.693 1.00 0.00 ? 21 C A "C2'"  1 
ATOM 660  O "O2'"  . C A 1 21 ? 10.765  17.615  -12.091 1.00 0.00 ? 21 C A "O2'"  1 
ATOM 661  C "C1'"  . C A 1 21 ? 10.051  16.905  -9.874  1.00 0.00 ? 21 C A "C1'"  1 
ATOM 662  N N1     . C A 1 21 ? 9.904   17.420  -8.497  1.00 0.00 ? 21 C A N1     1 
ATOM 663  C C2     . C A 1 21 ? 9.065   18.506  -8.294  1.00 0.00 ? 21 C A C2     1 
ATOM 664  O O2     . C A 1 21 ? 8.475   19.021  -9.240  1.00 0.00 ? 21 C A O2     1 
ATOM 665  N N3     . C A 1 21 ? 8.914   18.986  -7.029  1.00 0.00 ? 21 C A N3     1 
ATOM 666  C C4     . C A 1 21 ? 9.560   18.420  -6.004  1.00 0.00 ? 21 C A C4     1 
ATOM 667  N N4     . C A 1 21 ? 9.368   18.934  -4.794  1.00 0.00 ? 21 C A N4     1 
ATOM 668  C C5     . C A 1 21 ? 10.426  17.302  -6.206  1.00 0.00 ? 21 C A C5     1 
ATOM 669  C C6     . C A 1 21 ? 10.570  16.840  -7.458  1.00 0.00 ? 21 C A C6     1 
ATOM 670  H "H5'"  . C A 1 21 ? 12.367  13.618  -9.573  1.00 0.00 ? 21 C A "H5'"  1 
ATOM 671  H "H5''" . C A 1 21 ? 13.793  14.567  -10.044 1.00 0.00 ? 21 C A "H5''" 1 
ATOM 672  H "H4'"  . C A 1 21 ? 11.855  15.193  -11.409 1.00 0.00 ? 21 C A "H4'"  1 
ATOM 673  H "H3'"  . C A 1 21 ? 12.762  17.316  -9.391  1.00 0.00 ? 21 C A "H3'"  1 
ATOM 674  H "H2'"  . C A 1 21 ? 11.060  18.760  -10.368 1.00 0.00 ? 21 C A "H2'"  1 
ATOM 675  H "HO2'" . C A 1 21 ? 11.606  17.496  -12.541 1.00 0.00 ? 21 C A "HO2'" 1 
ATOM 676  H "H1'"  . C A 1 21 ? 9.078   16.872  -10.359 1.00 0.00 ? 21 C A "H1'"  1 
ATOM 677  H H41    . C A 1 21 ? 8.790   19.755  -4.681  1.00 0.00 ? 21 C A H41    1 
ATOM 678  H H42    . C A 1 21 ? 9.794   18.503  -3.987  1.00 0.00 ? 21 C A H42    1 
ATOM 679  H H5     . C A 1 21 ? 10.941  16.819  -5.378  1.00 0.00 ? 21 C A H5     1 
ATOM 680  H H6     . C A 1 21 ? 11.236  16.000  -7.648  1.00 0.00 ? 21 C A H6     1 
ATOM 681  P P      . U A 1 22 ? 14.595  18.098  -11.211 1.00 0.00 ? 22 U A P      1 
ATOM 682  O OP1    . U A 1 22 ? 14.195  19.393  -10.614 1.00 0.00 ? 22 U A OP1    1 
ATOM 683  O OP2    . U A 1 22 ? 15.374  18.075  -12.468 1.00 0.00 ? 22 U A OP2    1 
ATOM 684  O "O5'"  . U A 1 22 ? 15.400  17.249  -10.097 1.00 0.00 ? 22 U A "O5'"  1 
ATOM 685  C "C5'"  . U A 1 22 ? 16.704  17.661  -9.659  1.00 0.00 ? 22 U A "C5'"  1 
ATOM 686  C "C4'"  . U A 1 22 ? 16.678  18.221  -8.238  1.00 0.00 ? 22 U A "C4'"  1 
ATOM 687  O "O4'"  . U A 1 22 ? 15.677  19.222  -8.149  1.00 0.00 ? 22 U A "O4'"  1 
ATOM 688  C "C3'"  . U A 1 22 ? 16.284  17.221  -7.149  1.00 0.00 ? 22 U A "C3'"  1 
ATOM 689  O "O3'"  . U A 1 22 ? 17.495  16.846  -6.471  1.00 0.00 ? 22 U A "O3'"  1 
ATOM 690  C "C2'"  . U A 1 22 ? 15.424  18.035  -6.154  1.00 0.00 ? 22 U A "C2'"  1 
ATOM 691  O "O2'"  . U A 1 22 ? 16.039  18.079  -4.862  1.00 0.00 ? 22 U A "O2'"  1 
ATOM 692  C "C1'"  . U A 1 22 ? 15.397  19.434  -6.775  1.00 0.00 ? 22 U A "C1'"  1 
ATOM 693  N N1     . U A 1 22 ? 14.076  20.087  -6.650  1.00 0.00 ? 22 U A N1     1 
ATOM 694  C C2     . U A 1 22 ? 13.952  21.112  -5.729  1.00 0.00 ? 22 U A C2     1 
ATOM 695  O O2     . U A 1 22 ? 14.881  21.487  -5.024  1.00 0.00 ? 22 U A O2     1 
ATOM 696  N N3     . U A 1 22 ? 12.709  21.695  -5.640  1.00 0.00 ? 22 U A N3     1 
ATOM 697  C C4     . U A 1 22 ? 11.594  21.352  -6.374  1.00 0.00 ? 22 U A C4     1 
ATOM 698  O O4     . U A 1 22 ? 10.537  21.946  -6.189  1.00 0.00 ? 22 U A O4     1 
ATOM 699  C C5     . U A 1 22 ? 11.798  20.277  -7.314  1.00 0.00 ? 22 U A C5     1 
ATOM 700  C C6     . U A 1 22 ? 13.013  19.688  -7.420  1.00 0.00 ? 22 U A C6     1 
ATOM 701  H "H5'"  . U A 1 22 ? 17.081  18.430  -10.335 1.00 0.00 ? 22 U A "H5'"  1 
ATOM 702  H "H5''" . U A 1 22 ? 17.376  16.803  -9.690  1.00 0.00 ? 22 U A "H5''" 1 
ATOM 703  H "H4'"  . U A 1 22 ? 17.647  18.666  -8.014  1.00 0.00 ? 22 U A "H4'"  1 
ATOM 704  H "H3'"  . U A 1 22 ? 15.760  16.350  -7.546  1.00 0.00 ? 22 U A "H3'"  1 
ATOM 705  H "H2'"  . U A 1 22 ? 14.419  17.619  -6.090  1.00 0.00 ? 22 U A "H2'"  1 
ATOM 706  H "HO2'" . U A 1 22 ? 16.191  17.169  -4.586  1.00 0.00 ? 22 U A "HO2'" 1 
ATOM 707  H "H1'"  . U A 1 22 ? 16.166  20.073  -6.338  1.00 0.00 ? 22 U A "H1'"  1 
ATOM 708  H H3     . U A 1 22 ? 12.605  22.449  -4.979  1.00 0.00 ? 22 U A H3     1 
ATOM 709  H H5     . U A 1 22 ? 10.974  19.937  -7.937  1.00 0.00 ? 22 U A H5     1 
ATOM 710  H H6     . U A 1 22 ? 13.148  18.877  -8.137  1.00 0.00 ? 22 U A H6     1 
ATOM 711  P P      . C A 1 23 ? 17.581  15.479  -5.617  1.00 0.00 ? 23 C A P      1 
ATOM 712  O OP1    . C A 1 23 ? 18.876  15.461  -4.902  1.00 0.00 ? 23 C A OP1    1 
ATOM 713  O OP2    . C A 1 23 ? 17.211  14.353  -6.503  1.00 0.00 ? 23 C A OP2    1 
ATOM 714  O "O5'"  . C A 1 23 ? 16.404  15.676  -4.530  1.00 0.00 ? 23 C A "O5'"  1 
ATOM 715  C "C5'"  . C A 1 23 ? 16.185  14.721  -3.483  1.00 0.00 ? 23 C A "C5'"  1 
ATOM 716  C "C4'"  . C A 1 23 ? 17.165  14.914  -2.329  1.00 0.00 ? 23 C A "C4'"  1 
ATOM 717  O "O4'"  . C A 1 23 ? 17.148  16.288  -1.924  1.00 0.00 ? 23 C A "O4'"  1 
ATOM 718  C "C3'"  . C A 1 23 ? 16.819  14.146  -1.062  1.00 0.00 ? 23 C A "C3'"  1 
ATOM 719  O "O3'"  . C A 1 23 ? 18.006  14.102  -0.256  1.00 0.00 ? 23 C A "O3'"  1 
ATOM 720  C "C2'"  . C A 1 23 ? 15.831  15.074  -0.373  1.00 0.00 ? 23 C A "C2'"  1 
ATOM 721  O "O2'"  . C A 1 23 ? 15.819  14.847  1.041   1.00 0.00 ? 23 C A "O2'"  1 
ATOM 722  C "C1'"  . C A 1 23 ? 16.420  16.448  -0.694  1.00 0.00 ? 23 C A "C1'"  1 
ATOM 723  N N1     . C A 1 23 ? 15.373  17.474  -0.895  1.00 0.00 ? 23 C A N1     1 
ATOM 724  C C2     . C A 1 23 ? 14.870  18.109  0.232   1.00 0.00 ? 23 C A C2     1 
ATOM 725  O O2     . C A 1 23 ? 15.283  17.812  1.350   1.00 0.00 ? 23 C A O2     1 
ATOM 726  N N3     . C A 1 23 ? 13.908  19.059  0.070   1.00 0.00 ? 23 C A N3     1 
ATOM 727  C C4     . C A 1 23 ? 13.459  19.373  -1.148  1.00 0.00 ? 23 C A C4     1 
ATOM 728  N N4     . C A 1 23 ? 12.520  20.312  -1.237  1.00 0.00 ? 23 C A N4     1 
ATOM 729  C C5     . C A 1 23 ? 13.971  18.724  -2.314  1.00 0.00 ? 23 C A C5     1 
ATOM 730  C C6     . C A 1 23 ? 14.920  17.786  -2.143  1.00 0.00 ? 23 C A C6     1 
ATOM 731  H "H5'"  . C A 1 23 ? 16.299  13.714  -3.885  1.00 0.00 ? 23 C A "H5'"  1 
ATOM 732  H "H5''" . C A 1 23 ? 15.168  14.839  -3.108  1.00 0.00 ? 23 C A "H5''" 1 
ATOM 733  H "H4'"  . C A 1 23 ? 18.167  14.658  -2.671  1.00 0.00 ? 23 C A "H4'"  1 
ATOM 734  H "H3'"  . C A 1 23 ? 16.419  13.150  -1.253  1.00 0.00 ? 23 C A "H3'"  1 
ATOM 735  H "H2'"  . C A 1 23 ? 14.835  14.968  -0.801  1.00 0.00 ? 23 C A "H2'"  1 
ATOM 736  H "HO2'" . C A 1 23 ? 15.439  15.628  1.453   1.00 0.00 ? 23 C A "HO2'" 1 
ATOM 737  H "H1'"  . C A 1 23 ? 17.103  16.774  0.090   1.00 0.00 ? 23 C A "H1'"  1 
ATOM 738  H H41    . C A 1 23 ? 12.168  20.751  -0.398  1.00 0.00 ? 23 C A H41    1 
ATOM 739  H H42    . C A 1 23 ? 12.163  20.585  -2.139  1.00 0.00 ? 23 C A H42    1 
ATOM 740  H H5     . C A 1 23 ? 13.612  18.975  -3.312  1.00 0.00 ? 23 C A H5     1 
ATOM 741  H H6     . C A 1 23 ? 15.328  17.268  -3.012  1.00 0.00 ? 23 C A H6     1 
ATOM 742  P P      . A A 1 24 ? 18.656  12.695  0.189   1.00 0.00 ? 24 A A P      1 
ATOM 743  O OP1    . A A 1 24 ? 20.010  12.962  0.727   1.00 0.00 ? 24 A A OP1    1 
ATOM 744  O OP2    . A A 1 24 ? 18.486  11.733  -0.924  1.00 0.00 ? 24 A A OP2    1 
ATOM 745  O "O5'"  . A A 1 24 ? 17.715  12.230  1.414   1.00 0.00 ? 24 A A "O5'"  1 
ATOM 746  C "C5'"  . A A 1 24 ? 16.721  11.211  1.243   1.00 0.00 ? 24 A A "C5'"  1 
ATOM 747  C "C4'"  . A A 1 24 ? 16.103  10.804  2.579   1.00 0.00 ? 24 A A "C4'"  1 
ATOM 748  O "O4'"  . A A 1 24 ? 15.385  11.924  3.122   1.00 0.00 ? 24 A A "O4'"  1 
ATOM 749  C "C3'"  . A A 1 24 ? 15.072  9.680   2.499   1.00 0.00 ? 24 A A "C3'"  1 
ATOM 750  O "O3'"  . A A 1 24 ? 15.041  9.064   3.797   1.00 0.00 ? 24 A A "O3'"  1 
ATOM 751  C "C2'"  . A A 1 24 ? 13.764  10.435  2.309   1.00 0.00 ? 24 A A "C2'"  1 
ATOM 752  O "O2'"  . A A 1 24 ? 12.645  9.650   2.734   1.00 0.00 ? 24 A A "O2'"  1 
ATOM 753  C "C1'"  . A A 1 24 ? 13.988  11.622  3.237   1.00 0.00 ? 24 A A "C1'"  1 
ATOM 754  N N9     . A A 1 24 ? 13.212  12.809  2.841   1.00 0.00 ? 24 A A N9     1 
ATOM 755  C C8     . A A 1 24 ? 13.434  13.670  1.798   1.00 0.00 ? 24 A A C8     1 
ATOM 756  N N7     . A A 1 24 ? 12.562  14.637  1.723   1.00 0.00 ? 24 A A N7     1 
ATOM 757  C C5     . A A 1 24 ? 11.706  14.394  2.792   1.00 0.00 ? 24 A A C5     1 
ATOM 758  C C6     . A A 1 24 ? 10.564  15.058  3.271   1.00 0.00 ? 24 A A C6     1 
ATOM 759  N N6     . A A 1 24 ? 10.059  16.152  2.710   1.00 0.00 ? 24 A A N6     1 
ATOM 760  N N1     . A A 1 24 ? 9.954   14.553  4.351   1.00 0.00 ? 24 A A N1     1 
ATOM 761  C C2     . A A 1 24 ? 10.446  13.458  4.918   1.00 0.00 ? 24 A A C2     1 
ATOM 762  N N3     . A A 1 24 ? 11.504  12.744  4.570   1.00 0.00 ? 24 A A N3     1 
ATOM 763  C C4     . A A 1 24 ? 12.093  13.281  3.480   1.00 0.00 ? 24 A A C4     1 
ATOM 764  H "H5'"  . A A 1 24 ? 17.182  10.336  0.784   1.00 0.00 ? 24 A A "H5'"  1 
ATOM 765  H "H5''" . A A 1 24 ? 15.934  11.585  0.586   1.00 0.00 ? 24 A A "H5''" 1 
ATOM 766  H "H4'"  . A A 1 24 ? 16.906  10.536  3.266   1.00 0.00 ? 24 A A "H4'"  1 
ATOM 767  H "H3'"  . A A 1 24 ? 15.279  8.957   1.710   1.00 0.00 ? 24 A A "H3'"  1 
ATOM 768  H "H2'"  . A A 1 24 ? 13.648  10.761  1.276   1.00 0.00 ? 24 A A "H2'"  1 
ATOM 769  H "HO2'" . A A 1 24 ? 12.650  9.640   3.696   1.00 0.00 ? 24 A A "HO2'" 1 
ATOM 770  H "H1'"  . A A 1 24 ? 13.757  11.362  4.270   1.00 0.00 ? 24 A A "H1'"  1 
ATOM 771  H H8     . A A 1 24 ? 14.263  13.558  1.098   1.00 0.00 ? 24 A A H8     1 
ATOM 772  H H61    . A A 1 24 ? 9.224   16.573  3.091   1.00 0.00 ? 24 A A H61    1 
ATOM 773  H H62    . A A 1 24 ? 10.508  16.559  1.903   1.00 0.00 ? 24 A A H62    1 
ATOM 774  H H2     . A A 1 24 ? 9.903   13.098  5.792   1.00 0.00 ? 24 A A H2     1 
ATOM 775  P P      . A A 1 25 ? 14.354  7.624   4.030   1.00 0.00 ? 25 A A P      1 
ATOM 776  O OP1    . A A 1 25 ? 15.117  6.912   5.080   1.00 0.00 ? 25 A A OP1    1 
ATOM 777  O OP2    . A A 1 25 ? 14.147  6.983   2.712   1.00 0.00 ? 25 A A OP2    1 
ATOM 778  O "O5'"  . A A 1 25 ? 12.911  8.016   4.636   1.00 0.00 ? 25 A A "O5'"  1 
ATOM 779  C "C5'"  . A A 1 25 ? 12.803  8.868   5.785   1.00 0.00 ? 25 A A "C5'"  1 
ATOM 780  C "C4'"  . A A 1 25 ? 11.346  9.116   6.170   1.00 0.00 ? 25 A A "C4'"  1 
ATOM 781  O "O4'"  . A A 1 25 ? 10.639  9.643   5.033   1.00 0.00 ? 25 A A "O4'"  1 
ATOM 782  C "C3'"  . A A 1 25 ? 10.568  7.860   6.578   1.00 0.00 ? 25 A A "C3'"  1 
ATOM 783  O "O3'"  . A A 1 25 ? 9.616   8.255   7.575   1.00 0.00 ? 25 A A "O3'"  1 
ATOM 784  C "C2'"  . A A 1 25 ? 9.781   7.504   5.328   1.00 0.00 ? 25 A A "C2'"  1 
ATOM 785  O "O2'"  . A A 1 25 ? 8.594   6.781   5.666   1.00 0.00 ? 25 A A "O2'"  1 
ATOM 786  C "C1'"  . A A 1 25 ? 9.444   8.888   4.807   1.00 0.00 ? 25 A A "C1'"  1 
ATOM 787  N N9     . A A 1 25 ? 9.131   8.889   3.366   1.00 0.00 ? 25 A A N9     1 
ATOM 788  C C8     . A A 1 25 ? 9.982   9.050   2.302   1.00 0.00 ? 25 A A C8     1 
ATOM 789  N N7     . A A 1 25 ? 9.388   8.982   1.142   1.00 0.00 ? 25 A A N7     1 
ATOM 790  C C5     . A A 1 25 ? 8.053   8.759   1.465   1.00 0.00 ? 25 A A C5     1 
ATOM 791  C C6     . A A 1 25 ? 6.897   8.590   0.684   1.00 0.00 ? 25 A A C6     1 
ATOM 792  N N6     . A A 1 25 ? 6.894   8.623   -0.646  1.00 0.00 ? 25 A A N6     1 
ATOM 793  N N1     . A A 1 25 ? 5.734   8.388   1.320   1.00 0.00 ? 25 A A N1     1 
ATOM 794  C C2     . A A 1 25 ? 5.723   8.356   2.647   1.00 0.00 ? 25 A A C2     1 
ATOM 795  N N3     . A A 1 25 ? 6.732   8.499   3.494   1.00 0.00 ? 25 A A N3     1 
ATOM 796  C C4     . A A 1 25 ? 7.885   8.701   2.818   1.00 0.00 ? 25 A A C4     1 
ATOM 797  H "H5'"  . A A 1 25 ? 13.279  9.823   5.565   1.00 0.00 ? 25 A A "H5'"  1 
ATOM 798  H "H5''" . A A 1 25 ? 13.318  8.401   6.625   1.00 0.00 ? 25 A A "H5''" 1 
ATOM 799  H "H4'"  . A A 1 25 ? 11.318  9.855   6.972   1.00 0.00 ? 25 A A "H4'"  1 
ATOM 800  H "H3'"  . A A 1 25 ? 11.210  7.051   6.930   1.00 0.00 ? 25 A A "H3'"  1 
ATOM 801  H "H2'"  . A A 1 25 ? 10.397  6.952   4.618   1.00 0.00 ? 25 A A "H2'"  1 
ATOM 802  H "HO2'" . A A 1 25 ? 8.221   7.195   6.451   1.00 0.00 ? 25 A A "HO2'" 1 
ATOM 803  H "H1'"  . A A 1 25 ? 8.618   9.332   5.364   1.00 0.00 ? 25 A A "H1'"  1 
ATOM 804  H H8     . A A 1 25 ? 11.055  9.217   2.418   1.00 0.00 ? 25 A A H8     1 
ATOM 805  H H61    . A A 1 25 ? 6.034   8.475   -1.152  1.00 0.00 ? 25 A A H61    1 
ATOM 806  H H62    . A A 1 25 ? 7.752   8.802   -1.148  1.00 0.00 ? 25 A A H62    1 
ATOM 807  H H2     . A A 1 25 ? 4.748   8.192   3.105   1.00 0.00 ? 25 A A H2     1 
ATOM 808  P P      . A A 1 26 ? 9.986   8.198   9.142   1.00 0.00 ? 26 A A P      1 
ATOM 809  O OP1    . A A 1 26 ? 10.350  9.563   9.582   1.00 0.00 ? 26 A A OP1    1 
ATOM 810  O OP2    . A A 1 26 ? 10.933  7.079   9.357   1.00 0.00 ? 26 A A OP2    1 
ATOM 811  O "O5'"  . A A 1 26 ? 8.577   7.808   9.823   1.00 0.00 ? 26 A A "O5'"  1 
ATOM 812  C "C5'"  . A A 1 26 ? 8.086   6.460   9.792   1.00 0.00 ? 26 A A "C5'"  1 
ATOM 813  C "C4'"  . A A 1 26 ? 6.695   6.382   9.167   1.00 0.00 ? 26 A A "C4'"  1 
ATOM 814  O "O4'"  . A A 1 26 ? 6.785   6.615   7.763   1.00 0.00 ? 26 A A "O4'"  1 
ATOM 815  C "C3'"  . A A 1 26 ? 6.033   5.021   9.234   1.00 0.00 ? 26 A A "C3'"  1 
ATOM 816  O "O3'"  . A A 1 26 ? 5.359   4.939   10.498  1.00 0.00 ? 26 A A "O3'"  1 
ATOM 817  C "C2'"  . A A 1 26 ? 4.970   5.118   8.139   1.00 0.00 ? 26 A A "C2'"  1 
ATOM 818  O "O2'"  . A A 1 26 ? 3.772   5.711   8.652   1.00 0.00 ? 26 A A "O2'"  1 
ATOM 819  C "C1'"  . A A 1 26 ? 5.634   6.051   7.110   1.00 0.00 ? 26 A A "C1'"  1 
ATOM 820  N N9     . A A 1 26 ? 6.078   5.324   5.903   1.00 0.00 ? 26 A A N9     1 
ATOM 821  C C8     . A A 1 26 ? 7.194   4.543   5.734   1.00 0.00 ? 26 A A C8     1 
ATOM 822  N N7     . A A 1 26 ? 7.294   4.023   4.541   1.00 0.00 ? 26 A A N7     1 
ATOM 823  C C5     . A A 1 26 ? 6.166   4.496   3.878   1.00 0.00 ? 26 A A C5     1 
ATOM 824  C C6     . A A 1 26 ? 5.681   4.311   2.572   1.00 0.00 ? 26 A A C6     1 
ATOM 825  N N6     . A A 1 26 ? 6.291   3.564   1.658   1.00 0.00 ? 26 A A N6     1 
ATOM 826  N N1     . A A 1 26 ? 4.536   4.920   2.238   1.00 0.00 ? 26 A A N1     1 
ATOM 827  C C2     . A A 1 26 ? 3.914   5.664   3.142   1.00 0.00 ? 26 A A C2     1 
ATOM 828  N N3     . A A 1 26 ? 4.262   5.918   4.395   1.00 0.00 ? 26 A A N3     1 
ATOM 829  C C4     . A A 1 26 ? 5.418   5.291   4.698   1.00 0.00 ? 26 A A C4     1 
ATOM 830  H "H5'"  . A A 1 26 ? 8.037   6.079   10.812  1.00 0.00 ? 26 A A "H5'"  1 
ATOM 831  H "H5''" . A A 1 26 ? 8.770   5.840   9.212   1.00 0.00 ? 26 A A "H5''" 1 
ATOM 832  H "H4'"  . A A 1 26 ? 6.057   7.144   9.617   1.00 0.00 ? 26 A A "H4'"  1 
ATOM 833  H "H3'"  . A A 1 26 ? 6.730   4.195   9.085   1.00 0.00 ? 26 A A "H3'"  1 
ATOM 834  H "H2'"  . A A 1 26 ? 4.769   4.140   7.703   1.00 0.00 ? 26 A A "H2'"  1 
ATOM 835  H "HO2'" . A A 1 26 ? 3.419   5.111   9.317   1.00 0.00 ? 26 A A "HO2'" 1 
ATOM 836  H "H1'"  . A A 1 26 ? 4.955   6.854   6.820   1.00 0.00 ? 26 A A "H1'"  1 
ATOM 837  H H8     . A A 1 26 ? 7.935   4.383   6.517   1.00 0.00 ? 26 A A H8     1 
ATOM 838  H H61    . A A 1 26 ? 5.873   3.443   0.746   1.00 0.00 ? 26 A A H61    1 
ATOM 839  H H62    . A A 1 26 ? 7.170   3.118   1.874   1.00 0.00 ? 26 A A H62    1 
ATOM 840  H H2     . A A 1 26 ? 2.990   6.133   2.807   1.00 0.00 ? 26 A A H2     1 
ATOM 841  P P      . A A 1 27 ? 4.772   3.539   11.041  1.00 0.00 ? 27 A A P      1 
ATOM 842  O OP1    . A A 1 27 ? 4.637   3.635   12.512  1.00 0.00 ? 27 A A OP1    1 
ATOM 843  O OP2    . A A 1 27 ? 5.566   2.440   10.444  1.00 0.00 ? 27 A A OP2    1 
ATOM 844  O "O5'"  . A A 1 27 ? 3.291   3.504   10.401  1.00 0.00 ? 27 A A "O5'"  1 
ATOM 845  C "C5'"  . A A 1 27 ? 2.945   2.551   9.385   1.00 0.00 ? 27 A A "C5'"  1 
ATOM 846  C "C4'"  . A A 1 27 ? 1.456   2.601   9.051   1.00 0.00 ? 27 A A "C4'"  1 
ATOM 847  O "O4'"  . A A 1 27 ? 1.129   3.909   8.552   1.00 0.00 ? 27 A A "O4'"  1 
ATOM 848  C "C3'"  . A A 1 27 ? 1.015   1.632   7.951   1.00 0.00 ? 27 A A "C3'"  1 
ATOM 849  O "O3'"  . A A 1 27 ? -0.348  1.274   8.231   1.00 0.00 ? 27 A A "O3'"  1 
ATOM 850  C "C2'"  . A A 1 27 ? 1.007   2.496   6.699   1.00 0.00 ? 27 A A "C2'"  1 
ATOM 851  O "O2'"  . A A 1 27 ? 0.097   1.970   5.727   1.00 0.00 ? 27 A A "O2'"  1 
ATOM 852  C "C1'"  . A A 1 27 ? 0.500   3.812   7.270   1.00 0.00 ? 27 A A "C1'"  1 
ATOM 853  N N9     . A A 1 27 ? 0.891   4.981   6.457   1.00 0.00 ? 27 A A N9     1 
ATOM 854  C C8     . A A 1 27 ? 1.762   5.994   6.773   1.00 0.00 ? 27 A A C8     1 
ATOM 855  N N7     . A A 1 27 ? 1.887   6.889   5.832   1.00 0.00 ? 27 A A N7     1 
ATOM 856  C C5     . A A 1 27 ? 1.040   6.434   4.826   1.00 0.00 ? 27 A A C5     1 
ATOM 857  C C6     . A A 1 27 ? 0.716   6.934   3.554   1.00 0.00 ? 27 A A C6     1 
ATOM 858  N N6     . A A 1 27 ? 1.227   8.054   3.048   1.00 0.00 ? 27 A A N6     1 
ATOM 859  N N1     . A A 1 27 ? -0.157  6.238   2.813   1.00 0.00 ? 27 A A N1     1 
ATOM 860  C C2     . A A 1 27 ? -0.674  5.119   3.306   1.00 0.00 ? 27 A A C2     1 
ATOM 861  N N3     . A A 1 27 ? -0.454  4.546   4.478   1.00 0.00 ? 27 A A N3     1 
ATOM 862  C C4     . A A 1 27 ? 0.429   5.271   5.197   1.00 0.00 ? 27 A A C4     1 
ATOM 863  H "H5'"  . A A 1 27 ? 3.198   1.550   9.736   1.00 0.00 ? 27 A A "H5'"  1 
ATOM 864  H "H5''" . A A 1 27 ? 3.518   2.767   8.484   1.00 0.00 ? 27 A A "H5''" 1 
ATOM 865  H "H4'"  . A A 1 27 ? 0.888   2.421   9.965   1.00 0.00 ? 27 A A "H4'"  1 
ATOM 866  H "H3'"  . A A 1 27 ? 1.655   0.752   7.868   1.00 0.00 ? 27 A A "H3'"  1 
ATOM 867  H "H2'"  . A A 1 27 ? 2.011   2.604   6.290   1.00 0.00 ? 27 A A "H2'"  1 
ATOM 868  H "HO2'" . A A 1 27 ? -0.682  1.666   6.202   1.00 0.00 ? 27 A A "HO2'" 1 
ATOM 869  H "H1'"  . A A 1 27 ? -0.583  3.798   7.394   1.00 0.00 ? 27 A A "H1'"  1 
ATOM 870  H H8     . A A 1 27 ? 2.299   6.046   7.720   1.00 0.00 ? 27 A A H8     1 
ATOM 871  H H61    . A A 1 27 ? 1.001   8.330   2.101   1.00 0.00 ? 27 A A H61    1 
ATOM 872  H H62    . A A 1 27 ? 1.836   8.632   3.610   1.00 0.00 ? 27 A A H62    1 
ATOM 873  H H2     . A A 1 27 ? -1.378  4.601   2.655   1.00 0.00 ? 27 A A H2     1 
ATOM 874  P P      . G A 1 28 ? -0.705  -0.116  8.967   1.00 0.00 ? 28 G A P      1 
ATOM 875  O OP1    . G A 1 28 ? -2.088  -0.019  9.486   1.00 0.00 ? 28 G A OP1    1 
ATOM 876  O OP2    . G A 1 28 ? 0.406   -0.452  9.887   1.00 0.00 ? 28 G A OP2    1 
ATOM 877  O "O5'"  . G A 1 28 ? -0.688  -1.171  7.746   1.00 0.00 ? 28 G A "O5'"  1 
ATOM 878  C "C5'"  . G A 1 28 ? -1.736  -1.181  6.767   1.00 0.00 ? 28 G A "C5'"  1 
ATOM 879  C "C4'"  . G A 1 28 ? -2.994  -1.870  7.293   1.00 0.00 ? 28 G A "C4'"  1 
ATOM 880  O "O4'"  . G A 1 28 ? -3.996  -1.874  6.282   1.00 0.00 ? 28 G A "O4'"  1 
ATOM 881  C "C3'"  . G A 1 28 ? -2.838  -3.343  7.606   1.00 0.00 ? 28 G A "C3'"  1 
ATOM 882  O "O3'"  . G A 1 28 ? -2.334  -3.454  8.945   1.00 0.00 ? 28 G A "O3'"  1 
ATOM 883  C "C2'"  . G A 1 28 ? -4.286  -3.829  7.608   1.00 0.00 ? 28 G A "C2'"  1 
ATOM 884  O "O2'"  . G A 1 28 ? -4.896  -3.598  8.884   1.00 0.00 ? 28 G A "O2'"  1 
ATOM 885  C "C1'"  . G A 1 28 ? -4.934  -2.935  6.536   1.00 0.00 ? 28 G A "C1'"  1 
ATOM 886  N N9     . G A 1 28 ? -5.178  -3.658  5.272   1.00 0.00 ? 28 G A N9     1 
ATOM 887  C C8     . G A 1 28 ? -4.477  -4.710  4.739   1.00 0.00 ? 28 G A C8     1 
ATOM 888  N N7     . G A 1 28 ? -4.940  -5.125  3.594   1.00 0.00 ? 28 G A N7     1 
ATOM 889  C C5     . G A 1 28 ? -6.025  -4.291  3.351   1.00 0.00 ? 28 G A C5     1 
ATOM 890  C C6     . G A 1 28 ? -6.927  -4.264  2.253   1.00 0.00 ? 28 G A C6     1 
ATOM 891  O O6     . G A 1 28 ? -6.948  -4.988  1.260   1.00 0.00 ? 28 G A O6     1 
ATOM 892  N N1     . G A 1 28 ? -7.874  -3.269  2.399   1.00 0.00 ? 28 G A N1     1 
ATOM 893  C C2     . G A 1 28 ? -7.953  -2.406  3.460   1.00 0.00 ? 28 G A C2     1 
ATOM 894  N N2     . G A 1 28 ? -8.929  -1.510  3.434   1.00 0.00 ? 28 G A N2     1 
ATOM 895  N N3     . G A 1 28 ? -7.120  -2.418  4.496   1.00 0.00 ? 28 G A N3     1 
ATOM 896  C C4     . G A 1 28 ? -6.180  -3.387  4.374   1.00 0.00 ? 28 G A C4     1 
ATOM 897  H "H5'"  . G A 1 28 ? -1.388  -1.705  5.878   1.00 0.00 ? 28 G A "H5'"  1 
ATOM 898  H "H5''" . G A 1 28 ? -1.982  -0.152  6.500   1.00 0.00 ? 28 G A "H5''" 1 
ATOM 899  H "H4'"  . G A 1 28 ? -3.362  -1.327  8.163   1.00 0.00 ? 28 G A "H4'"  1 
ATOM 900  H "H3'"  . G A 1 28 ? -2.210  -3.872  6.888   1.00 0.00 ? 28 G A "H3'"  1 
ATOM 901  H "H2'"  . G A 1 28 ? -4.348  -4.880  7.331   1.00 0.00 ? 28 G A "H2'"  1 
ATOM 902  H "HO2'" . G A 1 28 ? -5.221  -4.446  9.205   1.00 0.00 ? 28 G A "HO2'" 1 
ATOM 903  H "H1'"  . G A 1 28 ? -5.871  -2.510  6.897   1.00 0.00 ? 28 G A "H1'"  1 
ATOM 904  H H8     . G A 1 28 ? -3.609  -5.156  5.227   1.00 0.00 ? 28 G A H8     1 
ATOM 905  H H1     . G A 1 28 ? -8.555  -3.174  1.664   1.00 0.00 ? 28 G A H1     1 
ATOM 906  H H21    . G A 1 28 ? -9.574  -1.487  2.657   1.00 0.00 ? 28 G A H21    1 
ATOM 907  H H22    . G A 1 28 ? -9.025  -0.851  4.191   1.00 0.00 ? 28 G A H22    1 
ATOM 908  P P      . G A 1 29 ? -1.746  -4.854  9.487   1.00 0.00 ? 29 G A P      1 
ATOM 909  O OP1    . G A 1 29 ? -1.092  -4.609  10.793  1.00 0.00 ? 29 G A OP1    1 
ATOM 910  O OP2    . G A 1 29 ? -0.985  -5.495  8.392   1.00 0.00 ? 29 G A OP2    1 
ATOM 911  O "O5'"  . G A 1 29 ? -3.080  -5.724  9.745   1.00 0.00 ? 29 G A "O5'"  1 
ATOM 912  C "C5'"  . G A 1 29 ? -3.862  -5.533  10.930  1.00 0.00 ? 29 G A "C5'"  1 
ATOM 913  C "C4'"  . G A 1 29 ? -5.206  -6.248  10.844  1.00 0.00 ? 29 G A "C4'"  1 
ATOM 914  O "O4'"  . G A 1 29 ? -5.945  -5.755  9.720   1.00 0.00 ? 29 G A "O4'"  1 
ATOM 915  C "C3'"  . G A 1 29 ? -5.131  -7.738  10.575  1.00 0.00 ? 29 G A "C3'"  1 
ATOM 916  O "O3'"  . G A 1 29 ? -4.967  -8.403  11.835  1.00 0.00 ? 29 G A "O3'"  1 
ATOM 917  C "C2'"  . G A 1 29 ? -6.538  -8.024  10.074  1.00 0.00 ? 29 G A "C2'"  1 
ATOM 918  O "O2'"  . G A 1 29 ? -7.466  -8.080  11.164  1.00 0.00 ? 29 G A "O2'"  1 
ATOM 919  C "C1'"  . G A 1 29 ? -6.803  -6.791  9.201   1.00 0.00 ? 29 G A "C1'"  1 
ATOM 920  N N9     . G A 1 29 ? -6.471  -7.023  7.781   1.00 0.00 ? 29 G A N9     1 
ATOM 921  C C8     . G A 1 29 ? -5.246  -7.270  7.216   1.00 0.00 ? 29 G A C8     1 
ATOM 922  N N7     . G A 1 29 ? -5.287  -7.435  5.924   1.00 0.00 ? 29 G A N7     1 
ATOM 923  C C5     . G A 1 29 ? -6.634  -7.286  5.608   1.00 0.00 ? 29 G A C5     1 
ATOM 924  C C6     . G A 1 29 ? -7.294  -7.359  4.348   1.00 0.00 ? 29 G A C6     1 
ATOM 925  O O6     . G A 1 29 ? -6.811  -7.577  3.241   1.00 0.00 ? 29 G A O6     1 
ATOM 926  N N1     . G A 1 29 ? -8.655  -7.150  4.474   1.00 0.00 ? 29 G A N1     1 
ATOM 927  C C2     . G A 1 29 ? -9.307  -6.903  5.654   1.00 0.00 ? 29 G A C2     1 
ATOM 928  N N2     . G A 1 29 ? -10.619 -6.728  5.590   1.00 0.00 ? 29 G A N2     1 
ATOM 929  N N3     . G A 1 29 ? -8.706  -6.831  6.839   1.00 0.00 ? 29 G A N3     1 
ATOM 930  C C4     . G A 1 29 ? -7.369  -7.033  6.741   1.00 0.00 ? 29 G A C4     1 
ATOM 931  H "H5'"  . G A 1 29 ? -4.036  -4.466  11.074  1.00 0.00 ? 29 G A "H5'"  1 
ATOM 932  H "H5''" . G A 1 29 ? -3.309  -5.920  11.786  1.00 0.00 ? 29 G A "H5''" 1 
ATOM 933  H "H4'"  . G A 1 29 ? -5.772  -6.052  11.756  1.00 0.00 ? 29 G A "H4'"  1 
ATOM 934  H "H3'"  . G A 1 29 ? -4.354  -8.009  9.860   1.00 0.00 ? 29 G A "H3'"  1 
ATOM 935  H "H2'"  . G A 1 29 ? -6.570  -8.936  9.484   1.00 0.00 ? 29 G A "H2'"  1 
ATOM 936  H "HO2'" . G A 1 29 ? -8.000  -8.872  11.042  1.00 0.00 ? 29 G A "HO2'" 1 
ATOM 937  H "H1'"  . G A 1 29 ? -7.843  -6.473  9.283   1.00 0.00 ? 29 G A "H1'"  1 
ATOM 938  H H8     . G A 1 29 ? -4.323  -7.320  7.793   1.00 0.00 ? 29 G A H8     1 
ATOM 939  H H1     . G A 1 29 ? -9.202  -7.182  3.628   1.00 0.00 ? 29 G A H1     1 
ATOM 940  H H21    . G A 1 29 ? -11.090 -6.750  4.698   1.00 0.00 ? 29 G A H21    1 
ATOM 941  H H22    . G A 1 29 ? -11.145 -6.573  6.437   1.00 0.00 ? 29 G A H22    1 
ATOM 942  P P      . C A 1 30 ? -4.514  -9.949  11.897  1.00 0.00 ? 30 C A P      1 
ATOM 943  O OP1    . C A 1 30 ? -4.274  -10.309 13.313  1.00 0.00 ? 30 C A OP1    1 
ATOM 944  O OP2    . C A 1 30 ? -3.448  -10.162 10.891  1.00 0.00 ? 30 C A OP2    1 
ATOM 945  O "O5'"  . C A 1 30 ? -5.834  -10.727 11.394  1.00 0.00 ? 30 C A "O5'"  1 
ATOM 946  C "C5'"  . C A 1 30 ? -6.990  -10.831 12.236  1.00 0.00 ? 30 C A "C5'"  1 
ATOM 947  C "C4'"  . C A 1 30 ? -8.220  -11.284 11.455  1.00 0.00 ? 30 C A "C4'"  1 
ATOM 948  O "O4'"  . C A 1 30 ? -8.473  -10.366 10.385  1.00 0.00 ? 30 C A "O4'"  1 
ATOM 949  C "C3'"  . C A 1 30 ? -8.080  -12.616 10.743  1.00 0.00 ? 30 C A "C3'"  1 
ATOM 950  O "O3'"  . C A 1 30 ? -8.434  -13.647 11.675  1.00 0.00 ? 30 C A "O3'"  1 
ATOM 951  C "C2'"  . C A 1 30 ? -9.190  -12.522 9.708   1.00 0.00 ? 30 C A "C2'"  1 
ATOM 952  O "O2'"  . C A 1 30 ? -10.469 -12.734 10.313  1.00 0.00 ? 30 C A "O2'"  1 
ATOM 953  C "C1'"  . C A 1 30 ? -9.040  -11.065 9.256   1.00 0.00 ? 30 C A "C1'"  1 
ATOM 954  N N1     . C A 1 30 ? -8.133  -10.921 8.097   1.00 0.00 ? 30 C A N1     1 
ATOM 955  C C2     . C A 1 30 ? -8.708  -10.749 6.846   1.00 0.00 ? 30 C A C2     1 
ATOM 956  O O2     . C A 1 30 ? -9.929  -10.719 6.721   1.00 0.00 ? 30 C A O2     1 
ATOM 957  N N3     . C A 1 30 ? -7.895  -10.618 5.764   1.00 0.00 ? 30 C A N3     1 
ATOM 958  C C4     . C A 1 30 ? -6.565  -10.654 5.902   1.00 0.00 ? 30 C A C4     1 
ATOM 959  N N4     . C A 1 30 ? -5.827  -10.518 4.806   1.00 0.00 ? 30 C A N4     1 
ATOM 960  C C5     . C A 1 30 ? -5.962  -10.831 7.186   1.00 0.00 ? 30 C A C5     1 
ATOM 961  C C6     . C A 1 30 ? -6.777  -10.960 8.249   1.00 0.00 ? 30 C A C6     1 
ATOM 962  H "H5'"  . C A 1 30 ? -7.193  -9.858  12.685  1.00 0.00 ? 30 C A "H5'"  1 
ATOM 963  H "H5''" . C A 1 30 ? -6.787  -11.552 13.028  1.00 0.00 ? 30 C A "H5''" 1 
ATOM 964  H "H4'"  . C A 1 30 ? -9.080  -11.296 12.125  1.00 0.00 ? 30 C A "H4'"  1 
ATOM 965  H "H3'"  . C A 1 30 ? -7.094  -12.775 10.307  1.00 0.00 ? 30 C A "H3'"  1 
ATOM 966  H "H2'"  . C A 1 30 ? -9.023  -13.211 8.881   1.00 0.00 ? 30 C A "H2'"  1 
ATOM 967  H "HO2'" . C A 1 30 ? -10.425 -13.570 10.783  1.00 0.00 ? 30 C A "HO2'" 1 
ATOM 968  H "H1'"  . C A 1 30 ? -10.011 -10.631 9.014   1.00 0.00 ? 30 C A "H1'"  1 
ATOM 969  H H41    . C A 1 30 ? -6.274  -10.451 3.899   1.00 0.00 ? 30 C A H41    1 
ATOM 970  H H42    . C A 1 30 ? -4.820  -10.476 4.875   1.00 0.00 ? 30 C A H42    1 
ATOM 971  H H5     . C A 1 30 ? -4.880  -10.860 7.309   1.00 0.00 ? 30 C A H5     1 
ATOM 972  H H6     . C A 1 30 ? -6.347  -11.094 9.242   1.00 0.00 ? 30 C A H6     1 
ATOM 973  P P      . C A 1 31 ? -7.736  -15.099 11.599  1.00 0.00 ? 31 C A P      1 
ATOM 974  O OP1    . C A 1 31 ? -8.094  -15.851 12.822  1.00 0.00 ? 31 C A OP1    1 
ATOM 975  O OP2    . C A 1 31 ? -6.312  -14.908 11.239  1.00 0.00 ? 31 C A OP2    1 
ATOM 976  O "O5'"  . C A 1 31 ? -8.481  -15.783 10.344  1.00 0.00 ? 31 C A "O5'"  1 
ATOM 977  C "C5'"  . C A 1 31 ? -9.866  -16.144 10.421  1.00 0.00 ? 31 C A "C5'"  1 
ATOM 978  C "C4'"  . C A 1 31 ? -10.485 -16.312 9.036   1.00 0.00 ? 31 C A "C4'"  1 
ATOM 979  O "O4'"  . C A 1 31 ? -10.271 -15.119 8.271   1.00 0.00 ? 31 C A "O4'"  1 
ATOM 980  C "C3'"  . C A 1 31 ? -9.862  -17.397 8.177   1.00 0.00 ? 31 C A "C3'"  1 
ATOM 981  O "O3'"  . C A 1 31 ? -10.546 -18.624 8.466   1.00 0.00 ? 31 C A "O3'"  1 
ATOM 982  C "C2'"  . C A 1 31 ? -10.272 -16.959 6.781   1.00 0.00 ? 31 C A "C2'"  1 
ATOM 983  O "O2'"  . C A 1 31 ? -11.647 -17.272 6.535   1.00 0.00 ? 31 C A "O2'"  1 
ATOM 984  C "C1'"  . C A 1 31 ? -10.075 -15.445 6.881   1.00 0.00 ? 31 C A "C1'"  1 
ATOM 985  N N1     . C A 1 31 ? -8.717  -15.020 6.475   1.00 0.00 ? 31 C A N1     1 
ATOM 986  C C2     . C A 1 31 ? -8.502  -14.755 5.130   1.00 0.00 ? 31 C A C2     1 
ATOM 987  O O2     . C A 1 31 ? -9.410  -14.889 4.317   1.00 0.00 ? 31 C A O2     1 
ATOM 988  N N3     . C A 1 31 ? -7.266  -14.353 4.732   1.00 0.00 ? 31 C A N3     1 
ATOM 989  C C4     . C A 1 31 ? -6.275  -14.215 5.617   1.00 0.00 ? 31 C A C4     1 
ATOM 990  N N4     . C A 1 31 ? -5.093  -13.816 5.157   1.00 0.00 ? 31 C A N4     1 
ATOM 991  C C5     . C A 1 31 ? -6.484  -14.487 7.005   1.00 0.00 ? 31 C A C5     1 
ATOM 992  C C6     . C A 1 31 ? -7.711  -14.884 7.390   1.00 0.00 ? 31 C A C6     1 
ATOM 993  H "H5'"  . C A 1 31 ? -10.408 -15.365 10.958  1.00 0.00 ? 31 C A "H5'"  1 
ATOM 994  H "H5''" . C A 1 31 ? -9.959  -17.083 10.968  1.00 0.00 ? 31 C A "H5''" 1 
ATOM 995  H "H4'"  . C A 1 31 ? -11.558 -16.477 9.144   1.00 0.00 ? 31 C A "H4'"  1 
ATOM 996  H "H3'"  . C A 1 31 ? -8.782  -17.486 8.303   1.00 0.00 ? 31 C A "H3'"  1 
ATOM 997  H "H2'"  . C A 1 31 ? -9.624  -17.393 6.020   1.00 0.00 ? 31 C A "H2'"  1 
ATOM 998  H "HO2'" . C A 1 31 ? -11.805 -18.152 6.887   1.00 0.00 ? 31 C A "HO2'" 1 
ATOM 999  H "H1'"  . C A 1 31 ? -10.814 -14.916 6.279   1.00 0.00 ? 31 C A "H1'"  1 
ATOM 1000 H H41    . C A 1 31 ? -4.984  -13.587 4.177   1.00 0.00 ? 31 C A H41    1 
ATOM 1001 H H42    . C A 1 31 ? -4.305  -13.742 5.784   1.00 0.00 ? 31 C A H42    1 
ATOM 1002 H H5     . C A 1 31 ? -5.682  -14.377 7.736   1.00 0.00 ? 31 C A H5     1 
ATOM 1003 H H6     . C A 1 31 ? -7.905  -15.102 8.440   1.00 0.00 ? 31 C A H6     1 
ATOM 1004 P P      . C A 1 32 ? -9.838  -20.048 8.193   1.00 0.00 ? 32 C A P      1 
ATOM 1005 O OP1    . C A 1 32 ? -10.735 -21.116 8.690   1.00 0.00 ? 32 C A OP1    1 
ATOM 1006 O OP2    . C A 1 32 ? -8.443  -19.970 8.679   1.00 0.00 ? 32 C A OP2    1 
ATOM 1007 O "O5'"  . C A 1 32 ? -9.803  -20.122 6.583   1.00 0.00 ? 32 C A "O5'"  1 
ATOM 1008 C "C5'"  . C A 1 32 ? -10.981 -20.447 5.833   1.00 0.00 ? 32 C A "C5'"  1 
ATOM 1009 C "C4'"  . C A 1 32 ? -10.698 -20.499 4.334   1.00 0.00 ? 32 C A "C4'"  1 
ATOM 1010 O "O4'"  . C A 1 32 ? -10.207 -19.225 3.900   1.00 0.00 ? 32 C A "O4'"  1 
ATOM 1011 C "C3'"  . C A 1 32 ? -9.603  -21.470 3.925   1.00 0.00 ? 32 C A "C3'"  1 
ATOM 1012 O "O3'"  . C A 1 32 ? -10.234 -22.732 3.661   1.00 0.00 ? 32 C A "O3'"  1 
ATOM 1013 C "C2'"  . C A 1 32 ? -9.142  -20.894 2.595   1.00 0.00 ? 32 C A "C2'"  1 
ATOM 1014 O "O2'"  . C A 1 32 ? -10.050 -21.246 1.544   1.00 0.00 ? 32 C A "O2'"  1 
ATOM 1015 C "C1'"  . C A 1 32 ? -9.204  -19.390 2.880   1.00 0.00 ? 32 C A "C1'"  1 
ATOM 1016 N N1     . C A 1 32 ? -7.922  -18.846 3.381   1.00 0.00 ? 32 C A N1     1 
ATOM 1017 C C2     . C A 1 32 ? -7.024  -18.350 2.448   1.00 0.00 ? 32 C A C2     1 
ATOM 1018 O O2     . C A 1 32 ? -7.285  -18.395 1.250   1.00 0.00 ? 32 C A O2     1 
ATOM 1019 N N3     . C A 1 32 ? -5.850  -17.820 2.885   1.00 0.00 ? 32 C A N3     1 
ATOM 1020 C C4     . C A 1 32 ? -5.566  -17.779 4.191   1.00 0.00 ? 32 C A C4     1 
ATOM 1021 N N4     . C A 1 32 ? -4.407  -17.238 4.554   1.00 0.00 ? 32 C A N4     1 
ATOM 1022 C C5     . C A 1 32 ? -6.482  -18.290 5.162   1.00 0.00 ? 32 C A C5     1 
ATOM 1023 C C6     . C A 1 32 ? -7.641  -18.812 4.717   1.00 0.00 ? 32 C A C6     1 
ATOM 1024 H "H5'"  . C A 1 32 ? -11.745 -19.692 6.022   1.00 0.00 ? 32 C A "H5'"  1 
ATOM 1025 H "H5''" . C A 1 32 ? -11.354 -21.418 6.158   1.00 0.00 ? 32 C A "H5''" 1 
ATOM 1026 H "H4'"  . C A 1 32 ? -11.624 -20.723 3.805   1.00 0.00 ? 32 C A "H4'"  1 
ATOM 1027 H "H3'"  . C A 1 32 ? -8.802  -21.556 4.660   1.00 0.00 ? 32 C A "H3'"  1 
ATOM 1028 H "H2'"  . C A 1 32 ? -8.125  -21.208 2.358   1.00 0.00 ? 32 C A "H2'"  1 
ATOM 1029 H "HO2'" . C A 1 32 ? -9.943  -22.186 1.381   1.00 0.00 ? 32 C A "HO2'" 1 
ATOM 1030 H "H1'"  . C A 1 32 ? -9.503  -18.839 1.989   1.00 0.00 ? 32 C A "H1'"  1 
ATOM 1031 H H41    . C A 1 32 ? -3.803  -16.821 3.856   1.00 0.00 ? 32 C A H41    1 
ATOM 1032 H H42    . C A 1 32 ? -4.129  -17.243 5.524   1.00 0.00 ? 32 C A H42    1 
ATOM 1033 H H5     . C A 1 32 ? -6.259  -18.265 6.228   1.00 0.00 ? 32 C A H5     1 
ATOM 1034 H H6     . C A 1 32 ? -8.364  -19.207 5.431   1.00 0.00 ? 32 C A H6     1 
ATOM 1035 P P      . A A 1 33 ? -9.358  -24.062 3.419   1.00 0.00 ? 33 A A P      1 
ATOM 1036 O OP1    . A A 1 33 ? -10.282 -25.212 3.305   1.00 0.00 ? 33 A A OP1    1 
ATOM 1037 O OP2    . A A 1 33 ? -8.268  -24.087 4.423   1.00 0.00 ? 33 A A OP2    1 
ATOM 1038 O "O5'"  . A A 1 33 ? -8.706  -23.793 1.969   1.00 0.00 ? 33 A A "O5'"  1 
ATOM 1039 C "C5'"  . A A 1 33 ? -7.414  -24.314 1.639   1.00 0.00 ? 33 A A "C5'"  1 
ATOM 1040 C "C4'"  . A A 1 33 ? -6.695  -23.432 0.623   1.00 0.00 ? 33 A A "C4'"  1 
ATOM 1041 O "O4'"  . A A 1 33 ? -6.495  -22.135 1.177   1.00 0.00 ? 33 A A "O4'"  1 
ATOM 1042 C "C3'"  . A A 1 33 ? -5.287  -23.870 0.283   1.00 0.00 ? 33 A A "C3'"  1 
ATOM 1043 O "O3'"  . A A 1 33 ? -5.384  -24.813 -0.796  1.00 0.00 ? 33 A A "O3'"  1 
ATOM 1044 C "C2'"  . A A 1 33 ? -4.661  -22.590 -0.268  1.00 0.00 ? 33 A A "C2'"  1 
ATOM 1045 O "O2'"  . A A 1 33 ? -4.919  -22.458 -1.670  1.00 0.00 ? 33 A A "O2'"  1 
ATOM 1046 C "C1'"  . A A 1 33 ? -5.393  -21.491 0.517   1.00 0.00 ? 33 A A "C1'"  1 
ATOM 1047 N N9     . A A 1 33 ? -4.528  -20.875 1.540   1.00 0.00 ? 33 A A N9     1 
ATOM 1048 C C8     . A A 1 33 ? -4.663  -20.913 2.901   1.00 0.00 ? 33 A A C8     1 
ATOM 1049 N N7     . A A 1 33 ? -3.726  -20.267 3.539   1.00 0.00 ? 33 A A N7     1 
ATOM 1050 C C5     . A A 1 33 ? -2.915  -19.772 2.523   1.00 0.00 ? 33 A A C5     1 
ATOM 1051 C C6     . A A 1 33 ? -1.744  -18.999 2.531   1.00 0.00 ? 33 A A C6     1 
ATOM 1052 N N6     . A A 1 33 ? -1.157  -18.569 3.644   1.00 0.00 ? 33 A A N6     1 
ATOM 1053 N N1     . A A 1 33 ? -1.192  -18.683 1.350   1.00 0.00 ? 33 A A N1     1 
ATOM 1054 C C2     . A A 1 33 ? -1.775  -19.111 0.234   1.00 0.00 ? 33 A A C2     1 
ATOM 1055 N N3     . A A 1 33 ? -2.872  -19.840 0.093   1.00 0.00 ? 33 A A N3     1 
ATOM 1056 C C4     . A A 1 33 ? -3.396  -20.137 1.299   1.00 0.00 ? 33 A A C4     1 
ATOM 1057 H "H5'"  . A A 1 33 ? -7.529  -25.315 1.222   1.00 0.00 ? 33 A A "H5'"  1 
ATOM 1058 H "H5''" . A A 1 33 ? -6.811  -24.373 2.545   1.00 0.00 ? 33 A A "H5''" 1 
ATOM 1059 H "H4'"  . A A 1 33 ? -7.305  -23.349 -0.276  1.00 0.00 ? 33 A A "H4'"  1 
ATOM 1060 H "H3'"  . A A 1 33 ? -4.745  -24.280 1.136   1.00 0.00 ? 33 A A "H3'"  1 
ATOM 1061 H "H2'"  . A A 1 33 ? -3.594  -22.559 -0.061  1.00 0.00 ? 33 A A "H2'"  1 
ATOM 1062 H "HO2'" . A A 1 33 ? -4.399  -23.130 -2.119  1.00 0.00 ? 33 A A "HO2'" 1 
ATOM 1063 H "H1'"  . A A 1 33 ? -5.772  -20.719 -0.153  1.00 0.00 ? 33 A A "H1'"  1 
ATOM 1064 H H8     . A A 1 33 ? -5.469  -21.444 3.402   1.00 0.00 ? 33 A A H8     1 
ATOM 1065 H H61    . A A 1 33 ? -0.284  -18.063 3.590   1.00 0.00 ? 33 A A H61    1 
ATOM 1066 H H62    . A A 1 33 ? -1.585  -18.746 4.541   1.00 0.00 ? 33 A A H62    1 
ATOM 1067 H H2     . A A 1 33 ? -1.283  -18.818 -0.694  1.00 0.00 ? 33 A A H2     1 
ATOM 1068 P P      . U A 1 34 ? -4.093  -25.642 -1.287  1.00 0.00 ? 34 U A P      1 
ATOM 1069 O OP1    . U A 1 34 ? -4.531  -26.636 -2.291  1.00 0.00 ? 34 U A OP1    1 
ATOM 1070 O OP2    . U A 1 34 ? -3.341  -26.084 -0.089  1.00 0.00 ? 34 U A OP2    1 
ATOM 1071 O "O5'"  . U A 1 34 ? -3.223  -24.514 -2.040  1.00 0.00 ? 34 U A "O5'"  1 
ATOM 1072 C "C5'"  . U A 1 34 ? -1.792  -24.585 -2.070  1.00 0.00 ? 34 U A "C5'"  1 
ATOM 1073 C "C4'"  . U A 1 34 ? -1.166  -23.198 -2.193  1.00 0.00 ? 34 U A "C4'"  1 
ATOM 1074 O "O4'"  . U A 1 34 ? -1.515  -22.430 -1.030  1.00 0.00 ? 34 U A "O4'"  1 
ATOM 1075 C "C3'"  . U A 1 34 ? 0.365   -23.186 -2.236  1.00 0.00 ? 34 U A "C3'"  1 
ATOM 1076 O "O3'"  . U A 1 34 ? 0.834   -22.030 -2.937  1.00 0.00 ? 34 U A "O3'"  1 
ATOM 1077 C "C2'"  . U A 1 34 ? 0.715   -23.089 -0.758  1.00 0.00 ? 34 U A "C2'"  1 
ATOM 1078 O "O2'"  . U A 1 34 ? 2.032   -22.554 -0.579  1.00 0.00 ? 34 U A "O2'"  1 
ATOM 1079 C "C1'"  . U A 1 34 ? -0.343  -22.106 -0.276  1.00 0.00 ? 34 U A "C1'"  1 
ATOM 1080 N N1     . U A 1 34 ? -0.641  -22.254 1.165   1.00 0.00 ? 34 U A N1     1 
ATOM 1081 C C2     . U A 1 34 ? 0.088   -21.481 2.048   1.00 0.00 ? 34 U A C2     1 
ATOM 1082 O O2     . U A 1 34 ? 0.961   -20.702 1.680   1.00 0.00 ? 34 U A O2     1 
ATOM 1083 N N3     . U A 1 34 ? -0.218  -21.634 3.382   1.00 0.00 ? 34 U A N3     1 
ATOM 1084 C C4     . U A 1 34 ? -1.172  -22.479 3.905   1.00 0.00 ? 34 U A C4     1 
ATOM 1085 O O4     . U A 1 34 ? -1.349  -22.522 5.117   1.00 0.00 ? 34 U A O4     1 
ATOM 1086 C C5     . U A 1 34 ? -1.894  -23.257 2.925   1.00 0.00 ? 34 U A C5     1 
ATOM 1087 C C6     . U A 1 34 ? -1.608  -23.121 1.606   1.00 0.00 ? 34 U A C6     1 
ATOM 1088 H "H5'"  . U A 1 34 ? -1.483  -25.190 -2.924  1.00 0.00 ? 34 U A "H5'"  1 
ATOM 1089 H "H5''" . U A 1 34 ? -1.437  -25.056 -1.153  1.00 0.00 ? 34 U A "H5''" 1 
ATOM 1090 H "H4'"  . U A 1 34 ? -1.575  -22.706 -3.075  1.00 0.00 ? 34 U A "H4'"  1 
ATOM 1091 H "H3'"  . U A 1 34 ? 0.755   -24.103 -2.678  1.00 0.00 ? 34 U A "H3'"  1 
ATOM 1092 H "HO3'" . U A 1 34 ? 1.707   -21.822 -2.590  1.00 0.00 ? 34 U A "HO3'" 1 
ATOM 1093 H "H2'"  . U A 1 34 ? 0.607   -24.056 -0.266  1.00 0.00 ? 34 U A "H2'"  1 
ATOM 1094 H "HO2'" . U A 1 34 ? 2.057   -22.138 0.288   1.00 0.00 ? 34 U A "HO2'" 1 
ATOM 1095 H "H1'"  . U A 1 34 ? -0.047  -21.079 -0.485  1.00 0.00 ? 34 U A "H1'"  1 
ATOM 1096 H H3     . U A 1 34 ? 0.306   -21.074 4.036   1.00 0.00 ? 34 U A H3     1 
ATOM 1097 H H5     . U A 1 34 ? -2.668  -23.953 3.245   1.00 0.00 ? 34 U A H5     1 
ATOM 1098 H H6     . U A 1 34 ? -2.158  -23.719 0.880   1.00 0.00 ? 34 U A H6     1 
# 
